data_6M4F
#
_entry.id   6M4F
#
_cell.length_a   192.751
_cell.length_b   67.617
_cell.length_c   200.867
_cell.angle_alpha   90.000
_cell.angle_beta   104.070
_cell.angle_gamma   90.000
#
_symmetry.space_group_name_H-M   'C 1 2 1'
#
loop_
_entity.id
_entity.type
_entity.pdbx_description
1 polymer 'Beta-galactosidase-like enzyme'
2 branched 2-acetamido-2-deoxy-beta-D-glucopyranose-(1-4)-2-acetamido-2-deoxy-beta-D-glucopyranose
3 non-polymer 2-acetamido-2-deoxy-beta-D-glucopyranose
4 non-polymer alpha-D-mannopyranose
5 water water
#
_entity_poly.entity_id   1
_entity_poly.type   'polypeptide(L)'
_entity_poly.pdbx_seq_one_letter_code
;VTYPGAIPLSLTSNYETPSPTAIPLEPTPTATGTAELDALWNLVEAQYPVQTAAVTTLVTVPDDYKFEADPPSYALAGYE
TSEIAGLKFPKGFKFGVAGAAIQVEGAAKAEGRGPSTWDYLCHHYASTQCNNYDPDITTNHYYLYPLDFARLQHLGINTY
SFSISWTRIYPLGAGYVNEAGLAHYDAVIHSAKKYGLEPVGTVFHWDTPLSLMLKYGAWQDTGDQIVKDFVTYATTVFKR
YGNEVKTWFTFNEPRVFCSQNSGLPYNLTYPEGINSTSAVFRCTYNVLKAHGHAVKVYRDLVASGTIAAGEIGFKSDDNY
PIPARPGNADDEESAKRHEAFRIGIFAQPVYGNGDYPDVVKETVGDMLPALTDEDKGYIKGSGDIFAIDGYRTDISHAAL
NGIANCIRNQSDPNWPVCEEGSDPFAHVYPSGFAIGQSADPLSSWLVNSAPFIRDQLKFLTQTYPAKGGIYFSAFGWAED
AEYDRQLLYQITWDGLRTQYLTDYLSQLLLAVHKDGINLRGALTWSFVDNWEWGLGMQQKFGFQFVNQSDPDLTRTFKLS
AHAYAQFGRNHLHHHHHH
;
_entity_poly.pdbx_strand_id   A,C,E,G
#
loop_
_chem_comp.id
_chem_comp.type
_chem_comp.name
_chem_comp.formula
MAN D-saccharide, alpha linking alpha-D-mannopyranose 'C6 H12 O6'
NAG D-saccharide, beta linking 2-acetamido-2-deoxy-beta-D-glucopyranose 'C8 H15 N O6'
#
# COMPACT_ATOMS: atom_id res chain seq x y z
N GLY A 33 -31.40 -53.31 62.32
CA GLY A 33 -32.55 -53.88 61.65
C GLY A 33 -32.59 -55.39 61.76
N THR A 34 -33.55 -56.02 61.05
CA THR A 34 -33.65 -57.47 61.05
C THR A 34 -32.34 -58.08 60.54
N ALA A 35 -32.22 -59.39 60.78
CA ALA A 35 -31.17 -60.17 60.14
C ALA A 35 -31.42 -60.31 58.65
N GLU A 36 -32.62 -60.00 58.17
CA GLU A 36 -32.86 -60.03 56.73
C GLU A 36 -32.22 -58.85 56.02
N LEU A 37 -32.14 -57.69 56.69
CA LEU A 37 -31.37 -56.57 56.14
C LEU A 37 -29.89 -56.93 56.02
N ASP A 38 -29.35 -57.63 57.02
CA ASP A 38 -27.96 -58.04 56.93
C ASP A 38 -27.74 -59.00 55.77
N ALA A 39 -28.67 -59.93 55.57
CA ALA A 39 -28.54 -60.91 54.50
C ALA A 39 -28.59 -60.26 53.13
N LEU A 40 -29.50 -59.30 52.94
CA LEU A 40 -29.63 -58.62 51.65
C LEU A 40 -28.37 -57.85 51.30
N TRP A 41 -27.81 -57.14 52.27
CA TRP A 41 -26.56 -56.40 52.05
C TRP A 41 -25.38 -57.35 51.86
N ASN A 42 -25.35 -58.47 52.62
CA ASN A 42 -24.34 -59.49 52.39
C ASN A 42 -24.40 -60.00 50.96
N LEU A 43 -25.60 -60.17 50.44
CA LEU A 43 -25.77 -60.54 49.04
C LEU A 43 -25.23 -59.44 48.10
N VAL A 44 -25.65 -58.19 48.31
CA VAL A 44 -25.17 -57.08 47.49
C VAL A 44 -23.64 -56.98 47.55
N GLU A 45 -23.06 -57.14 48.74
CA GLU A 45 -21.65 -56.91 48.99
C GLU A 45 -20.79 -58.15 48.76
N ALA A 46 -21.33 -59.18 48.09
CA ALA A 46 -20.65 -60.46 48.08
C ALA A 46 -19.33 -60.43 47.30
N GLN A 47 -19.20 -59.58 46.30
CA GLN A 47 -17.89 -59.45 45.66
C GLN A 47 -17.08 -58.28 46.20
N TYR A 48 -17.65 -57.09 46.27
CA TYR A 48 -16.93 -56.02 46.96
C TYR A 48 -17.91 -55.17 47.74
N PRO A 49 -17.49 -54.66 48.89
CA PRO A 49 -18.43 -54.03 49.81
C PRO A 49 -18.75 -52.60 49.40
N VAL A 50 -19.75 -52.05 50.09
CA VAL A 50 -20.13 -50.66 49.93
C VAL A 50 -19.04 -49.75 50.50
N GLN A 51 -18.59 -48.83 49.68
CA GLN A 51 -17.56 -47.88 50.05
C GLN A 51 -18.11 -46.68 50.79
N THR A 52 -17.31 -46.12 51.63
CA THR A 52 -17.69 -45.00 52.44
C THR A 52 -17.01 -43.67 52.06
N ALA A 53 -17.75 -42.60 52.19
CA ALA A 53 -17.27 -41.27 51.91
C ALA A 53 -16.29 -40.78 52.95
N ALA A 54 -15.42 -39.88 52.56
CA ALA A 54 -14.46 -39.33 53.50
C ALA A 54 -15.14 -38.52 54.59
N VAL A 55 -16.32 -37.99 54.30
CA VAL A 55 -17.11 -37.21 55.24
C VAL A 55 -18.39 -37.98 55.48
N THR A 56 -18.59 -38.41 56.72
CA THR A 56 -19.77 -39.23 57.13
C THR A 56 -20.61 -38.54 58.19
N THR A 57 -20.50 -37.22 58.30
CA THR A 57 -21.31 -36.50 59.25
C THR A 57 -21.96 -35.35 58.56
N LEU A 58 -23.09 -34.93 59.06
CA LEU A 58 -23.77 -33.75 58.54
C LEU A 58 -22.87 -32.54 58.63
N VAL A 59 -22.73 -31.81 57.53
CA VAL A 59 -21.87 -30.64 57.59
C VAL A 59 -22.67 -29.48 58.15
N THR A 60 -21.95 -28.55 58.76
CA THR A 60 -22.51 -27.28 59.17
C THR A 60 -21.91 -26.20 58.28
N VAL A 61 -22.76 -25.25 57.87
CA VAL A 61 -22.36 -24.16 56.98
C VAL A 61 -21.82 -23.03 57.83
N PRO A 62 -20.53 -22.73 57.79
CA PRO A 62 -20.04 -21.59 58.57
C PRO A 62 -20.71 -20.30 58.10
N ASP A 63 -21.00 -19.42 59.05
CA ASP A 63 -21.57 -18.12 58.69
C ASP A 63 -20.67 -17.33 57.75
N ASP A 64 -19.37 -17.61 57.72
CA ASP A 64 -18.45 -16.89 56.86
C ASP A 64 -18.17 -17.64 55.57
N TYR A 65 -19.03 -18.59 55.20
CA TYR A 65 -18.82 -19.36 53.98
C TYR A 65 -18.64 -18.43 52.79
N LYS A 66 -17.56 -18.64 52.04
CA LYS A 66 -17.15 -17.74 50.96
C LYS A 66 -17.43 -18.40 49.62
N PHE A 67 -18.40 -17.87 48.88
CA PHE A 67 -18.68 -18.37 47.55
C PHE A 67 -17.58 -17.95 46.59
N GLU A 68 -17.30 -18.81 45.62
CA GLU A 68 -16.31 -18.45 44.61
C GLU A 68 -16.80 -17.23 43.82
N ALA A 69 -15.84 -16.48 43.29
CA ALA A 69 -16.16 -15.22 42.63
C ALA A 69 -16.96 -15.45 41.34
N ASP A 70 -17.73 -14.42 40.95
CA ASP A 70 -18.57 -14.41 39.76
C ASP A 70 -17.73 -14.49 38.49
N PRO A 71 -18.29 -15.02 37.40
CA PRO A 71 -17.62 -14.93 36.10
C PRO A 71 -17.51 -13.48 35.66
N PRO A 72 -16.68 -13.19 34.67
CA PRO A 72 -16.60 -11.81 34.17
C PRO A 72 -17.97 -11.35 33.70
N SER A 73 -18.22 -10.04 33.82
CA SER A 73 -19.54 -9.51 33.52
C SER A 73 -19.91 -9.62 32.05
N TYR A 74 -18.95 -9.81 31.14
CA TYR A 74 -19.34 -10.01 29.74
C TYR A 74 -19.75 -11.45 29.45
N ALA A 75 -19.51 -12.37 30.39
CA ALA A 75 -19.66 -13.80 30.10
C ALA A 75 -21.08 -14.17 29.71
N LEU A 76 -22.08 -13.48 30.22
CA LEU A 76 -23.46 -13.86 29.95
C LEU A 76 -24.11 -13.05 28.84
N ALA A 77 -23.42 -12.06 28.28
CA ALA A 77 -24.01 -11.26 27.22
C ALA A 77 -24.33 -12.13 26.00
N GLY A 78 -25.45 -11.82 25.35
CA GLY A 78 -25.80 -12.49 24.11
C GLY A 78 -26.64 -13.75 24.25
N TYR A 79 -26.80 -14.29 25.47
CA TYR A 79 -27.61 -15.50 25.63
C TYR A 79 -29.09 -15.17 25.57
N GLU A 80 -29.50 -14.13 26.31
CA GLU A 80 -30.88 -13.66 26.35
C GLU A 80 -31.22 -12.86 25.10
N THR A 81 -32.35 -13.19 24.49
CA THR A 81 -32.88 -12.49 23.33
C THR A 81 -33.78 -11.34 23.78
N SER A 82 -34.00 -10.38 22.86
CA SER A 82 -34.94 -9.30 23.11
C SER A 82 -36.39 -9.79 23.05
N GLU A 83 -36.63 -10.91 22.35
CA GLU A 83 -37.95 -11.51 22.29
C GLU A 83 -38.59 -11.64 23.67
N ILE A 84 -37.80 -11.67 24.73
CA ILE A 84 -38.32 -11.92 26.07
C ILE A 84 -38.05 -10.78 27.04
N ALA A 85 -37.48 -9.67 26.59
CA ALA A 85 -37.23 -8.52 27.45
C ALA A 85 -38.51 -8.09 28.17
N GLY A 86 -38.39 -7.84 29.47
CA GLY A 86 -39.51 -7.41 30.28
C GLY A 86 -40.50 -8.48 30.67
N LEU A 87 -40.46 -9.66 30.05
CA LEU A 87 -41.41 -10.71 30.38
C LEU A 87 -41.04 -11.46 31.66
N LYS A 88 -42.07 -11.85 32.40
CA LYS A 88 -41.89 -12.49 33.69
C LYS A 88 -42.80 -13.70 33.79
N PHE A 89 -42.31 -14.73 34.49
CA PHE A 89 -43.10 -15.91 34.81
C PHE A 89 -44.22 -15.54 35.79
N PRO A 90 -45.27 -16.37 35.87
CA PRO A 90 -46.38 -16.04 36.78
C PRO A 90 -45.94 -16.02 38.24
N LYS A 91 -46.61 -15.19 39.02
CA LYS A 91 -46.34 -15.11 40.46
C LYS A 91 -46.39 -16.50 41.10
N GLY A 92 -45.41 -16.79 41.94
CA GLY A 92 -45.29 -18.09 42.54
C GLY A 92 -44.67 -19.15 41.65
N PHE A 93 -44.13 -18.79 40.49
CA PHE A 93 -43.46 -19.74 39.60
C PHE A 93 -42.36 -20.46 40.37
N LYS A 94 -42.36 -21.80 40.33
CA LYS A 94 -41.32 -22.59 41.00
C LYS A 94 -40.10 -22.64 40.08
N PHE A 95 -39.01 -22.00 40.50
CA PHE A 95 -37.84 -21.81 39.66
C PHE A 95 -36.70 -22.61 40.29
N GLY A 96 -36.46 -23.81 39.79
CA GLY A 96 -35.68 -24.69 40.63
C GLY A 96 -34.75 -25.68 39.97
N VAL A 97 -34.27 -26.60 40.81
CA VAL A 97 -33.35 -27.65 40.43
C VAL A 97 -33.95 -28.98 40.86
N ALA A 98 -33.44 -30.06 40.26
CA ALA A 98 -33.90 -31.40 40.57
C ALA A 98 -32.72 -32.32 40.83
N GLY A 99 -32.92 -33.23 41.79
CA GLY A 99 -32.07 -34.40 41.96
C GLY A 99 -32.94 -35.60 42.32
N ALA A 100 -32.29 -36.74 42.45
CA ALA A 100 -32.94 -37.97 42.86
C ALA A 100 -32.09 -38.60 43.94
N ALA A 101 -32.76 -39.29 44.88
CA ALA A 101 -32.08 -39.76 46.08
C ALA A 101 -30.83 -40.58 45.72
N ILE A 102 -30.97 -41.61 44.88
CA ILE A 102 -29.83 -42.47 44.66
C ILE A 102 -28.78 -41.85 43.73
N GLN A 103 -29.14 -40.82 42.97
CA GLN A 103 -28.15 -40.15 42.14
C GLN A 103 -27.30 -39.13 42.89
N VAL A 104 -27.73 -38.59 44.03
CA VAL A 104 -26.96 -37.52 44.65
C VAL A 104 -26.57 -37.87 46.07
N GLU A 105 -27.33 -38.76 46.71
CA GLU A 105 -27.22 -38.89 48.16
C GLU A 105 -25.91 -39.53 48.60
N GLY A 106 -25.57 -40.68 48.02
CA GLY A 106 -24.61 -41.58 48.66
C GLY A 106 -25.19 -42.21 49.94
N ALA A 107 -24.32 -42.37 50.93
CA ALA A 107 -24.67 -42.99 52.22
C ALA A 107 -25.56 -44.22 51.98
N ALA A 108 -25.10 -45.07 51.07
CA ALA A 108 -25.94 -46.13 50.51
C ALA A 108 -26.39 -47.10 51.59
N LYS A 109 -25.55 -47.32 52.60
CA LYS A 109 -25.75 -48.24 53.69
C LYS A 109 -25.94 -47.54 55.04
N ALA A 110 -25.84 -46.22 55.09
CA ALA A 110 -25.86 -45.55 56.38
C ALA A 110 -27.27 -45.40 56.94
N GLU A 111 -27.35 -45.33 58.27
CA GLU A 111 -28.57 -45.06 59.03
C GLU A 111 -29.72 -46.00 58.62
N GLY A 112 -29.39 -47.27 58.47
CA GLY A 112 -30.38 -48.31 58.30
C GLY A 112 -30.93 -48.50 56.89
N ARG A 113 -30.39 -47.83 55.88
CA ARG A 113 -30.93 -47.98 54.54
C ARG A 113 -30.75 -49.42 54.05
N GLY A 114 -31.78 -49.93 53.37
CA GLY A 114 -31.72 -51.21 52.69
C GLY A 114 -31.31 -51.03 51.25
N PRO A 115 -30.90 -52.11 50.58
CA PRO A 115 -30.38 -51.96 49.22
C PRO A 115 -31.50 -51.87 48.20
N SER A 116 -31.21 -51.14 47.13
CA SER A 116 -32.10 -51.14 45.97
C SER A 116 -31.54 -52.05 44.88
N THR A 117 -32.39 -52.33 43.90
CA THR A 117 -31.97 -53.13 42.76
C THR A 117 -30.72 -52.55 42.09
N TRP A 118 -30.55 -51.21 42.14
CA TRP A 118 -29.36 -50.58 41.57
C TRP A 118 -28.11 -50.85 42.42
N ASP A 119 -28.26 -50.89 43.75
CA ASP A 119 -27.14 -51.24 44.60
C ASP A 119 -26.66 -52.64 44.28
N TYR A 120 -27.60 -53.58 44.14
CA TYR A 120 -27.26 -54.93 43.70
C TYR A 120 -26.66 -54.87 42.30
N LEU A 121 -27.39 -54.26 41.36
CA LEU A 121 -26.97 -54.28 39.96
C LEU A 121 -25.53 -53.80 39.81
N CYS A 122 -25.19 -52.69 40.45
CA CYS A 122 -23.87 -52.09 40.27
C CYS A 122 -22.81 -52.65 41.19
N HIS A 123 -23.19 -53.44 42.19
CA HIS A 123 -22.15 -54.16 42.91
C HIS A 123 -21.87 -55.53 42.30
N HIS A 124 -22.65 -55.94 41.30
CA HIS A 124 -22.49 -57.26 40.70
C HIS A 124 -22.20 -57.24 39.21
N TYR A 125 -22.73 -56.27 38.46
CA TYR A 125 -22.50 -56.17 37.02
C TYR A 125 -21.88 -54.82 36.63
N ALA A 126 -21.13 -54.21 37.55
CA ALA A 126 -20.63 -52.85 37.38
C ALA A 126 -19.91 -52.65 36.05
N SER A 127 -19.07 -53.61 35.67
CA SER A 127 -18.24 -53.42 34.49
C SER A 127 -19.04 -53.51 33.21
N THR A 128 -20.22 -54.14 33.22
CA THR A 128 -21.03 -54.26 32.02
C THR A 128 -22.34 -53.47 32.05
N GLN A 129 -22.82 -53.07 33.21
CA GLN A 129 -24.05 -52.31 33.27
C GLN A 129 -23.90 -50.96 33.97
N CYS A 130 -22.77 -50.70 34.62
CA CYS A 130 -22.65 -49.49 35.43
C CYS A 130 -21.40 -48.67 35.11
N ASN A 131 -20.72 -48.95 34.00
CA ASN A 131 -19.54 -48.16 33.62
C ASN A 131 -18.49 -48.17 34.73
N ASN A 132 -18.41 -49.27 35.48
CA ASN A 132 -17.51 -49.41 36.64
C ASN A 132 -17.74 -48.31 37.70
N TYR A 133 -18.97 -47.80 37.80
CA TYR A 133 -19.36 -46.98 38.95
C TYR A 133 -20.41 -47.71 39.77
N ASP A 134 -20.71 -47.15 40.93
CA ASP A 134 -21.84 -47.59 41.73
C ASP A 134 -22.33 -46.38 42.51
N PRO A 135 -23.54 -46.45 43.07
CA PRO A 135 -24.04 -45.30 43.83
C PRO A 135 -23.76 -45.34 45.31
N ASP A 136 -22.59 -45.86 45.72
CA ASP A 136 -22.27 -45.92 47.14
C ASP A 136 -22.20 -44.52 47.74
N ILE A 137 -21.61 -43.58 47.00
CA ILE A 137 -21.28 -42.26 47.52
C ILE A 137 -21.91 -41.15 46.65
N THR A 138 -21.78 -41.30 45.33
CA THR A 138 -22.18 -40.27 44.36
C THR A 138 -21.66 -38.89 44.82
N THR A 139 -22.55 -37.94 45.10
CA THR A 139 -22.13 -36.59 45.46
C THR A 139 -22.11 -36.35 46.96
N ASN A 140 -22.48 -37.36 47.77
CA ASN A 140 -22.49 -37.25 49.23
C ASN A 140 -23.43 -36.16 49.71
N HIS A 141 -24.50 -35.92 48.94
CA HIS A 141 -25.54 -34.97 49.30
C HIS A 141 -26.26 -35.34 50.59
N TYR A 142 -26.22 -36.62 50.98
CA TYR A 142 -26.82 -37.05 52.24
C TYR A 142 -26.24 -36.31 53.44
N TYR A 143 -24.94 -36.05 53.42
CA TYR A 143 -24.33 -35.28 54.48
C TYR A 143 -24.05 -33.83 54.10
N LEU A 144 -23.98 -33.51 52.80
CA LEU A 144 -23.59 -32.18 52.35
C LEU A 144 -24.77 -31.24 52.10
N TYR A 145 -26.02 -31.74 52.19
CA TYR A 145 -27.13 -30.93 51.69
C TYR A 145 -27.21 -29.52 52.27
N PRO A 146 -26.86 -29.26 53.56
CA PRO A 146 -26.92 -27.86 54.02
C PRO A 146 -26.03 -26.94 53.21
N LEU A 147 -24.82 -27.40 52.87
CA LEU A 147 -23.95 -26.58 52.05
C LEU A 147 -24.50 -26.45 50.64
N ASP A 148 -25.02 -27.55 50.08
CA ASP A 148 -25.64 -27.47 48.77
C ASP A 148 -26.76 -26.44 48.76
N PHE A 149 -27.56 -26.42 49.83
CA PHE A 149 -28.69 -25.50 49.91
C PHE A 149 -28.24 -24.06 50.09
N ALA A 150 -27.11 -23.82 50.77
CA ALA A 150 -26.57 -22.46 50.85
C ALA A 150 -26.12 -22.00 49.47
N ARG A 151 -25.51 -22.88 48.70
CA ARG A 151 -25.06 -22.50 47.36
C ARG A 151 -26.26 -22.27 46.44
N LEU A 152 -27.35 -22.99 46.64
CA LEU A 152 -28.51 -22.78 45.77
C LEU A 152 -29.18 -21.44 46.08
N GLN A 153 -29.17 -21.06 47.35
CA GLN A 153 -29.67 -19.74 47.75
C GLN A 153 -28.87 -18.62 47.10
N HIS A 154 -27.55 -18.77 47.07
CA HIS A 154 -26.69 -17.80 46.41
C HIS A 154 -27.03 -17.64 44.94
N LEU A 155 -27.70 -18.62 44.35
CA LEU A 155 -28.16 -18.53 42.97
C LEU A 155 -29.59 -18.02 42.84
N GLY A 156 -30.28 -17.77 43.95
CA GLY A 156 -31.68 -17.41 43.86
C GLY A 156 -32.60 -18.51 43.38
N ILE A 157 -32.23 -19.77 43.62
CA ILE A 157 -33.18 -20.86 43.41
C ILE A 157 -34.29 -20.73 44.45
N ASN A 158 -35.54 -20.97 44.05
CA ASN A 158 -36.61 -20.93 45.04
C ASN A 158 -37.31 -22.27 45.22
N THR A 159 -36.89 -23.32 44.52
CA THR A 159 -37.56 -24.63 44.58
C THR A 159 -36.52 -25.73 44.51
N TYR A 160 -36.64 -26.71 45.41
CA TYR A 160 -35.77 -27.88 45.46
C TYR A 160 -36.62 -29.13 45.26
N SER A 161 -36.40 -29.81 44.14
CA SER A 161 -37.08 -31.06 43.82
C SER A 161 -36.16 -32.22 44.15
N PHE A 162 -36.69 -33.18 44.93
CA PHE A 162 -35.94 -34.33 45.45
C PHE A 162 -36.85 -35.55 45.51
N SER A 163 -36.23 -36.73 45.52
CA SER A 163 -36.98 -37.96 45.68
C SER A 163 -36.63 -38.57 47.02
N ILE A 164 -37.55 -39.36 47.55
CA ILE A 164 -37.36 -40.07 48.81
C ILE A 164 -36.93 -41.49 48.50
N SER A 165 -35.90 -41.97 49.20
CA SER A 165 -35.41 -43.33 49.06
C SER A 165 -36.35 -44.28 49.81
N TRP A 166 -37.06 -45.11 49.05
CA TRP A 166 -37.98 -46.06 49.66
C TRP A 166 -37.27 -46.93 50.69
N THR A 167 -36.07 -47.42 50.36
CA THR A 167 -35.42 -48.32 51.31
C THR A 167 -34.72 -47.59 52.45
N ARG A 168 -34.82 -46.26 52.50
CA ARG A 168 -34.49 -45.57 53.75
C ARG A 168 -35.68 -45.52 54.70
N ILE A 169 -36.89 -45.66 54.19
CA ILE A 169 -38.11 -45.64 54.98
C ILE A 169 -38.56 -47.06 55.36
N TYR A 170 -38.61 -47.95 54.38
CA TYR A 170 -38.77 -49.39 54.59
C TYR A 170 -37.54 -50.11 54.04
N PRO A 171 -36.55 -50.45 54.85
CA PRO A 171 -35.36 -51.12 54.31
C PRO A 171 -35.65 -52.39 53.52
N LEU A 172 -36.78 -53.06 53.77
CA LEU A 172 -37.17 -54.24 53.00
C LEU A 172 -38.33 -53.95 52.05
N GLY A 173 -38.68 -52.68 51.83
CA GLY A 173 -39.82 -52.39 50.98
C GLY A 173 -41.11 -52.53 51.76
N ALA A 174 -41.22 -53.60 52.54
CA ALA A 174 -42.37 -53.88 53.37
C ALA A 174 -41.90 -54.16 54.79
N GLY A 175 -42.84 -54.13 55.73
CA GLY A 175 -42.54 -54.51 57.10
C GLY A 175 -42.14 -53.31 57.95
N TYR A 176 -40.96 -53.37 58.54
CA TYR A 176 -40.56 -52.40 59.56
C TYR A 176 -40.11 -51.07 58.95
N VAL A 177 -40.31 -50.00 59.71
CA VAL A 177 -40.00 -48.65 59.25
C VAL A 177 -38.71 -48.18 59.94
N ASN A 178 -37.83 -47.60 59.15
CA ASN A 178 -36.52 -47.11 59.61
C ASN A 178 -36.68 -45.65 60.01
N GLU A 179 -36.84 -45.40 61.32
CA GLU A 179 -37.16 -44.06 61.79
C GLU A 179 -36.04 -43.07 61.47
N ALA A 180 -34.79 -43.53 61.46
CA ALA A 180 -33.71 -42.60 61.13
C ALA A 180 -33.83 -42.11 59.70
N GLY A 181 -34.39 -42.93 58.79
CA GLY A 181 -34.63 -42.47 57.44
C GLY A 181 -35.65 -41.35 57.41
N LEU A 182 -36.81 -41.57 58.05
CA LEU A 182 -37.84 -40.53 58.12
C LEU A 182 -37.30 -39.26 58.73
N ALA A 183 -36.52 -39.39 59.80
CA ALA A 183 -35.98 -38.18 60.43
C ALA A 183 -35.03 -37.46 59.51
N HIS A 184 -34.34 -38.19 58.62
CA HIS A 184 -33.39 -37.53 57.73
C HIS A 184 -34.12 -36.58 56.80
N TYR A 185 -35.22 -37.02 56.19
CA TYR A 185 -35.87 -36.12 55.25
C TYR A 185 -36.56 -34.97 55.98
N ASP A 186 -37.07 -35.19 57.21
CA ASP A 186 -37.52 -34.08 58.04
C ASP A 186 -36.49 -32.96 58.07
N ALA A 187 -35.23 -33.30 58.34
CA ALA A 187 -34.16 -32.32 58.41
C ALA A 187 -33.79 -31.76 57.03
N VAL A 188 -33.85 -32.59 55.97
CA VAL A 188 -33.59 -32.07 54.62
C VAL A 188 -34.64 -31.02 54.27
N ILE A 189 -35.90 -31.36 54.45
CA ILE A 189 -36.98 -30.44 54.13
C ILE A 189 -36.88 -29.17 54.95
N HIS A 190 -36.53 -29.31 56.23
CA HIS A 190 -36.37 -28.15 57.10
C HIS A 190 -35.22 -27.26 56.65
N SER A 191 -34.08 -27.87 56.30
CA SER A 191 -32.94 -27.13 55.79
C SER A 191 -33.28 -26.44 54.47
N ALA A 192 -34.02 -27.12 53.59
CA ALA A 192 -34.41 -26.53 52.31
C ALA A 192 -35.22 -25.25 52.52
N LYS A 193 -36.33 -25.35 53.27
CA LYS A 193 -37.16 -24.20 53.57
C LYS A 193 -36.37 -23.08 54.24
N LYS A 194 -35.40 -23.41 55.10
CA LYS A 194 -34.60 -22.38 55.74
C LYS A 194 -33.77 -21.60 54.73
N TYR A 195 -33.31 -22.25 53.67
CA TYR A 195 -32.55 -21.55 52.65
C TYR A 195 -33.44 -21.03 51.52
N GLY A 196 -34.76 -21.02 51.70
CA GLY A 196 -35.62 -20.39 50.72
C GLY A 196 -35.93 -21.24 49.52
N LEU A 197 -35.85 -22.57 49.67
CA LEU A 197 -36.14 -23.53 48.61
C LEU A 197 -37.44 -24.25 48.97
N GLU A 198 -38.45 -24.09 48.15
CA GLU A 198 -39.70 -24.79 48.38
C GLU A 198 -39.48 -26.28 48.04
N PRO A 199 -39.81 -27.19 48.95
CA PRO A 199 -39.47 -28.61 48.73
C PRO A 199 -40.53 -29.30 47.90
N VAL A 200 -40.11 -29.94 46.81
CA VAL A 200 -41.02 -30.69 45.93
C VAL A 200 -40.56 -32.15 45.94
N GLY A 201 -41.44 -33.04 46.37
CA GLY A 201 -41.06 -34.42 46.68
C GLY A 201 -41.59 -35.42 45.66
N THR A 202 -40.71 -36.33 45.25
CA THR A 202 -41.05 -37.48 44.42
C THR A 202 -41.00 -38.72 45.29
N VAL A 203 -42.08 -39.51 45.27
CA VAL A 203 -42.13 -40.72 46.10
C VAL A 203 -41.16 -41.79 45.58
N PHE A 204 -41.13 -42.01 44.27
CA PHE A 204 -40.35 -43.11 43.71
C PHE A 204 -39.60 -42.65 42.46
N HIS A 205 -38.28 -42.69 42.52
CA HIS A 205 -37.43 -42.36 41.39
C HIS A 205 -36.52 -43.56 41.13
N TRP A 206 -37.12 -44.68 40.73
CA TRP A 206 -36.45 -45.86 40.12
C TRP A 206 -35.70 -46.74 41.11
N ASP A 207 -35.64 -46.40 42.39
CA ASP A 207 -34.79 -47.16 43.32
C ASP A 207 -35.58 -48.30 43.97
N THR A 208 -35.83 -49.34 43.16
CA THR A 208 -36.69 -50.45 43.58
C THR A 208 -36.10 -51.19 44.77
N PRO A 209 -36.87 -51.44 45.83
CA PRO A 209 -36.38 -52.25 46.95
C PRO A 209 -36.00 -53.65 46.52
N LEU A 210 -34.75 -54.02 46.79
CA LEU A 210 -34.25 -55.35 46.42
C LEU A 210 -35.08 -56.46 47.04
N SER A 211 -35.44 -56.32 48.33
CA SER A 211 -36.21 -57.36 49.00
C SER A 211 -37.46 -57.70 48.22
N LEU A 212 -38.23 -56.68 47.82
CA LEU A 212 -39.47 -56.90 47.09
C LEU A 212 -39.23 -57.60 45.75
N MET A 213 -38.10 -57.32 45.08
CA MET A 213 -37.85 -57.99 43.81
C MET A 213 -37.59 -59.49 44.03
N LEU A 214 -36.80 -59.83 45.03
CA LEU A 214 -36.54 -61.23 45.33
C LEU A 214 -37.83 -61.94 45.80
N LYS A 215 -38.67 -61.25 46.56
CA LYS A 215 -39.80 -61.94 47.19
C LYS A 215 -40.90 -62.25 46.18
N TYR A 216 -41.26 -61.27 45.34
CA TYR A 216 -42.35 -61.53 44.40
C TYR A 216 -42.17 -60.82 43.07
N GLY A 217 -40.97 -60.38 42.73
CA GLY A 217 -40.74 -59.73 41.45
C GLY A 217 -41.12 -58.27 41.36
N ALA A 218 -41.30 -57.60 42.50
CA ALA A 218 -41.57 -56.16 42.56
C ALA A 218 -42.66 -55.72 41.59
N TRP A 219 -42.32 -54.85 40.65
CA TRP A 219 -43.29 -54.35 39.69
C TRP A 219 -43.74 -55.37 38.64
N GLN A 220 -43.12 -56.56 38.59
CA GLN A 220 -43.66 -57.66 37.79
C GLN A 220 -44.68 -58.51 38.55
N ASP A 221 -45.05 -58.11 39.77
CA ASP A 221 -46.01 -58.86 40.57
C ASP A 221 -47.26 -59.16 39.75
N THR A 222 -47.57 -60.45 39.62
CA THR A 222 -48.77 -60.80 38.89
C THR A 222 -50.03 -60.70 39.75
N GLY A 223 -49.86 -60.56 41.06
CA GLY A 223 -50.91 -60.14 41.98
C GLY A 223 -50.90 -58.64 42.20
N ASP A 224 -51.14 -58.22 43.45
CA ASP A 224 -51.19 -56.81 43.78
C ASP A 224 -50.48 -56.50 45.10
N GLN A 225 -49.54 -57.33 45.53
CA GLN A 225 -48.75 -57.00 46.72
C GLN A 225 -47.85 -55.79 46.49
N ILE A 226 -47.33 -55.59 45.27
CA ILE A 226 -46.50 -54.42 45.01
C ILE A 226 -47.30 -53.15 45.23
N VAL A 227 -48.58 -53.15 44.84
CA VAL A 227 -49.43 -51.98 45.02
C VAL A 227 -49.69 -51.73 46.49
N LYS A 228 -49.96 -52.77 47.26
CA LYS A 228 -50.15 -52.61 48.70
C LYS A 228 -48.88 -52.07 49.35
N ASP A 229 -47.73 -52.63 48.98
CA ASP A 229 -46.50 -52.21 49.61
C ASP A 229 -46.15 -50.77 49.26
N PHE A 230 -46.32 -50.38 47.99
CA PHE A 230 -46.05 -48.99 47.63
C PHE A 230 -47.01 -48.05 48.33
N VAL A 231 -48.27 -48.45 48.49
CA VAL A 231 -49.26 -47.57 49.08
C VAL A 231 -48.99 -47.38 50.57
N THR A 232 -48.61 -48.46 51.27
CA THR A 232 -48.22 -48.30 52.67
C THR A 232 -47.05 -47.34 52.80
N TYR A 233 -46.06 -47.48 51.92
CA TYR A 233 -44.92 -46.57 51.89
C TYR A 233 -45.37 -45.14 51.62
N ALA A 234 -46.18 -44.93 50.57
CA ALA A 234 -46.58 -43.59 50.23
C ALA A 234 -47.34 -42.94 51.38
N THR A 235 -48.28 -43.69 51.96
CA THR A 235 -48.98 -43.23 53.15
C THR A 235 -48.02 -42.71 54.20
N THR A 236 -47.02 -43.51 54.56
CA THR A 236 -46.10 -43.14 55.62
C THR A 236 -45.39 -41.84 55.30
N VAL A 237 -44.99 -41.63 54.04
CA VAL A 237 -44.26 -40.40 53.75
C VAL A 237 -45.21 -39.23 53.55
N PHE A 238 -46.41 -39.47 53.02
CA PHE A 238 -47.42 -38.40 52.95
C PHE A 238 -47.69 -37.84 54.34
N LYS A 239 -48.03 -38.73 55.29
CA LYS A 239 -48.29 -38.30 56.66
C LYS A 239 -47.09 -37.56 57.24
N ARG A 240 -45.89 -38.07 57.00
CA ARG A 240 -44.73 -37.51 57.67
C ARG A 240 -44.37 -36.13 57.14
N TYR A 241 -44.51 -35.89 55.84
CA TYR A 241 -44.01 -34.66 55.21
C TYR A 241 -45.07 -33.79 54.56
N GLY A 242 -46.30 -34.28 54.44
CA GLY A 242 -47.33 -33.54 53.72
C GLY A 242 -47.66 -32.16 54.30
N ASN A 243 -47.25 -31.88 55.53
CA ASN A 243 -47.45 -30.53 56.03
C ASN A 243 -46.40 -29.55 55.49
N GLU A 244 -45.23 -30.05 55.09
CA GLU A 244 -44.16 -29.21 54.56
C GLU A 244 -44.03 -29.29 53.04
N VAL A 245 -44.55 -30.35 52.44
CA VAL A 245 -44.41 -30.63 51.02
C VAL A 245 -45.80 -30.60 50.41
N LYS A 246 -46.03 -29.66 49.50
CA LYS A 246 -47.35 -29.37 48.91
C LYS A 246 -47.39 -29.67 47.42
N THR A 247 -46.33 -30.25 46.89
CA THR A 247 -46.26 -30.65 45.49
C THR A 247 -45.59 -32.02 45.46
N TRP A 248 -46.33 -33.02 44.99
CA TRP A 248 -45.91 -34.41 45.06
C TRP A 248 -45.95 -35.03 43.68
N PHE A 249 -44.96 -35.88 43.41
CA PHE A 249 -44.99 -36.77 42.26
C PHE A 249 -44.84 -38.19 42.76
N THR A 250 -45.76 -39.06 42.35
CA THR A 250 -45.65 -40.45 42.74
C THR A 250 -44.44 -41.11 42.09
N PHE A 251 -44.30 -40.97 40.77
CA PHE A 251 -43.30 -41.69 39.99
C PHE A 251 -42.54 -40.71 39.09
N ASN A 252 -41.23 -40.86 39.05
CA ASN A 252 -40.43 -40.15 38.05
C ASN A 252 -40.35 -41.00 36.79
N GLU A 253 -40.88 -40.49 35.69
CA GLU A 253 -40.69 -41.07 34.36
C GLU A 253 -41.05 -42.56 34.33
N PRO A 254 -42.29 -42.91 34.68
CA PRO A 254 -42.63 -44.34 34.80
C PRO A 254 -42.42 -45.13 33.51
N ARG A 255 -42.49 -44.49 32.34
CA ARG A 255 -42.23 -45.22 31.11
C ARG A 255 -40.76 -45.65 31.01
N VAL A 256 -39.84 -44.72 31.26
CA VAL A 256 -38.42 -45.08 31.26
C VAL A 256 -38.14 -46.15 32.32
N PHE A 257 -38.58 -45.93 33.56
CA PHE A 257 -38.38 -46.93 34.59
C PHE A 257 -38.84 -48.32 34.12
N CYS A 258 -40.06 -48.39 33.59
CA CYS A 258 -40.62 -49.70 33.26
C CYS A 258 -39.83 -50.36 32.14
N SER A 259 -39.17 -49.57 31.30
CA SER A 259 -38.35 -50.14 30.23
C SER A 259 -37.10 -50.80 30.80
N GLN A 260 -36.62 -50.34 31.95
CA GLN A 260 -35.50 -51.02 32.59
C GLN A 260 -35.87 -52.39 33.14
N ASN A 261 -37.14 -52.62 33.41
CA ASN A 261 -37.57 -53.89 33.98
C ASN A 261 -37.43 -55.04 33.00
N SER A 262 -37.16 -54.75 31.72
CA SER A 262 -36.84 -55.80 30.77
C SER A 262 -35.44 -56.35 30.96
N GLY A 263 -34.63 -55.76 31.82
CA GLY A 263 -33.25 -56.14 31.94
C GLY A 263 -32.81 -56.44 33.35
N LEU A 264 -31.50 -56.53 33.56
CA LEU A 264 -30.98 -56.85 34.87
C LEU A 264 -31.25 -55.72 35.86
N PRO A 265 -31.44 -56.03 37.15
CA PRO A 265 -31.49 -57.37 37.74
C PRO A 265 -32.89 -57.94 37.72
N TYR A 266 -33.84 -57.22 37.10
CA TYR A 266 -35.24 -57.63 37.14
C TYR A 266 -35.48 -58.94 36.41
N ASN A 267 -34.68 -59.27 35.40
CA ASN A 267 -34.97 -60.47 34.63
C ASN A 267 -34.30 -61.71 35.22
N LEU A 268 -33.71 -61.61 36.42
CA LEU A 268 -33.32 -62.74 37.24
C LEU A 268 -34.45 -63.30 38.10
N THR A 269 -35.62 -62.64 38.15
CA THR A 269 -36.66 -63.00 39.12
C THR A 269 -38.06 -62.75 38.55
N TYR A 270 -38.24 -62.98 37.25
CA TYR A 270 -39.58 -62.81 36.67
C TYR A 270 -40.54 -63.85 37.28
N PRO A 271 -41.75 -63.45 37.65
CA PRO A 271 -42.78 -64.44 38.00
C PRO A 271 -43.07 -65.36 36.83
N GLU A 272 -43.62 -66.54 37.12
CA GLU A 272 -44.09 -67.40 36.04
C GLU A 272 -45.09 -66.64 35.19
N GLY A 273 -44.96 -66.75 33.88
CA GLY A 273 -45.83 -66.05 32.97
C GLY A 273 -45.37 -64.66 32.58
N ILE A 274 -44.20 -64.22 33.05
CA ILE A 274 -43.63 -62.94 32.67
C ILE A 274 -42.33 -63.21 31.95
N ASN A 275 -42.11 -62.45 30.87
CA ASN A 275 -40.89 -62.49 30.08
C ASN A 275 -40.35 -61.05 29.95
N SER A 276 -39.17 -60.86 29.40
CA SER A 276 -38.56 -59.54 29.31
C SER A 276 -39.46 -58.54 28.60
N THR A 277 -40.32 -59.01 27.68
CA THR A 277 -41.19 -58.11 26.95
C THR A 277 -42.45 -57.75 27.74
N SER A 278 -43.12 -58.74 28.34
CA SER A 278 -44.33 -58.44 29.10
C SER A 278 -44.01 -57.77 30.42
N ALA A 279 -42.82 -58.01 30.98
CA ALA A 279 -42.40 -57.34 32.20
C ALA A 279 -42.54 -55.83 32.10
N VAL A 280 -42.36 -55.26 30.91
CA VAL A 280 -42.53 -53.83 30.74
C VAL A 280 -43.99 -53.41 30.94
N PHE A 281 -44.92 -54.20 30.43
CA PHE A 281 -46.30 -53.77 30.52
C PHE A 281 -47.00 -54.24 31.79
N ARG A 282 -46.50 -55.31 32.41
CA ARG A 282 -46.92 -55.63 33.79
C ARG A 282 -46.47 -54.52 34.75
N CYS A 283 -45.24 -54.04 34.57
CA CYS A 283 -44.76 -52.88 35.30
C CYS A 283 -45.67 -51.69 35.07
N THR A 284 -46.00 -51.44 33.81
CA THR A 284 -46.83 -50.29 33.48
C THR A 284 -48.17 -50.37 34.21
N TYR A 285 -48.81 -51.55 34.18
CA TYR A 285 -50.09 -51.72 34.87
C TYR A 285 -49.96 -51.45 36.37
N ASN A 286 -49.00 -52.11 37.03
CA ASN A 286 -48.88 -51.98 38.48
C ASN A 286 -48.52 -50.56 38.92
N VAL A 287 -47.67 -49.87 38.16
CA VAL A 287 -47.35 -48.49 38.49
C VAL A 287 -48.61 -47.61 38.45
N LEU A 288 -49.42 -47.75 37.39
CA LEU A 288 -50.67 -47.01 37.31
C LEU A 288 -51.57 -47.28 38.51
N LYS A 289 -51.72 -48.56 38.87
CA LYS A 289 -52.54 -48.89 40.04
C LYS A 289 -51.92 -48.30 41.31
N ALA A 290 -50.60 -48.42 41.47
CA ALA A 290 -49.93 -47.86 42.63
C ALA A 290 -50.12 -46.35 42.69
N HIS A 291 -50.07 -45.69 41.53
CA HIS A 291 -50.29 -44.25 41.50
C HIS A 291 -51.71 -43.89 41.89
N GLY A 292 -52.70 -44.57 41.30
CA GLY A 292 -54.08 -44.26 41.63
C GLY A 292 -54.39 -44.45 43.11
N HIS A 293 -53.99 -45.59 43.68
CA HIS A 293 -54.24 -45.84 45.09
C HIS A 293 -53.48 -44.89 45.99
N ALA A 294 -52.27 -44.48 45.61
CA ALA A 294 -51.52 -43.55 46.44
C ALA A 294 -52.17 -42.17 46.44
N VAL A 295 -52.64 -41.73 45.26
CA VAL A 295 -53.31 -40.44 45.16
C VAL A 295 -54.59 -40.44 46.00
N LYS A 296 -55.33 -41.55 45.95
CA LYS A 296 -56.48 -41.73 46.82
C LYS A 296 -56.11 -41.47 48.27
N VAL A 297 -55.03 -42.09 48.74
CA VAL A 297 -54.61 -41.89 50.11
C VAL A 297 -54.21 -40.43 50.33
N TYR A 298 -53.58 -39.82 49.33
CA TYR A 298 -53.21 -38.40 49.45
C TYR A 298 -54.44 -37.54 49.67
N ARG A 299 -55.50 -37.78 48.91
CA ARG A 299 -56.69 -36.94 49.02
C ARG A 299 -57.40 -37.16 50.35
N ASP A 300 -57.48 -38.40 50.82
CA ASP A 300 -58.11 -38.66 52.10
C ASP A 300 -57.37 -37.94 53.23
N LEU A 301 -56.04 -37.98 53.20
CA LEU A 301 -55.27 -37.24 54.20
C LEU A 301 -55.54 -35.74 54.11
N VAL A 302 -55.78 -35.23 52.90
CA VAL A 302 -56.03 -33.81 52.75
C VAL A 302 -57.43 -33.46 53.23
N ALA A 303 -58.41 -34.28 52.81
CA ALA A 303 -59.79 -34.06 53.24
C ALA A 303 -59.92 -34.10 54.76
N SER A 304 -59.24 -35.05 55.40
CA SER A 304 -59.33 -35.16 56.85
C SER A 304 -58.47 -34.15 57.59
N GLY A 305 -57.77 -33.25 56.89
CA GLY A 305 -56.94 -32.26 57.55
C GLY A 305 -55.67 -32.80 58.21
N THR A 306 -55.29 -34.05 57.92
CA THR A 306 -54.08 -34.61 58.54
C THR A 306 -52.83 -33.94 58.01
N ILE A 307 -52.88 -33.49 56.76
CA ILE A 307 -51.76 -32.81 56.12
C ILE A 307 -52.30 -31.59 55.37
N ALA A 308 -51.39 -30.66 55.12
CA ALA A 308 -51.72 -29.46 54.35
C ALA A 308 -52.25 -29.83 52.96
N ALA A 309 -53.12 -29.00 52.42
CA ALA A 309 -53.71 -29.28 51.12
C ALA A 309 -52.69 -28.95 50.03
N GLY A 310 -52.36 -29.94 49.20
CA GLY A 310 -51.40 -29.72 48.13
C GLY A 310 -51.84 -30.28 46.79
N GLU A 311 -50.88 -30.60 45.93
CA GLU A 311 -51.20 -31.17 44.63
C GLU A 311 -50.25 -32.31 44.31
N ILE A 312 -50.78 -33.33 43.65
CA ILE A 312 -50.04 -34.54 43.34
C ILE A 312 -50.25 -34.89 41.87
N GLY A 313 -49.21 -35.46 41.28
CA GLY A 313 -49.28 -35.98 39.93
C GLY A 313 -48.14 -36.96 39.77
N PHE A 314 -47.67 -37.11 38.54
CA PHE A 314 -46.45 -37.85 38.24
C PHE A 314 -45.74 -37.14 37.09
N LYS A 315 -44.45 -37.46 36.92
CA LYS A 315 -43.62 -36.83 35.90
C LYS A 315 -43.58 -37.71 34.64
N SER A 316 -44.21 -37.24 33.58
CA SER A 316 -44.00 -37.79 32.25
C SER A 316 -42.63 -37.37 31.70
N ASP A 317 -42.23 -38.00 30.59
CA ASP A 317 -41.05 -37.56 29.86
C ASP A 317 -41.30 -37.77 28.38
N ASP A 318 -40.26 -37.56 27.56
CA ASP A 318 -40.30 -37.80 26.13
C ASP A 318 -41.15 -36.74 25.42
N ASN A 319 -41.76 -37.10 24.29
CA ASN A 319 -42.26 -36.08 23.38
C ASN A 319 -43.15 -36.73 22.34
N TYR A 320 -43.94 -35.90 21.71
CA TYR A 320 -44.63 -36.20 20.46
C TYR A 320 -43.75 -35.73 19.31
N PRO A 321 -43.04 -36.63 18.63
CA PRO A 321 -42.05 -36.20 17.62
C PRO A 321 -42.72 -35.58 16.41
N ILE A 322 -41.92 -34.83 15.68
CA ILE A 322 -42.37 -34.27 14.40
C ILE A 322 -42.18 -35.38 13.38
N PRO A 323 -42.97 -35.42 12.32
CA PRO A 323 -42.74 -36.42 11.27
C PRO A 323 -41.57 -36.00 10.40
N ALA A 324 -40.79 -37.00 9.97
CA ALA A 324 -39.63 -36.70 9.13
C ALA A 324 -40.03 -35.92 7.88
N ARG A 325 -41.06 -36.39 7.18
CA ARG A 325 -41.52 -35.71 5.97
C ARG A 325 -42.90 -35.16 6.25
N PRO A 326 -43.08 -33.85 6.24
CA PRO A 326 -44.38 -33.27 6.64
C PRO A 326 -45.45 -33.60 5.62
N GLY A 327 -46.62 -33.96 6.13
CA GLY A 327 -47.69 -34.45 5.29
C GLY A 327 -47.57 -35.91 4.90
N ASN A 328 -46.52 -36.61 5.34
CA ASN A 328 -46.42 -38.03 5.07
C ASN A 328 -47.23 -38.82 6.10
N ALA A 329 -48.25 -39.53 5.62
CA ALA A 329 -49.16 -40.21 6.53
C ALA A 329 -48.48 -41.35 7.29
N ASP A 330 -47.44 -41.96 6.72
CA ASP A 330 -46.73 -43.00 7.46
C ASP A 330 -45.95 -42.39 8.61
N ASP A 331 -45.21 -41.31 8.34
CA ASP A 331 -44.44 -40.65 9.39
C ASP A 331 -45.36 -40.11 10.47
N GLU A 332 -46.52 -39.55 10.07
CA GLU A 332 -47.45 -39.01 11.07
C GLU A 332 -48.01 -40.11 11.96
N GLU A 333 -48.22 -41.32 11.41
CA GLU A 333 -48.73 -42.42 12.22
C GLU A 333 -47.66 -42.94 13.19
N SER A 334 -46.42 -43.08 12.72
CA SER A 334 -45.38 -43.53 13.64
C SER A 334 -45.11 -42.47 14.72
N ALA A 335 -45.30 -41.18 14.41
CA ALA A 335 -45.17 -40.14 15.42
C ALA A 335 -46.24 -40.28 16.49
N LYS A 336 -47.48 -40.54 16.08
CA LYS A 336 -48.55 -40.80 17.04
C LYS A 336 -48.25 -42.04 17.87
N ARG A 337 -47.75 -43.11 17.22
CA ARG A 337 -47.38 -44.30 17.96
C ARG A 337 -46.32 -43.99 19.01
N HIS A 338 -45.34 -43.16 18.65
CA HIS A 338 -44.31 -42.77 19.61
C HIS A 338 -44.95 -42.13 20.84
N GLU A 339 -45.78 -41.10 20.63
CA GLU A 339 -46.44 -40.45 21.76
C GLU A 339 -47.26 -41.44 22.59
N ALA A 340 -47.94 -42.37 21.91
CA ALA A 340 -48.79 -43.33 22.62
C ALA A 340 -47.98 -44.23 23.54
N PHE A 341 -46.83 -44.71 23.08
CA PHE A 341 -46.04 -45.60 23.93
C PHE A 341 -45.16 -44.86 24.92
N ARG A 342 -44.83 -43.61 24.63
CA ARG A 342 -43.90 -42.84 25.45
C ARG A 342 -44.60 -41.97 26.48
N ILE A 343 -45.82 -41.53 26.20
CA ILE A 343 -46.53 -40.59 27.05
C ILE A 343 -47.93 -41.10 27.31
N GLY A 344 -48.63 -41.49 26.24
CA GLY A 344 -50.04 -41.78 26.34
C GLY A 344 -50.35 -42.93 27.27
N ILE A 345 -49.47 -43.94 27.32
CA ILE A 345 -49.77 -45.14 28.05
C ILE A 345 -49.89 -44.90 29.55
N PHE A 346 -49.28 -43.84 30.08
CA PHE A 346 -49.52 -43.40 31.45
C PHE A 346 -50.43 -42.19 31.51
N ALA A 347 -50.28 -41.26 30.57
CA ALA A 347 -51.00 -39.99 30.64
C ALA A 347 -52.48 -40.18 30.30
N GLN A 348 -52.79 -41.05 29.35
CA GLN A 348 -54.21 -41.16 28.97
C GLN A 348 -55.03 -41.81 30.07
N PRO A 349 -54.54 -42.85 30.76
CA PRO A 349 -55.34 -43.40 31.87
C PRO A 349 -55.57 -42.42 33.01
N VAL A 350 -54.66 -41.47 33.23
CA VAL A 350 -54.73 -40.54 34.36
C VAL A 350 -55.40 -39.23 33.97
N TYR A 351 -54.91 -38.56 32.92
CA TYR A 351 -55.41 -37.24 32.55
C TYR A 351 -56.38 -37.27 31.38
N GLY A 352 -56.61 -38.41 30.75
CA GLY A 352 -57.46 -38.44 29.58
C GLY A 352 -58.72 -39.26 29.77
N ASN A 353 -59.11 -40.02 28.74
CA ASN A 353 -60.38 -40.70 28.91
C ASN A 353 -60.31 -41.85 29.83
N GLY A 354 -59.19 -42.09 30.52
CA GLY A 354 -59.13 -43.13 31.53
C GLY A 354 -58.79 -44.53 31.04
N ASP A 355 -58.40 -44.71 29.79
CA ASP A 355 -57.94 -46.01 29.31
C ASP A 355 -56.62 -45.85 28.57
N TYR A 356 -56.00 -46.97 28.25
CA TYR A 356 -54.79 -46.94 27.45
C TYR A 356 -55.10 -46.43 26.04
N PRO A 357 -54.11 -45.86 25.35
CA PRO A 357 -54.31 -45.52 23.94
C PRO A 357 -54.65 -46.76 23.13
N ASP A 358 -55.55 -46.58 22.15
CA ASP A 358 -55.99 -47.70 21.32
C ASP A 358 -54.81 -48.38 20.63
N VAL A 359 -53.90 -47.59 20.01
CA VAL A 359 -52.80 -48.23 19.29
C VAL A 359 -51.96 -49.08 20.23
N VAL A 360 -51.86 -48.69 21.50
CA VAL A 360 -51.09 -49.51 22.43
C VAL A 360 -51.79 -50.84 22.67
N LYS A 361 -53.11 -50.82 22.88
CA LYS A 361 -53.83 -52.07 23.12
C LYS A 361 -53.77 -52.97 21.89
N GLU A 362 -53.97 -52.40 20.71
CA GLU A 362 -53.99 -53.18 19.47
C GLU A 362 -52.66 -53.91 19.24
N THR A 363 -51.56 -53.34 19.72
CA THR A 363 -50.24 -53.91 19.46
C THR A 363 -49.76 -54.81 20.60
N VAL A 364 -50.17 -54.57 21.83
CA VAL A 364 -49.53 -55.28 22.93
C VAL A 364 -50.44 -56.38 23.46
N GLY A 365 -51.75 -56.22 23.29
CA GLY A 365 -52.66 -57.30 23.64
C GLY A 365 -52.66 -57.60 25.12
N ASP A 366 -52.64 -58.88 25.46
CA ASP A 366 -52.81 -59.34 26.83
C ASP A 366 -51.54 -59.22 27.66
N MET A 367 -50.44 -58.76 27.09
CA MET A 367 -49.28 -58.42 27.90
C MET A 367 -49.55 -57.23 28.81
N LEU A 368 -50.50 -56.37 28.43
CA LEU A 368 -50.89 -55.19 29.20
C LEU A 368 -52.22 -55.46 29.87
N PRO A 369 -52.23 -55.79 31.17
CA PRO A 369 -53.48 -56.09 31.86
C PRO A 369 -54.52 -54.98 31.66
N ALA A 370 -55.75 -55.39 31.38
CA ALA A 370 -56.79 -54.40 31.17
C ALA A 370 -57.04 -53.61 32.44
N LEU A 371 -57.50 -52.39 32.26
CA LEU A 371 -57.90 -51.55 33.38
C LEU A 371 -59.33 -51.90 33.75
N THR A 372 -59.52 -52.48 34.91
CA THR A 372 -60.86 -52.78 35.38
C THR A 372 -61.65 -51.51 35.64
N ASP A 373 -62.94 -51.67 35.89
CA ASP A 373 -63.76 -50.52 36.28
C ASP A 373 -63.28 -49.94 37.61
N GLU A 374 -62.82 -50.81 38.52
CA GLU A 374 -62.32 -50.36 39.81
C GLU A 374 -60.99 -49.63 39.67
N ASP A 375 -60.06 -50.24 38.94
CA ASP A 375 -58.81 -49.59 38.54
C ASP A 375 -59.04 -48.15 38.12
N LYS A 376 -59.91 -47.98 37.11
CA LYS A 376 -60.17 -46.64 36.58
C LYS A 376 -60.72 -45.72 37.65
N GLY A 377 -61.47 -46.26 38.61
CA GLY A 377 -61.97 -45.42 39.70
C GLY A 377 -60.85 -44.74 40.48
N TYR A 378 -59.75 -45.45 40.68
CA TYR A 378 -58.58 -44.84 41.31
C TYR A 378 -57.79 -44.00 40.32
N ILE A 379 -57.51 -44.55 39.13
CA ILE A 379 -56.50 -43.96 38.26
C ILE A 379 -57.02 -42.70 37.56
N LYS A 380 -58.25 -42.74 37.04
CA LYS A 380 -58.72 -41.62 36.24
C LYS A 380 -58.92 -40.39 37.11
N GLY A 381 -58.46 -39.24 36.62
CA GLY A 381 -58.48 -38.03 37.41
C GLY A 381 -57.51 -37.99 38.57
N SER A 382 -56.61 -38.97 38.69
CA SER A 382 -55.66 -38.94 39.80
C SER A 382 -54.47 -38.04 39.52
N GLY A 383 -54.64 -37.04 38.66
CA GLY A 383 -53.55 -36.11 38.42
C GLY A 383 -53.91 -34.64 38.53
N ASP A 384 -53.56 -34.02 39.67
CA ASP A 384 -53.86 -32.59 39.88
C ASP A 384 -53.04 -31.71 38.95
N ILE A 385 -51.84 -32.18 38.59
CA ILE A 385 -50.86 -31.42 37.83
C ILE A 385 -50.19 -32.36 36.86
N PHE A 386 -49.90 -31.86 35.67
CA PHE A 386 -49.04 -32.55 34.74
C PHE A 386 -47.62 -32.07 34.97
N ALA A 387 -46.66 -32.95 34.69
CA ALA A 387 -45.25 -32.61 34.71
C ALA A 387 -44.59 -33.31 33.55
N ILE A 388 -43.84 -32.56 32.73
CA ILE A 388 -43.08 -33.15 31.62
C ILE A 388 -41.60 -32.86 31.82
N ASP A 389 -40.79 -33.92 31.83
CA ASP A 389 -39.34 -33.77 31.74
C ASP A 389 -39.01 -33.53 30.27
N GLY A 390 -39.12 -32.26 29.87
CA GLY A 390 -39.10 -31.91 28.46
C GLY A 390 -37.73 -31.66 27.89
N TYR A 391 -36.83 -32.64 28.02
CA TYR A 391 -35.45 -32.49 27.52
C TYR A 391 -35.41 -32.22 26.03
N ARG A 392 -36.33 -32.81 25.26
CA ARG A 392 -36.04 -33.04 23.85
C ARG A 392 -37.32 -33.25 23.06
N THR A 393 -37.21 -33.01 21.76
CA THR A 393 -38.20 -33.41 20.76
C THR A 393 -37.49 -34.22 19.68
N ASP A 394 -38.11 -35.33 19.23
CA ASP A 394 -37.50 -36.22 18.26
C ASP A 394 -38.10 -36.02 16.86
N ILE A 395 -37.56 -36.75 15.90
CA ILE A 395 -38.10 -36.87 14.56
C ILE A 395 -38.51 -38.32 14.36
N SER A 396 -39.70 -38.53 13.80
CA SER A 396 -40.26 -39.86 13.57
C SER A 396 -40.21 -40.20 12.09
N HIS A 397 -39.41 -41.21 11.73
CA HIS A 397 -39.43 -41.84 10.42
C HIS A 397 -40.18 -43.16 10.54
N ALA A 398 -41.27 -43.31 9.79
CA ALA A 398 -41.97 -44.59 9.73
C ALA A 398 -40.99 -45.72 9.43
N ALA A 399 -41.23 -46.87 10.05
CA ALA A 399 -40.41 -48.05 9.78
C ALA A 399 -40.30 -48.32 8.28
N LEU A 400 -39.06 -48.50 7.82
CA LEU A 400 -38.79 -48.70 6.39
C LEU A 400 -39.42 -49.99 5.85
N ASN A 401 -39.50 -51.04 6.66
CA ASN A 401 -40.23 -52.22 6.22
C ASN A 401 -41.74 -52.06 6.36
N GLY A 402 -42.22 -50.88 6.77
CA GLY A 402 -43.64 -50.61 6.83
C GLY A 402 -44.24 -50.85 8.19
N ILE A 403 -45.08 -49.92 8.67
CA ILE A 403 -45.55 -50.00 10.05
C ILE A 403 -46.34 -51.29 10.27
N ALA A 404 -47.18 -51.65 9.29
CA ALA A 404 -48.01 -52.85 9.42
C ALA A 404 -47.15 -54.09 9.58
N ASN A 405 -46.02 -54.15 8.86
CA ASN A 405 -45.12 -55.29 8.99
C ASN A 405 -44.40 -55.29 10.33
N CYS A 406 -44.18 -54.12 10.91
CA CYS A 406 -43.44 -54.10 12.16
C CYS A 406 -44.35 -54.37 13.36
N ILE A 407 -45.57 -53.84 13.38
CA ILE A 407 -46.40 -54.00 14.57
C ILE A 407 -46.71 -55.47 14.84
N ARG A 408 -46.75 -56.29 13.80
CA ARG A 408 -47.09 -57.71 13.93
C ARG A 408 -45.92 -58.57 14.40
N ASN A 409 -44.72 -58.01 14.55
CA ASN A 409 -43.50 -58.79 14.78
C ASN A 409 -42.74 -58.26 15.99
N GLN A 410 -42.93 -58.91 17.15
CA GLN A 410 -42.22 -58.49 18.35
C GLN A 410 -40.71 -58.61 18.22
N SER A 411 -40.23 -59.40 17.27
CA SER A 411 -38.79 -59.51 17.05
C SER A 411 -38.23 -58.36 16.25
N ASP A 412 -39.08 -57.57 15.60
CA ASP A 412 -38.63 -56.46 14.77
C ASP A 412 -37.85 -55.47 15.62
N PRO A 413 -36.67 -55.05 15.19
CA PRO A 413 -35.89 -54.11 16.01
C PRO A 413 -36.64 -52.84 16.39
N ASN A 414 -37.68 -52.48 15.64
CA ASN A 414 -38.41 -51.25 15.89
C ASN A 414 -39.76 -51.48 16.56
N TRP A 415 -40.07 -52.70 16.95
CA TRP A 415 -41.28 -52.97 17.71
C TRP A 415 -41.16 -52.35 19.11
N PRO A 416 -42.21 -51.72 19.64
CA PRO A 416 -43.58 -51.58 19.13
C PRO A 416 -43.92 -50.23 18.50
N VAL A 417 -43.08 -49.22 18.68
CA VAL A 417 -43.40 -47.92 18.10
C VAL A 417 -43.49 -48.03 16.58
N CYS A 418 -42.58 -48.82 16.00
CA CYS A 418 -42.50 -49.03 14.56
C CYS A 418 -42.20 -47.74 13.81
N GLU A 419 -41.42 -46.88 14.44
CA GLU A 419 -40.63 -45.86 13.76
C GLU A 419 -39.18 -46.36 13.71
N GLU A 420 -38.36 -45.73 12.86
CA GLU A 420 -36.93 -46.04 12.91
C GLU A 420 -36.36 -45.41 14.17
N GLY A 421 -36.03 -46.24 15.15
CA GLY A 421 -35.61 -45.75 16.46
C GLY A 421 -34.16 -45.34 16.58
N SER A 422 -33.30 -45.73 15.64
CA SER A 422 -31.88 -45.48 15.83
C SER A 422 -31.57 -44.00 15.70
N ASP A 423 -30.42 -43.60 16.26
CA ASP A 423 -30.01 -42.20 16.26
C ASP A 423 -29.95 -41.56 14.89
N PRO A 424 -29.40 -42.19 13.84
CA PRO A 424 -29.39 -41.52 12.53
C PRO A 424 -30.78 -41.20 11.99
N PHE A 425 -31.85 -41.67 12.64
CA PHE A 425 -33.21 -41.34 12.25
C PHE A 425 -33.91 -40.43 13.27
N ALA A 426 -33.85 -40.81 14.55
CA ALA A 426 -34.57 -40.09 15.60
C ALA A 426 -34.18 -38.62 15.71
N HIS A 427 -33.00 -38.23 15.23
CA HIS A 427 -32.58 -36.84 15.34
C HIS A 427 -32.36 -36.14 14.01
N VAL A 428 -32.62 -36.80 12.88
CA VAL A 428 -32.18 -36.27 11.59
C VAL A 428 -33.39 -36.07 10.67
N TYR A 429 -33.39 -34.94 9.97
CA TYR A 429 -34.32 -34.66 8.89
C TYR A 429 -33.93 -35.48 7.66
N PRO A 430 -34.86 -35.68 6.73
CA PRO A 430 -34.48 -36.30 5.44
C PRO A 430 -33.34 -35.56 4.74
N SER A 431 -33.19 -34.27 5.02
CA SER A 431 -32.08 -33.48 4.49
C SER A 431 -30.72 -34.01 4.92
N GLY A 432 -30.66 -34.76 6.02
CA GLY A 432 -29.39 -35.18 6.59
C GLY A 432 -28.89 -34.30 7.72
N PHE A 433 -29.48 -33.12 7.89
CA PHE A 433 -29.14 -32.27 9.02
C PHE A 433 -30.03 -32.58 10.21
N ALA A 434 -29.47 -32.39 11.41
CA ALA A 434 -30.13 -32.75 12.65
C ALA A 434 -31.19 -31.73 13.02
N ILE A 435 -32.11 -32.15 13.89
CA ILE A 435 -33.08 -31.22 14.45
C ILE A 435 -32.40 -30.13 15.26
N GLY A 436 -31.26 -30.43 15.89
CA GLY A 436 -30.60 -29.48 16.76
C GLY A 436 -29.23 -29.98 17.21
N GLN A 437 -28.56 -29.15 18.02
CA GLN A 437 -27.27 -29.52 18.59
C GLN A 437 -27.36 -30.82 19.39
N SER A 438 -26.41 -31.73 19.14
CA SER A 438 -26.28 -32.89 20.00
C SER A 438 -25.48 -32.56 21.25
N ALA A 439 -25.83 -33.22 22.37
CA ALA A 439 -25.00 -33.24 23.57
C ALA A 439 -23.98 -34.39 23.46
N ASP A 440 -23.41 -34.76 24.60
CA ASP A 440 -22.38 -35.80 24.68
C ASP A 440 -22.89 -37.12 24.07
N PRO A 441 -22.06 -37.80 23.26
CA PRO A 441 -22.56 -38.97 22.53
C PRO A 441 -22.96 -40.15 23.42
N LEU A 442 -22.54 -40.21 24.69
CA LEU A 442 -23.01 -41.28 25.57
C LEU A 442 -24.46 -41.08 26.03
N SER A 443 -25.06 -39.91 25.78
CA SER A 443 -26.49 -39.67 26.02
C SER A 443 -27.08 -39.07 24.73
N SER A 444 -27.03 -39.85 23.65
CA SER A 444 -27.34 -39.31 22.34
C SER A 444 -28.81 -38.98 22.18
N TRP A 445 -29.69 -39.47 23.07
CA TRP A 445 -31.10 -39.10 23.00
C TRP A 445 -31.31 -37.61 23.24
N LEU A 446 -30.35 -36.98 23.90
CA LEU A 446 -30.42 -35.57 24.23
C LEU A 446 -29.94 -34.71 23.06
N VAL A 447 -30.80 -33.79 22.60
CA VAL A 447 -30.38 -32.71 21.71
C VAL A 447 -31.03 -31.42 22.22
N ASN A 448 -30.54 -30.29 21.70
CA ASN A 448 -31.16 -29.00 21.98
C ASN A 448 -32.24 -28.75 20.92
N SER A 449 -33.50 -28.90 21.32
CA SER A 449 -34.64 -28.69 20.43
C SER A 449 -35.58 -27.62 20.99
N ALA A 450 -35.00 -26.59 21.59
CA ALA A 450 -35.79 -25.49 22.15
C ALA A 450 -36.87 -24.94 21.21
N PRO A 451 -36.63 -24.76 19.89
CA PRO A 451 -37.70 -24.23 19.01
C PRO A 451 -39.02 -24.98 19.08
N PHE A 452 -39.02 -26.20 19.59
CA PHE A 452 -40.18 -27.09 19.56
C PHE A 452 -40.88 -27.19 20.90
N ILE A 453 -40.42 -26.45 21.91
CA ILE A 453 -40.99 -26.56 23.25
C ILE A 453 -42.46 -26.14 23.24
N ARG A 454 -42.76 -24.99 22.62
CA ARG A 454 -44.13 -24.45 22.72
C ARG A 454 -45.13 -25.42 22.10
N ASP A 455 -44.76 -26.08 21.00
CA ASP A 455 -45.65 -27.08 20.41
C ASP A 455 -45.85 -28.27 21.34
N GLN A 456 -44.78 -28.74 22.00
CA GLN A 456 -44.93 -29.83 22.96
C GLN A 456 -45.91 -29.45 24.08
N LEU A 457 -45.79 -28.22 24.61
CA LEU A 457 -46.66 -27.82 25.73
C LEU A 457 -48.10 -27.60 25.27
N LYS A 458 -48.29 -27.05 24.06
CA LYS A 458 -49.64 -26.96 23.50
C LYS A 458 -50.28 -28.34 23.44
N PHE A 459 -49.57 -29.31 22.86
CA PHE A 459 -50.14 -30.66 22.73
C PHE A 459 -50.45 -31.27 24.10
N LEU A 460 -49.55 -31.07 25.07
CA LEU A 460 -49.73 -31.75 26.37
C LEU A 460 -50.88 -31.13 27.18
N THR A 461 -50.96 -29.80 27.22
CA THR A 461 -52.04 -29.17 27.98
C THR A 461 -53.40 -29.36 27.32
N GLN A 462 -53.47 -29.43 25.99
CA GLN A 462 -54.74 -29.66 25.30
C GLN A 462 -55.19 -31.11 25.39
N THR A 463 -54.24 -32.05 25.49
CA THR A 463 -54.56 -33.48 25.47
C THR A 463 -54.64 -34.08 26.85
N TYR A 464 -53.80 -33.63 27.79
CA TYR A 464 -53.79 -34.12 29.17
C TYR A 464 -54.00 -32.95 30.12
N PRO A 465 -55.16 -32.31 30.08
CA PRO A 465 -55.37 -31.14 30.93
C PRO A 465 -55.35 -31.52 32.40
N ALA A 466 -54.71 -30.68 33.19
CA ALA A 466 -54.71 -30.81 34.63
C ALA A 466 -55.15 -29.48 35.22
N LYS A 467 -56.00 -29.53 36.25
CA LYS A 467 -56.49 -28.30 36.87
C LYS A 467 -55.34 -27.43 37.32
N GLY A 468 -54.33 -28.02 37.93
CA GLY A 468 -53.18 -27.33 38.45
C GLY A 468 -52.17 -26.88 37.43
N GLY A 469 -52.38 -27.14 36.15
CA GLY A 469 -51.40 -26.72 35.15
C GLY A 469 -50.34 -27.78 34.90
N ILE A 470 -49.19 -27.32 34.40
CA ILE A 470 -48.14 -28.22 33.95
C ILE A 470 -46.80 -27.74 34.48
N TYR A 471 -45.96 -28.69 34.91
CA TYR A 471 -44.59 -28.40 35.28
C TYR A 471 -43.63 -28.84 34.17
N PHE A 472 -42.61 -28.02 33.92
CA PHE A 472 -41.45 -28.48 33.15
C PHE A 472 -40.47 -29.07 34.16
N SER A 473 -40.59 -30.38 34.37
CA SER A 473 -40.06 -30.93 35.62
C SER A 473 -38.62 -31.43 35.52
N ALA A 474 -38.05 -31.52 34.32
CA ALA A 474 -36.62 -31.80 34.18
C ALA A 474 -36.14 -31.43 32.79
N PHE A 475 -34.98 -30.80 32.73
CA PHE A 475 -34.28 -30.51 31.49
C PHE A 475 -32.89 -30.06 31.88
N GLY A 476 -31.92 -30.34 31.02
CA GLY A 476 -30.54 -30.13 31.34
C GLY A 476 -29.66 -30.65 30.24
N TRP A 477 -28.36 -30.39 30.37
CA TRP A 477 -27.41 -30.66 29.30
C TRP A 477 -26.23 -31.47 29.79
N ALA A 478 -25.80 -32.41 28.98
CA ALA A 478 -24.59 -33.17 29.23
C ALA A 478 -23.53 -32.63 28.27
N GLU A 479 -22.67 -31.74 28.77
CA GLU A 479 -21.67 -31.11 27.92
C GLU A 479 -20.70 -32.17 27.40
N ASP A 480 -20.53 -32.18 26.08
CA ASP A 480 -19.77 -33.26 25.43
C ASP A 480 -18.37 -33.34 26.03
N ALA A 481 -18.03 -34.53 26.54
CA ALA A 481 -16.68 -34.86 27.01
C ALA A 481 -16.22 -33.94 28.14
N GLU A 482 -17.16 -33.36 28.88
CA GLU A 482 -16.75 -32.54 30.02
C GLU A 482 -15.93 -33.34 31.02
N TYR A 483 -16.13 -34.66 31.05
CA TYR A 483 -15.45 -35.56 31.97
C TYR A 483 -13.98 -35.74 31.63
N ASP A 484 -13.57 -35.43 30.41
CA ASP A 484 -12.17 -35.51 30.05
C ASP A 484 -11.41 -34.21 30.30
N ARG A 485 -12.08 -33.16 30.79
CA ARG A 485 -11.35 -31.96 31.21
C ARG A 485 -10.52 -32.24 32.46
N GLN A 486 -9.32 -31.64 32.53
CA GLN A 486 -8.50 -31.75 33.72
C GLN A 486 -8.26 -30.44 34.45
N LEU A 487 -8.48 -29.30 33.81
CA LEU A 487 -8.32 -28.01 34.48
C LEU A 487 -9.69 -27.38 34.70
N LEU A 488 -9.86 -26.77 35.87
CA LEU A 488 -11.18 -26.32 36.30
C LEU A 488 -11.74 -25.21 35.40
N TYR A 489 -10.90 -24.24 35.04
CA TYR A 489 -11.36 -23.14 34.20
C TYR A 489 -11.95 -23.63 32.88
N GLN A 490 -11.45 -24.76 32.36
CA GLN A 490 -12.01 -25.33 31.14
C GLN A 490 -13.38 -25.99 31.39
N ILE A 491 -13.62 -26.49 32.60
CA ILE A 491 -14.90 -27.09 32.91
C ILE A 491 -15.98 -26.02 33.04
N THR A 492 -15.69 -24.95 33.77
CA THR A 492 -16.75 -24.08 34.27
C THR A 492 -17.31 -23.14 33.22
N TRP A 493 -16.57 -22.79 32.17
CA TRP A 493 -17.19 -22.02 31.10
C TRP A 493 -17.85 -23.02 30.15
N ASP A 494 -19.11 -23.37 30.44
CA ASP A 494 -19.78 -24.49 29.75
C ASP A 494 -20.81 -23.92 28.76
N GLY A 495 -20.31 -23.61 27.56
CA GLY A 495 -21.10 -22.84 26.61
C GLY A 495 -22.40 -23.50 26.18
N LEU A 496 -22.35 -24.80 25.87
CA LEU A 496 -23.55 -25.40 25.30
C LEU A 496 -24.58 -25.72 26.37
N ARG A 497 -24.16 -25.96 27.62
CA ARG A 497 -25.13 -26.09 28.70
C ARG A 497 -25.76 -24.74 29.03
N THR A 498 -24.95 -23.69 28.98
CA THR A 498 -25.44 -22.33 29.23
C THR A 498 -26.42 -21.92 28.14
N GLN A 499 -26.08 -22.22 26.89
CA GLN A 499 -26.99 -21.94 25.79
C GLN A 499 -28.28 -22.74 25.94
N TYR A 500 -28.16 -24.03 26.27
CA TYR A 500 -29.33 -24.89 26.37
C TYR A 500 -30.29 -24.40 27.45
N LEU A 501 -29.78 -24.18 28.67
CA LEU A 501 -30.66 -23.75 29.75
C LEU A 501 -31.37 -22.43 29.42
N THR A 502 -30.65 -21.48 28.79
CA THR A 502 -31.24 -20.19 28.43
C THR A 502 -32.24 -20.34 27.30
N ASP A 503 -31.89 -21.09 26.25
CA ASP A 503 -32.85 -21.37 25.18
C ASP A 503 -34.14 -21.95 25.76
N TYR A 504 -34.02 -22.94 26.65
CA TYR A 504 -35.22 -23.62 27.11
C TYR A 504 -36.05 -22.68 27.99
N LEU A 505 -35.41 -21.97 28.91
CA LEU A 505 -36.12 -21.05 29.77
C LEU A 505 -36.83 -19.96 28.96
N SER A 506 -36.17 -19.48 27.89
CA SER A 506 -36.75 -18.44 27.06
C SER A 506 -38.04 -18.91 26.41
N GLN A 507 -38.01 -20.11 25.83
CA GLN A 507 -39.20 -20.67 25.20
C GLN A 507 -40.29 -20.93 26.23
N LEU A 508 -39.90 -21.33 27.44
CA LEU A 508 -40.90 -21.52 28.49
C LEU A 508 -41.57 -20.18 28.84
N LEU A 509 -40.76 -19.11 28.91
CA LEU A 509 -41.29 -17.78 29.20
C LEU A 509 -42.24 -17.31 28.11
N LEU A 510 -41.97 -17.65 26.84
CA LEU A 510 -42.86 -17.33 25.74
C LEU A 510 -44.12 -18.19 25.73
N ALA A 511 -44.01 -19.45 26.14
CA ALA A 511 -45.21 -20.29 26.24
C ALA A 511 -46.23 -19.66 27.18
N VAL A 512 -45.76 -19.02 28.25
CA VAL A 512 -46.65 -18.38 29.20
C VAL A 512 -47.35 -17.18 28.56
N HIS A 513 -46.58 -16.29 27.91
CA HIS A 513 -47.16 -15.03 27.44
C HIS A 513 -47.80 -15.13 26.07
N LYS A 514 -47.21 -15.88 25.14
CA LYS A 514 -47.82 -15.97 23.81
C LYS A 514 -48.84 -17.10 23.70
N ASP A 515 -48.71 -18.16 24.49
CA ASP A 515 -49.59 -19.31 24.36
C ASP A 515 -50.53 -19.49 25.53
N GLY A 516 -50.34 -18.76 26.63
CA GLY A 516 -51.23 -18.90 27.77
C GLY A 516 -51.13 -20.25 28.46
N ILE A 517 -49.95 -20.84 28.46
CA ILE A 517 -49.73 -22.09 29.17
C ILE A 517 -49.68 -21.82 30.66
N ASN A 518 -50.47 -22.57 31.43
CA ASN A 518 -50.46 -22.56 32.89
C ASN A 518 -49.20 -23.28 33.38
N LEU A 519 -48.02 -22.75 33.05
CA LEU A 519 -46.76 -23.37 33.41
C LEU A 519 -46.44 -23.06 34.87
N ARG A 520 -46.35 -24.09 35.70
CA ARG A 520 -46.23 -23.91 37.13
C ARG A 520 -44.78 -23.81 37.62
N GLY A 521 -43.81 -24.21 36.82
CA GLY A 521 -42.43 -24.09 37.25
C GLY A 521 -41.48 -24.67 36.23
N ALA A 522 -40.19 -24.54 36.53
CA ALA A 522 -39.12 -25.10 35.72
C ALA A 522 -38.04 -25.62 36.64
N LEU A 523 -37.80 -26.93 36.60
CA LEU A 523 -36.82 -27.58 37.47
C LEU A 523 -35.75 -28.17 36.56
N THR A 524 -34.53 -27.67 36.67
CA THR A 524 -33.45 -28.14 35.82
C THR A 524 -32.72 -29.32 36.46
N TRP A 525 -32.37 -30.31 35.60
CA TRP A 525 -31.53 -31.45 35.96
C TRP A 525 -30.11 -31.15 35.48
N SER A 526 -29.18 -30.89 36.39
CA SER A 526 -29.36 -31.01 37.81
C SER A 526 -28.50 -29.91 38.46
N PHE A 527 -28.53 -29.79 39.80
CA PHE A 527 -27.74 -28.74 40.43
C PHE A 527 -26.28 -29.15 40.62
N VAL A 528 -25.99 -30.46 40.54
CA VAL A 528 -24.64 -31.02 40.69
C VAL A 528 -24.46 -32.13 39.66
N ASP A 529 -23.24 -32.24 39.11
CA ASP A 529 -22.81 -33.50 38.50
C ASP A 529 -23.08 -34.61 39.48
N ASN A 530 -23.67 -35.71 38.99
CA ASN A 530 -24.14 -36.74 39.91
C ASN A 530 -24.01 -38.12 39.24
N TRP A 531 -24.61 -39.13 39.86
CA TRP A 531 -24.50 -40.52 39.40
C TRP A 531 -25.59 -40.78 38.36
N GLU A 532 -25.17 -40.87 37.10
CA GLU A 532 -26.09 -40.93 35.96
C GLU A 532 -26.37 -42.38 35.57
N TRP A 533 -26.95 -43.15 36.51
CA TRP A 533 -27.45 -44.52 36.27
C TRP A 533 -26.31 -45.36 35.69
N GLY A 534 -26.52 -46.04 34.55
CA GLY A 534 -25.49 -46.92 34.02
C GLY A 534 -24.21 -46.22 33.57
N LEU A 535 -24.23 -44.90 33.41
CA LEU A 535 -23.01 -44.16 33.11
C LEU A 535 -22.28 -43.73 34.37
N GLY A 536 -22.94 -43.79 35.52
CA GLY A 536 -22.29 -43.40 36.76
C GLY A 536 -21.87 -41.94 36.74
N MET A 537 -20.75 -41.65 37.40
CA MET A 537 -20.37 -40.26 37.52
C MET A 537 -19.67 -39.72 36.27
N GLN A 538 -19.58 -40.50 35.19
CA GLN A 538 -18.93 -39.98 33.98
C GLN A 538 -19.78 -38.89 33.33
N GLN A 539 -21.06 -39.15 33.09
CA GLN A 539 -21.90 -38.16 32.44
C GLN A 539 -22.17 -37.00 33.39
N LYS A 540 -21.93 -35.76 32.91
CA LYS A 540 -22.02 -34.53 33.71
C LYS A 540 -23.25 -33.72 33.33
N PHE A 541 -24.22 -33.59 34.25
CA PHE A 541 -25.46 -32.85 34.02
C PHE A 541 -25.62 -31.62 34.91
N GLY A 542 -24.70 -31.36 35.83
CA GLY A 542 -24.88 -30.27 36.77
C GLY A 542 -24.59 -28.90 36.18
N PHE A 543 -25.28 -27.89 36.72
CA PHE A 543 -24.75 -26.56 36.51
C PHE A 543 -23.72 -26.20 37.59
N GLN A 544 -23.37 -27.14 38.44
CA GLN A 544 -22.15 -27.10 39.24
C GLN A 544 -21.30 -28.34 38.97
N PHE A 545 -19.99 -28.15 38.95
CA PHE A 545 -19.03 -29.25 38.91
C PHE A 545 -18.86 -29.86 40.30
N VAL A 546 -18.72 -31.18 40.35
CA VAL A 546 -18.35 -31.91 41.57
C VAL A 546 -17.00 -32.58 41.35
N ASN A 547 -16.05 -32.32 42.24
CA ASN A 547 -14.69 -32.84 42.04
C ASN A 547 -14.62 -34.23 42.68
N GLN A 548 -14.80 -35.25 41.85
CA GLN A 548 -14.75 -36.64 42.28
C GLN A 548 -13.36 -37.07 42.71
N SER A 549 -12.33 -36.29 42.38
CA SER A 549 -10.97 -36.55 42.84
C SER A 549 -10.67 -35.91 44.19
N ASP A 550 -11.60 -35.16 44.75
CA ASP A 550 -11.37 -34.44 45.98
C ASP A 550 -12.18 -35.08 47.10
N PRO A 551 -11.55 -35.48 48.22
CA PRO A 551 -12.30 -36.17 49.29
C PRO A 551 -13.52 -35.43 49.80
N ASP A 552 -13.54 -34.10 49.74
CA ASP A 552 -14.73 -33.36 50.14
C ASP A 552 -15.73 -33.15 49.01
N LEU A 553 -15.45 -33.66 47.81
CA LEU A 553 -16.38 -33.53 46.67
C LEU A 553 -16.80 -32.07 46.45
N THR A 554 -15.83 -31.15 46.52
CA THR A 554 -16.12 -29.73 46.46
C THR A 554 -16.93 -29.38 45.22
N ARG A 555 -17.89 -28.47 45.39
CA ARG A 555 -18.70 -27.95 44.30
C ARG A 555 -18.13 -26.63 43.77
N THR A 556 -18.20 -26.45 42.45
CA THR A 556 -17.86 -25.19 41.79
C THR A 556 -18.96 -24.84 40.81
N PHE A 557 -19.48 -23.61 40.89
CA PHE A 557 -20.42 -23.12 39.89
C PHE A 557 -19.81 -23.15 38.49
N LYS A 558 -20.55 -23.69 37.54
CA LYS A 558 -20.23 -23.46 36.14
C LYS A 558 -20.95 -22.20 35.67
N LEU A 559 -20.58 -21.73 34.46
CA LEU A 559 -21.23 -20.57 33.88
C LEU A 559 -22.74 -20.76 33.78
N SER A 560 -23.21 -22.00 33.58
CA SER A 560 -24.63 -22.25 33.41
C SER A 560 -25.42 -21.94 34.68
N ALA A 561 -24.82 -22.17 35.85
CA ALA A 561 -25.49 -21.83 37.11
C ALA A 561 -25.74 -20.34 37.19
N HIS A 562 -24.73 -19.56 36.79
CA HIS A 562 -24.88 -18.11 36.78
C HIS A 562 -25.89 -17.67 35.72
N ALA A 563 -25.90 -18.33 34.56
CA ALA A 563 -26.94 -18.09 33.57
C ALA A 563 -28.32 -18.43 34.13
N TYR A 564 -28.42 -19.54 34.88
CA TYR A 564 -29.72 -19.85 35.48
C TYR A 564 -30.08 -18.77 36.49
N ALA A 565 -29.11 -18.35 37.32
CA ALA A 565 -29.33 -17.34 38.34
C ALA A 565 -29.81 -16.02 37.73
N GLN A 566 -29.13 -15.58 36.66
CA GLN A 566 -29.46 -14.31 36.04
C GLN A 566 -30.84 -14.33 35.39
N PHE A 567 -31.18 -15.44 34.71
CA PHE A 567 -32.53 -15.57 34.17
C PHE A 567 -33.58 -15.45 35.27
N GLY A 568 -33.35 -16.09 36.41
CA GLY A 568 -34.27 -15.93 37.53
C GLY A 568 -34.40 -14.48 37.99
N ARG A 569 -33.27 -13.75 38.07
CA ARG A 569 -33.34 -12.35 38.46
C ARG A 569 -34.12 -11.50 37.44
N ASN A 570 -33.89 -11.74 36.14
CA ASN A 570 -34.55 -10.96 35.10
C ASN A 570 -36.01 -11.33 34.90
N HIS A 571 -36.45 -12.53 35.27
CA HIS A 571 -37.75 -12.95 34.77
C HIS A 571 -38.64 -13.58 35.82
N LEU A 572 -38.27 -13.55 37.09
CA LEU A 572 -39.18 -13.90 38.17
C LEU A 572 -39.77 -12.64 38.79
N HIS A 573 -41.07 -12.66 39.07
CA HIS A 573 -41.64 -11.63 39.94
C HIS A 573 -40.99 -11.72 41.32
N HIS A 574 -40.81 -10.57 41.96
CA HIS A 574 -40.10 -10.58 43.23
C HIS A 574 -40.95 -10.03 44.37
N GLY B 33 15.37 -38.63 -13.43
CA GLY B 33 15.14 -37.49 -12.55
C GLY B 33 16.40 -37.14 -11.77
N THR B 34 16.23 -36.38 -10.70
CA THR B 34 17.35 -36.01 -9.84
C THR B 34 17.72 -37.17 -8.93
N ALA B 35 19.02 -37.45 -8.82
CA ALA B 35 19.45 -38.53 -7.95
C ALA B 35 19.39 -38.11 -6.48
N GLU B 36 19.60 -36.83 -6.18
CA GLU B 36 19.56 -36.40 -4.77
C GLU B 36 18.13 -36.26 -4.24
N LEU B 37 17.17 -35.97 -5.11
CA LEU B 37 15.77 -36.04 -4.69
C LEU B 37 15.42 -37.47 -4.29
N ASP B 38 15.68 -38.43 -5.18
CA ASP B 38 15.45 -39.86 -4.90
C ASP B 38 16.10 -40.28 -3.59
N ALA B 39 17.32 -39.81 -3.33
CA ALA B 39 18.00 -40.15 -2.09
C ALA B 39 17.29 -39.53 -0.88
N LEU B 40 16.78 -38.31 -1.04
CA LEU B 40 16.10 -37.64 0.06
C LEU B 40 14.82 -38.36 0.42
N TRP B 41 14.05 -38.79 -0.59
CA TRP B 41 12.83 -39.54 -0.30
C TRP B 41 13.15 -40.89 0.30
N ASN B 42 14.17 -41.57 -0.25
CA ASN B 42 14.68 -42.79 0.36
C ASN B 42 14.95 -42.58 1.85
N LEU B 43 15.60 -41.48 2.20
CA LEU B 43 15.86 -41.20 3.60
C LEU B 43 14.54 -41.05 4.36
N VAL B 44 13.58 -40.33 3.78
CA VAL B 44 12.29 -40.12 4.43
C VAL B 44 11.54 -41.45 4.60
N GLU B 45 11.55 -42.27 3.57
CA GLU B 45 10.72 -43.46 3.51
C GLU B 45 11.42 -44.71 4.10
N ALA B 46 12.40 -44.54 5.00
CA ALA B 46 13.25 -45.66 5.37
C ALA B 46 12.55 -46.62 6.33
N GLN B 47 11.90 -46.11 7.37
CA GLN B 47 11.04 -46.99 8.14
C GLN B 47 9.77 -47.31 7.36
N TYR B 48 9.06 -46.31 6.86
CA TYR B 48 7.88 -46.66 6.07
C TYR B 48 7.64 -45.63 4.98
N PRO B 49 7.11 -46.05 3.84
CA PRO B 49 7.00 -45.18 2.67
C PRO B 49 5.78 -44.27 2.68
N VAL B 50 5.78 -43.35 1.72
CA VAL B 50 4.64 -42.46 1.49
C VAL B 50 3.45 -43.27 1.02
N GLN B 51 2.30 -43.03 1.62
CA GLN B 51 1.07 -43.66 1.15
C GLN B 51 0.41 -42.78 0.09
N THR B 52 -0.34 -43.41 -0.77
CA THR B 52 -0.98 -42.74 -1.86
C THR B 52 -2.50 -42.69 -1.68
N ALA B 53 -3.12 -41.57 -2.02
CA ALA B 53 -4.56 -41.40 -1.93
C ALA B 53 -5.29 -42.32 -2.90
N ALA B 54 -6.58 -42.57 -2.62
CA ALA B 54 -7.41 -43.36 -3.51
C ALA B 54 -7.63 -42.66 -4.85
N VAL B 55 -7.50 -41.35 -4.88
CA VAL B 55 -7.74 -40.54 -6.06
C VAL B 55 -6.47 -39.75 -6.33
N THR B 56 -5.88 -39.96 -7.51
CA THR B 56 -4.62 -39.34 -7.91
C THR B 56 -4.74 -38.56 -9.21
N THR B 57 -5.95 -38.30 -9.68
CA THR B 57 -6.17 -37.46 -10.85
C THR B 57 -6.99 -36.25 -10.44
N LEU B 58 -6.82 -35.17 -11.21
CA LEU B 58 -7.58 -33.95 -10.95
C LEU B 58 -9.08 -34.24 -11.07
N VAL B 59 -9.87 -33.69 -10.18
CA VAL B 59 -11.30 -34.00 -10.26
C VAL B 59 -11.98 -33.08 -11.25
N THR B 60 -13.05 -33.60 -11.82
CA THR B 60 -13.94 -32.84 -12.69
C THR B 60 -15.22 -32.55 -11.92
N VAL B 61 -15.61 -31.28 -11.87
CA VAL B 61 -16.82 -30.85 -11.20
C VAL B 61 -17.96 -30.93 -12.21
N PRO B 62 -18.86 -31.90 -12.10
CA PRO B 62 -19.99 -31.94 -13.04
C PRO B 62 -20.84 -30.69 -12.88
N ASP B 63 -21.30 -30.18 -14.02
CA ASP B 63 -22.28 -29.10 -14.04
C ASP B 63 -23.46 -29.36 -13.11
N ASP B 64 -23.78 -30.62 -12.83
CA ASP B 64 -24.96 -30.96 -12.05
C ASP B 64 -24.64 -31.24 -10.59
N TYR B 65 -23.40 -31.00 -10.15
CA TYR B 65 -22.99 -31.37 -8.79
C TYR B 65 -24.04 -30.96 -7.77
N LYS B 66 -24.53 -31.93 -7.01
CA LYS B 66 -25.59 -31.68 -6.03
C LYS B 66 -24.97 -31.41 -4.66
N PHE B 67 -25.22 -30.21 -4.13
CA PHE B 67 -24.78 -29.85 -2.80
C PHE B 67 -25.73 -30.43 -1.76
N GLU B 68 -25.19 -30.79 -0.59
CA GLU B 68 -26.08 -31.29 0.45
C GLU B 68 -27.07 -30.21 0.86
N ALA B 69 -28.25 -30.66 1.33
CA ALA B 69 -29.32 -29.72 1.63
C ALA B 69 -28.96 -28.82 2.81
N ASP B 70 -29.56 -27.62 2.82
CA ASP B 70 -29.34 -26.64 3.88
C ASP B 70 -29.82 -27.17 5.24
N PRO B 71 -29.27 -26.65 6.34
CA PRO B 71 -29.83 -26.95 7.67
C PRO B 71 -31.21 -26.34 7.82
N PRO B 72 -31.96 -26.71 8.85
CA PRO B 72 -33.31 -26.12 9.00
C PRO B 72 -33.21 -24.62 9.19
N SER B 73 -34.30 -23.94 8.83
CA SER B 73 -34.28 -22.48 8.78
C SER B 73 -34.00 -21.86 10.15
N TYR B 74 -34.40 -22.54 11.23
CA TYR B 74 -34.19 -21.97 12.54
C TYR B 74 -32.77 -22.19 13.05
N ALA B 75 -31.93 -22.89 12.29
CA ALA B 75 -30.63 -23.32 12.79
C ALA B 75 -29.74 -22.14 13.15
N LEU B 76 -29.77 -21.08 12.35
CA LEU B 76 -28.87 -19.97 12.60
C LEU B 76 -29.49 -18.89 13.48
N ALA B 77 -30.65 -19.16 14.06
CA ALA B 77 -31.32 -18.16 14.88
C ALA B 77 -30.55 -17.93 16.16
N GLY B 78 -30.36 -16.66 16.51
CA GLY B 78 -29.82 -16.26 17.79
C GLY B 78 -28.33 -15.98 17.82
N TYR B 79 -27.59 -16.30 16.75
CA TYR B 79 -26.14 -16.08 16.79
C TYR B 79 -25.80 -14.61 16.55
N GLU B 80 -26.53 -13.96 15.64
CA GLU B 80 -26.27 -12.58 15.28
C GLU B 80 -27.03 -11.65 16.22
N THR B 81 -26.29 -10.72 16.82
CA THR B 81 -26.84 -9.68 17.68
C THR B 81 -27.37 -8.51 16.86
N SER B 82 -28.43 -7.87 17.37
CA SER B 82 -28.97 -6.69 16.68
C SER B 82 -28.00 -5.52 16.67
N GLU B 83 -26.95 -5.58 17.48
CA GLU B 83 -25.91 -4.55 17.47
C GLU B 83 -25.33 -4.30 16.08
N ILE B 84 -25.33 -5.31 15.21
CA ILE B 84 -24.70 -5.19 13.90
C ILE B 84 -25.72 -5.12 12.78
N ALA B 85 -27.00 -4.95 13.10
CA ALA B 85 -28.04 -4.86 12.07
C ALA B 85 -27.67 -3.82 11.01
N GLY B 86 -27.63 -4.26 9.75
CA GLY B 86 -27.42 -3.36 8.63
C GLY B 86 -25.98 -2.99 8.30
N LEU B 87 -25.03 -3.22 9.19
CA LEU B 87 -23.66 -2.81 8.93
C LEU B 87 -23.02 -3.67 7.85
N LYS B 88 -22.16 -3.04 7.02
CA LYS B 88 -21.40 -3.73 5.99
C LYS B 88 -19.90 -3.53 6.17
N PHE B 89 -19.14 -4.55 5.79
CA PHE B 89 -17.69 -4.43 5.64
C PHE B 89 -17.37 -3.52 4.47
N PRO B 90 -16.17 -2.92 4.44
CA PRO B 90 -15.79 -2.06 3.30
C PRO B 90 -15.95 -2.76 1.95
N LYS B 91 -16.24 -1.96 0.94
CA LYS B 91 -16.19 -2.43 -0.44
C LYS B 91 -14.85 -3.10 -0.71
N GLY B 92 -14.87 -4.23 -1.41
CA GLY B 92 -13.65 -4.98 -1.67
C GLY B 92 -13.15 -5.81 -0.51
N PHE B 93 -13.84 -5.82 0.64
CA PHE B 93 -13.45 -6.65 1.78
C PHE B 93 -13.27 -8.10 1.38
N LYS B 94 -12.16 -8.69 1.78
CA LYS B 94 -11.85 -10.08 1.42
C LYS B 94 -12.45 -10.99 2.49
N PHE B 95 -13.50 -11.69 2.12
CA PHE B 95 -14.27 -12.53 3.03
C PHE B 95 -13.96 -13.98 2.67
N GLY B 96 -13.08 -14.62 3.43
CA GLY B 96 -12.41 -15.80 2.92
C GLY B 96 -12.14 -16.90 3.93
N VAL B 97 -11.45 -17.92 3.42
CA VAL B 97 -11.05 -19.10 4.14
C VAL B 97 -9.55 -19.26 3.95
N ALA B 98 -8.93 -20.09 4.79
CA ALA B 98 -7.48 -20.27 4.69
C ALA B 98 -7.12 -21.74 4.79
N GLY B 99 -6.09 -22.11 4.02
CA GLY B 99 -5.45 -23.40 4.17
C GLY B 99 -3.95 -23.22 4.08
N ALA B 100 -3.22 -24.34 4.13
CA ALA B 100 -1.77 -24.36 3.97
C ALA B 100 -1.39 -25.60 3.18
N ALA B 101 -0.39 -25.45 2.30
CA ALA B 101 -0.04 -26.51 1.36
C ALA B 101 0.06 -27.89 2.05
N ILE B 102 0.98 -28.01 3.02
CA ILE B 102 1.22 -29.33 3.60
C ILE B 102 0.03 -29.81 4.46
N GLN B 103 -0.79 -28.88 4.94
CA GLN B 103 -1.94 -29.23 5.77
C GLN B 103 -3.13 -29.77 4.97
N VAL B 104 -3.25 -29.42 3.68
CA VAL B 104 -4.45 -29.79 2.92
C VAL B 104 -4.14 -30.52 1.63
N GLU B 105 -2.94 -30.41 1.07
CA GLU B 105 -2.69 -30.92 -0.28
C GLU B 105 -2.65 -32.44 -0.32
N GLY B 106 -1.83 -33.06 0.53
CA GLY B 106 -1.50 -34.44 0.24
C GLY B 106 -0.51 -34.48 -0.91
N ALA B 107 -0.55 -35.57 -1.66
CA ALA B 107 0.29 -35.75 -2.84
C ALA B 107 1.75 -35.41 -2.53
N ALA B 108 2.24 -35.97 -1.41
CA ALA B 108 3.52 -35.53 -0.87
C ALA B 108 4.70 -35.84 -1.79
N LYS B 109 4.58 -36.85 -2.65
CA LYS B 109 5.62 -37.19 -3.61
C LYS B 109 5.18 -36.96 -5.05
N ALA B 110 3.99 -36.42 -5.27
CA ALA B 110 3.46 -36.31 -6.62
C ALA B 110 4.15 -35.21 -7.43
N GLU B 111 4.24 -35.44 -8.72
CA GLU B 111 4.67 -34.45 -9.71
C GLU B 111 5.94 -33.73 -9.27
N GLY B 112 6.86 -34.52 -8.72
CA GLY B 112 8.22 -34.09 -8.51
C GLY B 112 8.51 -33.37 -7.23
N ARG B 113 7.60 -33.37 -6.26
CA ARG B 113 7.83 -32.66 -5.01
C ARG B 113 8.96 -33.31 -4.21
N GLY B 114 9.71 -32.47 -3.51
CA GLY B 114 10.71 -32.91 -2.57
C GLY B 114 10.21 -32.86 -1.14
N PRO B 115 10.85 -33.63 -0.26
CA PRO B 115 10.41 -33.68 1.13
C PRO B 115 10.69 -32.39 1.87
N SER B 116 9.76 -32.07 2.77
CA SER B 116 9.97 -31.05 3.78
C SER B 116 10.46 -31.71 5.06
N THR B 117 10.78 -30.88 6.04
CA THR B 117 11.18 -31.42 7.33
C THR B 117 10.03 -32.16 8.00
N TRP B 118 8.78 -31.76 7.74
CA TRP B 118 7.64 -32.46 8.33
C TRP B 118 7.45 -33.84 7.72
N ASP B 119 7.68 -33.98 6.41
CA ASP B 119 7.62 -35.31 5.79
C ASP B 119 8.60 -36.25 6.46
N TYR B 120 9.77 -35.73 6.82
CA TYR B 120 10.78 -36.54 7.48
C TYR B 120 10.37 -36.84 8.91
N LEU B 121 10.03 -35.81 9.67
CA LEU B 121 9.65 -35.98 11.06
C LEU B 121 8.58 -37.06 11.22
N CYS B 122 7.46 -36.91 10.53
CA CYS B 122 6.34 -37.82 10.70
C CYS B 122 6.53 -39.17 10.01
N HIS B 123 7.60 -39.39 9.26
CA HIS B 123 7.91 -40.73 8.81
C HIS B 123 8.94 -41.44 9.69
N HIS B 124 9.47 -40.77 10.70
CA HIS B 124 10.47 -41.37 11.57
C HIS B 124 10.03 -41.33 13.02
N TYR B 125 9.19 -40.36 13.37
CA TYR B 125 8.78 -40.17 14.77
C TYR B 125 7.28 -39.94 14.91
N ALA B 126 6.47 -40.57 14.05
CA ALA B 126 5.04 -40.31 14.05
C ALA B 126 4.40 -40.61 15.40
N SER B 127 4.90 -41.64 16.09
CA SER B 127 4.23 -42.10 17.30
C SER B 127 4.47 -41.15 18.45
N THR B 128 5.58 -40.41 18.45
CA THR B 128 5.89 -39.51 19.55
C THR B 128 5.83 -38.03 19.20
N GLN B 129 5.83 -37.66 17.92
CA GLN B 129 5.80 -36.26 17.52
C GLN B 129 4.64 -35.88 16.59
N CYS B 130 3.98 -36.83 15.94
CA CYS B 130 2.96 -36.53 14.96
C CYS B 130 1.64 -37.23 15.24
N ASN B 131 1.43 -37.69 16.49
CA ASN B 131 0.17 -38.32 16.88
C ASN B 131 -0.19 -39.48 15.96
N ASN B 132 0.83 -40.17 15.45
CA ASN B 132 0.66 -41.30 14.53
C ASN B 132 0.04 -40.90 13.19
N TYR B 133 0.10 -39.62 12.81
CA TYR B 133 -0.29 -39.18 11.49
C TYR B 133 0.92 -38.77 10.67
N ASP B 134 0.68 -38.56 9.37
CA ASP B 134 1.67 -37.95 8.49
C ASP B 134 0.93 -37.15 7.43
N PRO B 135 1.60 -36.21 6.75
CA PRO B 135 0.92 -35.44 5.71
C PRO B 135 1.08 -36.01 4.30
N ASP B 136 0.97 -37.33 4.15
CA ASP B 136 1.09 -37.94 2.82
C ASP B 136 -0.11 -37.62 1.93
N ILE B 137 -1.31 -37.58 2.52
CA ILE B 137 -2.57 -37.47 1.79
C ILE B 137 -3.41 -36.33 2.37
N THR B 138 -3.51 -36.28 3.70
CA THR B 138 -4.23 -35.20 4.39
C THR B 138 -5.66 -35.10 3.82
N THR B 139 -6.09 -33.99 3.20
CA THR B 139 -7.41 -33.89 2.58
C THR B 139 -7.40 -34.10 1.08
N ASN B 140 -6.24 -34.40 0.49
CA ASN B 140 -6.15 -34.60 -0.96
C ASN B 140 -6.59 -33.36 -1.75
N HIS B 141 -6.39 -32.16 -1.18
CA HIS B 141 -6.75 -30.92 -1.86
C HIS B 141 -6.02 -30.78 -3.19
N TYR B 142 -4.79 -31.31 -3.28
CA TYR B 142 -4.01 -31.23 -4.51
C TYR B 142 -4.78 -31.72 -5.71
N TYR B 143 -5.67 -32.70 -5.53
CA TYR B 143 -6.47 -33.23 -6.63
C TYR B 143 -7.94 -32.87 -6.54
N LEU B 144 -8.39 -32.39 -5.38
CA LEU B 144 -9.80 -32.11 -5.18
C LEU B 144 -10.11 -30.63 -5.20
N TYR B 145 -9.10 -29.77 -5.44
CA TYR B 145 -9.35 -28.33 -5.32
C TYR B 145 -10.47 -27.81 -6.23
N PRO B 146 -10.69 -28.28 -7.46
CA PRO B 146 -11.85 -27.75 -8.21
C PRO B 146 -13.17 -28.00 -7.49
N LEU B 147 -13.34 -29.18 -6.89
CA LEU B 147 -14.56 -29.44 -6.14
C LEU B 147 -14.61 -28.61 -4.87
N ASP B 148 -13.48 -28.46 -4.19
CA ASP B 148 -13.45 -27.64 -2.98
C ASP B 148 -13.87 -26.21 -3.31
N PHE B 149 -13.34 -25.67 -4.42
CA PHE B 149 -13.66 -24.31 -4.82
C PHE B 149 -15.14 -24.15 -5.16
N ALA B 150 -15.71 -25.11 -5.87
CA ALA B 150 -17.14 -25.09 -6.18
C ALA B 150 -17.96 -25.06 -4.89
N ARG B 151 -17.54 -25.82 -3.88
CA ARG B 151 -18.26 -25.80 -2.61
C ARG B 151 -18.13 -24.46 -1.91
N LEU B 152 -16.98 -23.81 -2.05
CA LEU B 152 -16.79 -22.50 -1.44
C LEU B 152 -17.65 -21.44 -2.15
N GLN B 153 -17.78 -21.55 -3.47
CA GLN B 153 -18.65 -20.62 -4.19
C GLN B 153 -20.09 -20.75 -3.70
N HIS B 154 -20.53 -21.98 -3.42
CA HIS B 154 -21.87 -22.22 -2.88
C HIS B 154 -22.11 -21.41 -1.61
N LEU B 155 -21.08 -21.21 -0.79
CA LEU B 155 -21.20 -20.45 0.45
C LEU B 155 -21.00 -18.94 0.29
N GLY B 156 -20.63 -18.46 -0.90
CA GLY B 156 -20.39 -17.03 -1.04
C GLY B 156 -19.01 -16.56 -0.61
N ILE B 157 -18.05 -17.49 -0.45
CA ILE B 157 -16.68 -17.07 -0.17
C ILE B 157 -16.19 -16.26 -1.36
N ASN B 158 -15.52 -15.15 -1.10
CA ASN B 158 -14.90 -14.38 -2.16
C ASN B 158 -13.38 -14.37 -2.12
N THR B 159 -12.74 -15.08 -1.17
CA THR B 159 -11.29 -15.05 -1.11
C THR B 159 -10.75 -16.41 -0.67
N TYR B 160 -9.68 -16.85 -1.31
CA TYR B 160 -9.06 -18.14 -1.04
C TYR B 160 -7.59 -17.92 -0.66
N SER B 161 -7.27 -18.15 0.62
CA SER B 161 -5.90 -18.09 1.12
C SER B 161 -5.22 -19.46 1.06
N PHE B 162 -4.04 -19.50 0.44
CA PHE B 162 -3.26 -20.72 0.29
C PHE B 162 -1.78 -20.39 0.47
N SER B 163 -0.99 -21.43 0.65
CA SER B 163 0.45 -21.27 0.66
C SER B 163 1.01 -22.16 -0.42
N ILE B 164 2.15 -21.78 -0.94
CA ILE B 164 2.86 -22.53 -1.96
C ILE B 164 3.86 -23.44 -1.25
N SER B 165 3.94 -24.69 -1.71
CA SER B 165 4.96 -25.61 -1.21
C SER B 165 6.29 -25.33 -1.90
N TRP B 166 7.23 -24.74 -1.14
CA TRP B 166 8.58 -24.50 -1.62
C TRP B 166 9.17 -25.70 -2.35
N THR B 167 9.07 -26.90 -1.75
CA THR B 167 9.67 -28.09 -2.36
C THR B 167 8.86 -28.67 -3.51
N ARG B 168 7.72 -28.06 -3.90
CA ARG B 168 7.13 -28.34 -5.20
C ARG B 168 7.75 -27.49 -6.31
N ILE B 169 8.35 -26.36 -5.95
CA ILE B 169 8.97 -25.43 -6.89
C ILE B 169 10.45 -25.78 -6.99
N TYR B 170 11.14 -25.76 -5.87
CA TYR B 170 12.52 -26.26 -5.82
C TYR B 170 12.57 -27.51 -4.96
N PRO B 171 12.53 -28.72 -5.55
CA PRO B 171 12.47 -29.94 -4.73
C PRO B 171 13.62 -30.09 -3.75
N LEU B 172 14.78 -29.49 -4.02
CA LEU B 172 15.87 -29.52 -3.07
C LEU B 172 16.08 -28.19 -2.38
N GLY B 173 15.09 -27.29 -2.45
CA GLY B 173 15.15 -25.99 -1.82
C GLY B 173 15.92 -24.96 -2.64
N ALA B 174 17.02 -25.39 -3.26
CA ALA B 174 17.75 -24.56 -4.21
C ALA B 174 18.10 -25.42 -5.41
N GLY B 175 18.61 -24.77 -6.44
CA GLY B 175 19.00 -25.47 -7.65
C GLY B 175 17.88 -25.53 -8.65
N TYR B 176 17.62 -26.72 -9.17
CA TYR B 176 16.71 -26.87 -10.30
C TYR B 176 15.25 -26.59 -9.90
N VAL B 177 14.46 -26.25 -10.91
CA VAL B 177 13.07 -25.90 -10.71
C VAL B 177 12.21 -27.02 -11.28
N ASN B 178 11.12 -27.30 -10.58
CA ASN B 178 10.16 -28.35 -10.92
C ASN B 178 8.99 -27.65 -11.64
N GLU B 179 8.99 -27.72 -12.97
CA GLU B 179 7.96 -27.02 -13.74
C GLU B 179 6.56 -27.53 -13.42
N ALA B 180 6.40 -28.84 -13.24
CA ALA B 180 5.10 -29.39 -12.88
C ALA B 180 4.54 -28.74 -11.60
N GLY B 181 5.42 -28.43 -10.65
CA GLY B 181 4.98 -27.72 -9.47
C GLY B 181 4.49 -26.32 -9.79
N LEU B 182 5.26 -25.59 -10.61
CA LEU B 182 4.83 -24.25 -10.99
C LEU B 182 3.50 -24.28 -11.73
N ALA B 183 3.34 -25.25 -12.64
CA ALA B 183 2.10 -25.36 -13.40
C ALA B 183 0.94 -25.74 -12.50
N HIS B 184 1.18 -26.49 -11.44
CA HIS B 184 0.08 -26.86 -10.56
C HIS B 184 -0.58 -25.64 -9.94
N TYR B 185 0.21 -24.67 -9.47
CA TYR B 185 -0.42 -23.53 -8.83
C TYR B 185 -1.06 -22.59 -9.84
N ASP B 186 -0.52 -22.53 -11.06
CA ASP B 186 -1.24 -21.84 -12.13
C ASP B 186 -2.65 -22.39 -12.24
N ALA B 187 -2.78 -23.72 -12.26
CA ALA B 187 -4.10 -24.30 -12.38
C ALA B 187 -4.96 -24.00 -11.15
N VAL B 188 -4.37 -24.04 -9.96
CA VAL B 188 -5.14 -23.78 -8.73
C VAL B 188 -5.66 -22.36 -8.74
N ILE B 189 -4.77 -21.41 -9.04
CA ILE B 189 -5.12 -20.00 -9.07
C ILE B 189 -6.21 -19.74 -10.11
N HIS B 190 -6.03 -20.30 -11.31
CA HIS B 190 -7.04 -20.13 -12.36
C HIS B 190 -8.39 -20.72 -11.92
N SER B 191 -8.37 -21.90 -11.32
CA SER B 191 -9.61 -22.52 -10.84
C SER B 191 -10.27 -21.66 -9.78
N ALA B 192 -9.47 -21.15 -8.83
CA ALA B 192 -10.02 -20.29 -7.79
C ALA B 192 -10.73 -19.09 -8.40
N LYS B 193 -10.08 -18.40 -9.33
CA LYS B 193 -10.70 -17.21 -9.92
C LYS B 193 -11.97 -17.57 -10.66
N LYS B 194 -11.96 -18.71 -11.35
CA LYS B 194 -13.17 -19.16 -12.05
C LYS B 194 -14.35 -19.28 -11.09
N TYR B 195 -14.10 -19.72 -9.85
CA TYR B 195 -15.16 -19.88 -8.86
C TYR B 195 -15.36 -18.63 -8.01
N GLY B 196 -14.78 -17.51 -8.41
CA GLY B 196 -15.03 -16.27 -7.70
C GLY B 196 -14.23 -16.06 -6.44
N LEU B 197 -13.10 -16.75 -6.29
CA LEU B 197 -12.27 -16.68 -5.08
C LEU B 197 -11.01 -15.89 -5.41
N GLU B 198 -10.86 -14.72 -4.81
CA GLU B 198 -9.64 -13.96 -4.98
C GLU B 198 -8.47 -14.70 -4.32
N PRO B 199 -7.39 -14.97 -5.04
CA PRO B 199 -6.31 -15.77 -4.43
C PRO B 199 -5.32 -14.94 -3.63
N VAL B 200 -5.03 -15.40 -2.41
CA VAL B 200 -4.06 -14.77 -1.50
C VAL B 200 -2.99 -15.81 -1.20
N GLY B 201 -1.75 -15.52 -1.56
CA GLY B 201 -0.67 -16.49 -1.53
C GLY B 201 0.30 -16.24 -0.38
N THR B 202 0.57 -17.30 0.37
CA THR B 202 1.65 -17.32 1.36
C THR B 202 2.85 -18.01 0.74
N VAL B 203 4.02 -17.40 0.88
CA VAL B 203 5.22 -17.99 0.28
C VAL B 203 5.70 -19.20 1.09
N PHE B 204 5.84 -19.04 2.40
CA PHE B 204 6.38 -20.07 3.27
C PHE B 204 5.45 -20.31 4.45
N HIS B 205 4.86 -21.52 4.51
CA HIS B 205 4.00 -21.92 5.62
C HIS B 205 4.59 -23.16 6.30
N TRP B 206 5.82 -23.02 6.83
CA TRP B 206 6.48 -23.90 7.79
C TRP B 206 7.08 -25.15 7.15
N ASP B 207 6.92 -25.39 5.84
CA ASP B 207 7.33 -26.64 5.20
C ASP B 207 8.77 -26.53 4.69
N THR B 208 9.69 -26.46 5.64
CA THR B 208 11.10 -26.27 5.36
C THR B 208 11.68 -27.38 4.48
N PRO B 209 12.44 -27.05 3.45
CA PRO B 209 12.98 -28.11 2.57
C PRO B 209 14.01 -28.95 3.32
N LEU B 210 13.82 -30.26 3.27
CA LEU B 210 14.72 -31.16 3.97
C LEU B 210 16.15 -30.99 3.49
N SER B 211 16.33 -30.88 2.17
CA SER B 211 17.65 -30.72 1.60
C SER B 211 18.39 -29.57 2.26
N LEU B 212 17.71 -28.43 2.41
CA LEU B 212 18.40 -27.29 2.97
C LEU B 212 18.75 -27.50 4.43
N MET B 213 17.89 -28.22 5.19
CA MET B 213 18.20 -28.47 6.59
C MET B 213 19.45 -29.34 6.71
N LEU B 214 19.52 -30.39 5.91
CA LEU B 214 20.69 -31.27 5.94
C LEU B 214 21.95 -30.54 5.50
N LYS B 215 21.87 -29.79 4.41
CA LYS B 215 23.06 -29.18 3.82
C LYS B 215 23.68 -28.12 4.73
N TYR B 216 22.87 -27.26 5.35
CA TYR B 216 23.46 -26.23 6.19
C TYR B 216 22.57 -25.81 7.37
N GLY B 217 21.56 -26.60 7.73
CA GLY B 217 20.71 -26.26 8.84
C GLY B 217 19.62 -25.24 8.55
N ALA B 218 19.29 -25.02 7.28
CA ALA B 218 18.17 -24.17 6.88
C ALA B 218 18.14 -22.83 7.62
N TRP B 219 17.07 -22.57 8.38
CA TRP B 219 16.93 -21.30 9.09
C TRP B 219 17.90 -21.13 10.24
N GLN B 220 18.69 -22.15 10.56
CA GLN B 220 19.76 -21.99 11.53
C GLN B 220 21.05 -21.44 10.90
N ASP B 221 21.11 -21.34 9.57
CA ASP B 221 22.29 -20.90 8.83
C ASP B 221 23.02 -19.75 9.52
N THR B 222 24.30 -19.96 9.84
CA THR B 222 25.06 -18.89 10.47
C THR B 222 25.55 -17.87 9.46
N GLY B 223 25.61 -18.23 8.19
CA GLY B 223 25.87 -17.29 7.13
C GLY B 223 24.59 -16.72 6.54
N ASP B 224 24.42 -16.84 5.22
CA ASP B 224 23.21 -16.27 4.62
C ASP B 224 22.78 -17.00 3.35
N GLN B 225 23.21 -18.25 3.17
CA GLN B 225 22.70 -19.05 2.06
C GLN B 225 21.18 -19.23 2.12
N ILE B 226 20.60 -19.22 3.32
CA ILE B 226 19.16 -19.46 3.42
C ILE B 226 18.39 -18.29 2.84
N VAL B 227 18.84 -17.07 3.13
CA VAL B 227 18.20 -15.87 2.58
C VAL B 227 18.25 -15.91 1.06
N LYS B 228 19.45 -16.18 0.51
CA LYS B 228 19.60 -16.25 -0.93
C LYS B 228 18.69 -17.31 -1.52
N ASP B 229 18.58 -18.46 -0.86
CA ASP B 229 17.77 -19.55 -1.40
C ASP B 229 16.29 -19.23 -1.28
N PHE B 230 15.89 -18.55 -0.22
CA PHE B 230 14.49 -18.13 -0.09
C PHE B 230 14.17 -17.03 -1.10
N VAL B 231 15.11 -16.10 -1.31
CA VAL B 231 14.92 -15.03 -2.29
C VAL B 231 14.77 -15.61 -3.70
N THR B 232 15.66 -16.52 -4.10
CA THR B 232 15.50 -17.16 -5.40
C THR B 232 14.13 -17.82 -5.53
N TYR B 233 13.68 -18.48 -4.46
CA TYR B 233 12.41 -19.17 -4.53
C TYR B 233 11.27 -18.17 -4.64
N ALA B 234 11.29 -17.16 -3.77
CA ALA B 234 10.22 -16.16 -3.77
C ALA B 234 10.17 -15.40 -5.08
N THR B 235 11.34 -14.98 -5.59
CA THR B 235 11.38 -14.32 -6.89
C THR B 235 10.65 -15.15 -7.93
N THR B 236 10.97 -16.45 -7.99
CA THR B 236 10.34 -17.32 -8.98
C THR B 236 8.81 -17.32 -8.85
N VAL B 237 8.30 -17.32 -7.62
CA VAL B 237 6.85 -17.46 -7.50
C VAL B 237 6.16 -16.12 -7.71
N PHE B 238 6.79 -15.02 -7.28
CA PHE B 238 6.30 -13.69 -7.64
C PHE B 238 6.17 -13.52 -9.15
N LYS B 239 7.24 -13.82 -9.88
CA LYS B 239 7.19 -13.69 -11.33
C LYS B 239 6.10 -14.60 -11.92
N ARG B 240 6.01 -15.85 -11.45
CA ARG B 240 5.06 -16.77 -12.05
C ARG B 240 3.61 -16.42 -11.73
N TYR B 241 3.34 -15.78 -10.59
CA TYR B 241 1.98 -15.67 -10.09
C TYR B 241 1.52 -14.25 -9.83
N GLY B 242 2.43 -13.28 -9.82
CA GLY B 242 2.12 -11.92 -9.42
C GLY B 242 1.06 -11.22 -10.24
N ASN B 243 0.86 -11.64 -11.49
CA ASN B 243 -0.20 -11.01 -12.28
C ASN B 243 -1.57 -11.42 -11.77
N GLU B 244 -1.69 -12.65 -11.23
CA GLU B 244 -2.96 -13.18 -10.72
C GLU B 244 -3.15 -12.97 -9.22
N VAL B 245 -2.04 -12.98 -8.46
CA VAL B 245 -2.06 -12.90 -7.00
C VAL B 245 -1.57 -11.52 -6.62
N LYS B 246 -2.44 -10.70 -6.00
CA LYS B 246 -2.09 -9.33 -5.67
C LYS B 246 -2.04 -9.07 -4.18
N THR B 247 -2.09 -10.11 -3.36
CA THR B 247 -1.88 -9.99 -1.92
C THR B 247 -1.00 -11.14 -1.50
N TRP B 248 0.14 -10.82 -0.90
CA TRP B 248 1.17 -11.81 -0.62
C TRP B 248 1.56 -11.75 0.84
N PHE B 249 1.79 -12.93 1.41
CA PHE B 249 2.41 -13.06 2.72
C PHE B 249 3.68 -13.89 2.56
N THR B 250 4.81 -13.33 2.97
CA THR B 250 6.06 -14.09 2.92
C THR B 250 6.00 -15.28 3.86
N PHE B 251 5.76 -15.03 5.14
CA PHE B 251 5.81 -16.07 6.16
C PHE B 251 4.51 -16.14 6.94
N ASN B 252 4.03 -17.36 7.16
CA ASN B 252 2.95 -17.58 8.12
C ASN B 252 3.51 -17.68 9.54
N GLU B 253 3.10 -16.78 10.41
CA GLU B 253 3.40 -16.87 11.84
C GLU B 253 4.88 -17.23 12.06
N PRO B 254 5.82 -16.33 11.74
CA PRO B 254 7.24 -16.69 11.87
C PRO B 254 7.66 -16.97 13.31
N ARG B 255 7.08 -16.29 14.30
CA ARG B 255 7.45 -16.56 15.69
C ARG B 255 7.10 -17.99 16.09
N VAL B 256 5.90 -18.45 15.74
CA VAL B 256 5.54 -19.84 16.03
C VAL B 256 6.43 -20.79 15.23
N PHE B 257 6.73 -20.43 13.98
CA PHE B 257 7.58 -21.29 13.20
C PHE B 257 8.98 -21.39 13.80
N CYS B 258 9.55 -20.26 14.21
CA CYS B 258 10.93 -20.31 14.69
C CYS B 258 11.02 -21.04 16.03
N SER B 259 9.95 -20.98 16.83
CA SER B 259 9.93 -21.72 18.08
C SER B 259 9.97 -23.23 17.84
N GLN B 260 9.42 -23.71 16.72
CA GLN B 260 9.57 -25.13 16.44
C GLN B 260 11.00 -25.53 16.08
N ASN B 261 11.84 -24.58 15.66
CA ASN B 261 13.20 -24.95 15.28
C ASN B 261 14.03 -25.40 16.49
N SER B 262 13.52 -25.20 17.70
CA SER B 262 14.14 -25.68 18.93
C SER B 262 14.08 -27.20 19.07
N GLY B 263 13.42 -27.92 18.16
CA GLY B 263 13.21 -29.35 18.32
C GLY B 263 13.48 -30.17 17.07
N LEU B 264 12.93 -31.38 17.00
CA LEU B 264 13.16 -32.26 15.86
C LEU B 264 12.41 -31.74 14.63
N PRO B 265 12.96 -31.95 13.42
CA PRO B 265 14.23 -32.62 13.14
C PRO B 265 15.34 -31.60 13.04
N TYR B 266 14.98 -30.33 13.30
CA TYR B 266 15.94 -29.24 13.18
C TYR B 266 17.17 -29.49 14.05
N ASN B 267 16.97 -30.07 15.24
CA ASN B 267 18.09 -30.25 16.16
C ASN B 267 18.81 -31.58 15.96
N LEU B 268 18.60 -32.24 14.82
CA LEU B 268 19.51 -33.26 14.32
C LEU B 268 20.67 -32.67 13.52
N THR B 269 20.57 -31.43 13.05
CA THR B 269 21.56 -30.84 12.13
C THR B 269 21.83 -29.38 12.48
N TYR B 270 21.99 -29.09 13.76
CA TYR B 270 22.34 -27.73 14.14
C TYR B 270 23.72 -27.37 13.62
N PRO B 271 23.90 -26.18 13.06
CA PRO B 271 25.25 -25.70 12.75
C PRO B 271 25.96 -25.26 14.03
N GLU B 272 27.26 -25.54 14.10
CA GLU B 272 27.99 -25.32 15.34
C GLU B 272 27.92 -23.85 15.75
N GLY B 273 27.88 -23.62 17.06
CA GLY B 273 27.54 -22.32 17.60
C GLY B 273 26.05 -22.08 17.79
N ILE B 274 25.20 -23.03 17.37
CA ILE B 274 23.77 -22.93 17.54
C ILE B 274 23.31 -24.08 18.42
N ASN B 275 22.50 -23.77 19.44
CA ASN B 275 21.80 -24.78 20.21
C ASN B 275 20.30 -24.46 20.24
N SER B 276 19.52 -25.34 20.86
CA SER B 276 18.06 -25.24 20.75
C SER B 276 17.48 -23.94 21.33
N THR B 277 18.24 -23.18 22.12
CA THR B 277 17.76 -21.86 22.53
C THR B 277 18.18 -20.77 21.54
N SER B 278 19.44 -20.76 21.12
CA SER B 278 19.86 -19.79 20.12
C SER B 278 19.21 -20.07 18.77
N ALA B 279 18.92 -21.34 18.48
CA ALA B 279 18.30 -21.71 17.21
C ALA B 279 17.01 -20.94 16.96
N VAL B 280 16.29 -20.59 18.02
CA VAL B 280 15.05 -19.88 17.87
C VAL B 280 15.30 -18.49 17.34
N PHE B 281 16.29 -17.81 17.89
CA PHE B 281 16.59 -16.43 17.57
C PHE B 281 17.51 -16.27 16.36
N ARG B 282 18.29 -17.29 16.03
CA ARG B 282 18.96 -17.31 14.73
C ARG B 282 17.93 -17.49 13.61
N CYS B 283 16.88 -18.27 13.87
CA CYS B 283 15.79 -18.41 12.91
C CYS B 283 15.06 -17.07 12.73
N THR B 284 14.79 -16.37 13.84
CA THR B 284 14.15 -15.06 13.78
C THR B 284 14.93 -14.12 12.85
N TYR B 285 16.23 -13.97 13.10
CA TYR B 285 17.04 -13.07 12.28
C TYR B 285 16.98 -13.48 10.81
N ASN B 286 17.30 -14.74 10.52
CA ASN B 286 17.32 -15.19 9.14
C ASN B 286 15.98 -15.01 8.47
N VAL B 287 14.89 -15.07 9.23
CA VAL B 287 13.55 -14.95 8.66
C VAL B 287 13.24 -13.51 8.35
N LEU B 288 13.59 -12.60 9.26
CA LEU B 288 13.44 -11.18 8.97
C LEU B 288 14.27 -10.77 7.75
N LYS B 289 15.52 -11.24 7.67
CA LYS B 289 16.35 -10.95 6.51
C LYS B 289 15.71 -11.48 5.24
N ALA B 290 15.24 -12.74 5.28
CA ALA B 290 14.62 -13.33 4.10
C ALA B 290 13.39 -12.55 3.65
N HIS B 291 12.58 -12.11 4.63
CA HIS B 291 11.38 -11.35 4.32
C HIS B 291 11.72 -9.98 3.72
N GLY B 292 12.66 -9.26 4.32
CA GLY B 292 13.01 -7.95 3.79
C GLY B 292 13.51 -8.01 2.36
N HIS B 293 14.44 -8.93 2.09
CA HIS B 293 15.00 -9.09 0.75
C HIS B 293 13.93 -9.53 -0.24
N ALA B 294 13.08 -10.48 0.16
CA ALA B 294 12.01 -10.89 -0.72
C ALA B 294 11.11 -9.72 -1.05
N VAL B 295 10.82 -8.87 -0.05
CA VAL B 295 9.93 -7.74 -0.27
C VAL B 295 10.54 -6.75 -1.24
N LYS B 296 11.87 -6.53 -1.15
CA LYS B 296 12.54 -5.67 -2.11
C LYS B 296 12.38 -6.18 -3.53
N VAL B 297 12.59 -7.48 -3.73
CA VAL B 297 12.34 -8.07 -5.04
C VAL B 297 10.91 -7.80 -5.47
N TYR B 298 9.95 -8.07 -4.60
CA TYR B 298 8.55 -7.92 -4.97
C TYR B 298 8.26 -6.49 -5.42
N ARG B 299 8.76 -5.50 -4.67
CA ARG B 299 8.54 -4.12 -5.04
C ARG B 299 9.26 -3.75 -6.33
N ASP B 300 10.42 -4.34 -6.62
CA ASP B 300 11.06 -4.11 -7.91
C ASP B 300 10.20 -4.67 -9.03
N LEU B 301 9.56 -5.83 -8.81
CA LEU B 301 8.74 -6.44 -9.84
C LEU B 301 7.47 -5.64 -10.09
N VAL B 302 6.88 -5.09 -9.02
CA VAL B 302 5.70 -4.24 -9.18
C VAL B 302 6.08 -2.91 -9.84
N ALA B 303 7.13 -2.27 -9.35
CA ALA B 303 7.52 -0.96 -9.83
C ALA B 303 7.97 -0.99 -11.29
N SER B 304 8.41 -2.15 -11.79
CA SER B 304 8.84 -2.25 -13.17
C SER B 304 7.73 -2.73 -14.09
N GLY B 305 6.54 -3.00 -13.56
CA GLY B 305 5.52 -3.57 -14.39
C GLY B 305 5.76 -5.00 -14.83
N THR B 306 6.71 -5.70 -14.22
CA THR B 306 6.84 -7.13 -14.47
C THR B 306 5.62 -7.90 -13.99
N ILE B 307 5.07 -7.53 -12.84
CA ILE B 307 3.86 -8.17 -12.35
C ILE B 307 2.87 -7.10 -11.92
N ALA B 308 1.60 -7.51 -11.82
CA ALA B 308 0.55 -6.59 -11.41
C ALA B 308 0.88 -5.95 -10.07
N ALA B 309 0.43 -4.70 -9.90
CA ALA B 309 0.57 -4.05 -8.62
C ALA B 309 -0.18 -4.85 -7.56
N GLY B 310 0.45 -5.02 -6.40
CA GLY B 310 -0.14 -5.78 -5.31
C GLY B 310 0.48 -5.35 -4.00
N GLU B 311 0.05 -5.99 -2.91
CA GLU B 311 0.53 -5.64 -1.58
C GLU B 311 1.10 -6.86 -0.88
N ILE B 312 2.02 -6.61 0.04
CA ILE B 312 2.75 -7.71 0.66
C ILE B 312 3.08 -7.36 2.09
N GLY B 313 3.10 -8.39 2.94
CA GLY B 313 3.53 -8.33 4.33
C GLY B 313 3.81 -9.73 4.83
N PHE B 314 3.57 -9.99 6.12
CA PHE B 314 3.61 -11.36 6.64
C PHE B 314 2.48 -11.52 7.66
N LYS B 315 2.21 -12.76 8.07
CA LYS B 315 1.13 -13.02 9.01
C LYS B 315 1.70 -13.10 10.42
N SER B 316 1.39 -12.10 11.25
CA SER B 316 1.71 -12.19 12.67
C SER B 316 0.65 -13.08 13.35
N ASP B 317 0.93 -13.48 14.59
CA ASP B 317 -0.06 -14.19 15.39
C ASP B 317 0.03 -13.72 16.84
N ASP B 318 -0.81 -14.30 17.69
CA ASP B 318 -0.81 -14.11 19.13
C ASP B 318 -1.44 -12.77 19.50
N ASN B 319 -1.01 -12.15 20.61
CA ASN B 319 -1.81 -11.07 21.17
C ASN B 319 -0.98 -10.29 22.19
N TYR B 320 -1.51 -9.13 22.56
CA TYR B 320 -1.05 -8.34 23.70
C TYR B 320 -2.00 -8.67 24.85
N PRO B 321 -1.60 -9.50 25.81
CA PRO B 321 -2.54 -9.97 26.83
C PRO B 321 -2.96 -8.87 27.79
N ILE B 322 -4.05 -9.13 28.48
CA ILE B 322 -4.52 -8.24 29.54
C ILE B 322 -3.86 -8.68 30.83
N PRO B 323 -3.50 -7.75 31.71
CA PRO B 323 -2.86 -8.14 32.96
C PRO B 323 -3.87 -8.82 33.88
N ALA B 324 -3.41 -9.86 34.58
CA ALA B 324 -4.28 -10.59 35.47
C ALA B 324 -4.92 -9.68 36.52
N ARG B 325 -4.12 -8.78 37.11
CA ARG B 325 -4.62 -7.85 38.11
C ARG B 325 -4.53 -6.44 37.53
N PRO B 326 -5.66 -5.77 37.30
CA PRO B 326 -5.62 -4.47 36.62
C PRO B 326 -4.85 -3.45 37.43
N GLY B 327 -3.96 -2.73 36.76
CA GLY B 327 -3.14 -1.74 37.44
C GLY B 327 -2.00 -2.31 38.24
N ASN B 328 -1.76 -3.61 38.16
CA ASN B 328 -0.61 -4.24 38.80
C ASN B 328 0.58 -4.10 37.86
N ALA B 329 1.67 -3.47 38.34
CA ALA B 329 2.77 -3.10 37.44
C ALA B 329 3.58 -4.31 37.00
N ASP B 330 3.63 -5.38 37.81
CA ASP B 330 4.35 -6.56 37.36
C ASP B 330 3.57 -7.28 36.27
N ASP B 331 2.24 -7.32 36.39
CA ASP B 331 1.43 -7.97 35.37
C ASP B 331 1.46 -7.17 34.07
N GLU B 332 1.50 -5.84 34.15
CA GLU B 332 1.65 -5.05 32.95
C GLU B 332 3.01 -5.29 32.30
N GLU B 333 4.07 -5.42 33.09
CA GLU B 333 5.38 -5.68 32.53
C GLU B 333 5.42 -7.02 31.81
N SER B 334 4.88 -8.08 32.43
CA SER B 334 4.87 -9.39 31.77
C SER B 334 3.98 -9.38 30.51
N ALA B 335 2.86 -8.66 30.56
CA ALA B 335 2.04 -8.48 29.37
C ALA B 335 2.85 -7.85 28.24
N LYS B 336 3.56 -6.77 28.55
CA LYS B 336 4.36 -6.12 27.52
C LYS B 336 5.44 -7.09 27.02
N ARG B 337 6.05 -7.84 27.94
CA ARG B 337 7.04 -8.81 27.51
C ARG B 337 6.42 -9.90 26.66
N HIS B 338 5.15 -10.25 26.92
CA HIS B 338 4.46 -11.20 26.05
C HIS B 338 4.33 -10.66 24.64
N GLU B 339 3.83 -9.44 24.49
CA GLU B 339 3.68 -8.86 23.16
C GLU B 339 5.01 -8.74 22.45
N ALA B 340 6.04 -8.31 23.20
CA ALA B 340 7.36 -8.10 22.64
C ALA B 340 7.89 -9.38 22.00
N PHE B 341 7.84 -10.49 22.75
CA PHE B 341 8.42 -11.75 22.28
C PHE B 341 7.51 -12.47 21.30
N ARG B 342 6.22 -12.16 21.32
CA ARG B 342 5.27 -12.89 20.49
C ARG B 342 4.90 -12.17 19.22
N ILE B 343 4.91 -10.82 19.22
CA ILE B 343 4.59 -10.02 18.04
C ILE B 343 5.71 -9.05 17.72
N GLY B 344 6.21 -8.36 18.74
CA GLY B 344 7.12 -7.25 18.49
C GLY B 344 8.41 -7.67 17.84
N ILE B 345 8.94 -8.84 18.23
CA ILE B 345 10.24 -9.28 17.72
C ILE B 345 10.26 -9.37 16.20
N PHE B 346 9.11 -9.55 15.54
CA PHE B 346 9.01 -9.46 14.09
C PHE B 346 8.38 -8.16 13.62
N ALA B 347 7.37 -7.67 14.33
CA ALA B 347 6.61 -6.53 13.84
C ALA B 347 7.39 -5.22 13.95
N GLN B 348 8.25 -5.09 14.96
CA GLN B 348 8.90 -3.81 15.17
C GLN B 348 10.05 -3.58 14.17
N PRO B 349 10.87 -4.58 13.85
CA PRO B 349 11.81 -4.39 12.74
C PRO B 349 11.12 -4.08 11.40
N VAL B 350 9.86 -4.49 11.21
CA VAL B 350 9.18 -4.28 9.93
C VAL B 350 8.34 -2.99 9.93
N TYR B 351 7.37 -2.89 10.83
CA TYR B 351 6.48 -1.74 10.90
C TYR B 351 6.87 -0.76 11.99
N GLY B 352 7.86 -1.06 12.80
CA GLY B 352 8.16 -0.22 13.96
C GLY B 352 9.28 0.76 13.68
N ASN B 353 10.20 0.88 14.63
CA ASN B 353 11.34 1.77 14.48
C ASN B 353 12.50 1.10 13.78
N GLY B 354 12.37 -0.17 13.40
CA GLY B 354 13.39 -0.89 12.66
C GLY B 354 14.29 -1.76 13.50
N ASP B 355 14.15 -1.72 14.82
CA ASP B 355 14.93 -2.59 15.68
C ASP B 355 13.99 -3.57 16.39
N TYR B 356 14.59 -4.64 16.92
CA TYR B 356 13.89 -5.47 17.87
C TYR B 356 13.44 -4.63 19.05
N PRO B 357 12.34 -4.98 19.72
CA PRO B 357 11.93 -4.23 20.92
C PRO B 357 13.01 -4.28 22.00
N ASP B 358 13.15 -3.18 22.72
CA ASP B 358 14.27 -3.04 23.65
C ASP B 358 14.26 -4.13 24.71
N VAL B 359 13.09 -4.63 25.10
CA VAL B 359 13.08 -5.67 26.13
C VAL B 359 13.56 -7.01 25.56
N VAL B 360 13.30 -7.30 24.30
CA VAL B 360 13.81 -8.55 23.73
C VAL B 360 15.33 -8.54 23.72
N LYS B 361 15.93 -7.40 23.35
CA LYS B 361 17.39 -7.33 23.25
C LYS B 361 18.04 -7.51 24.62
N GLU B 362 17.50 -6.84 25.64
CA GLU B 362 18.05 -6.92 26.98
C GLU B 362 17.99 -8.32 27.59
N THR B 363 17.22 -9.23 27.01
CA THR B 363 17.06 -10.55 27.60
C THR B 363 17.78 -11.64 26.85
N VAL B 364 17.90 -11.55 25.53
CA VAL B 364 18.54 -12.61 24.79
C VAL B 364 19.94 -12.25 24.32
N GLY B 365 20.28 -10.97 24.19
CA GLY B 365 21.65 -10.58 23.87
C GLY B 365 22.20 -11.24 22.62
N ASP B 366 23.38 -11.87 22.75
CA ASP B 366 24.18 -12.30 21.62
C ASP B 366 23.58 -13.48 20.86
N MET B 367 22.50 -14.06 21.36
CA MET B 367 21.82 -15.13 20.65
C MET B 367 20.96 -14.61 19.50
N LEU B 368 20.69 -13.32 19.48
CA LEU B 368 19.84 -12.68 18.47
C LEU B 368 20.68 -11.71 17.65
N PRO B 369 21.13 -12.11 16.46
CA PRO B 369 22.07 -11.28 15.69
C PRO B 369 21.56 -9.86 15.50
N ALA B 370 22.45 -8.90 15.68
CA ALA B 370 22.08 -7.50 15.51
C ALA B 370 21.67 -7.25 14.06
N LEU B 371 20.75 -6.30 13.89
CA LEU B 371 20.31 -5.88 12.57
C LEU B 371 21.25 -4.77 12.09
N THR B 372 22.24 -5.14 11.28
CA THR B 372 23.12 -4.16 10.64
C THR B 372 22.29 -3.12 9.90
N ASP B 373 22.86 -1.93 9.65
CA ASP B 373 22.10 -0.88 8.99
C ASP B 373 21.67 -1.29 7.60
N GLU B 374 22.48 -2.12 6.93
CA GLU B 374 22.05 -2.75 5.69
C GLU B 374 20.80 -3.60 5.92
N ASP B 375 20.82 -4.44 6.96
CA ASP B 375 19.64 -5.23 7.31
C ASP B 375 18.41 -4.34 7.45
N LYS B 376 18.51 -3.29 8.27
CA LYS B 376 17.36 -2.43 8.53
C LYS B 376 16.88 -1.74 7.28
N GLY B 377 17.80 -1.44 6.35
CA GLY B 377 17.40 -0.81 5.09
C GLY B 377 16.43 -1.68 4.32
N TYR B 378 16.63 -3.00 4.36
CA TYR B 378 15.72 -3.90 3.69
C TYR B 378 14.44 -4.14 4.47
N ILE B 379 14.50 -4.13 5.79
CA ILE B 379 13.44 -4.67 6.63
C ILE B 379 12.47 -3.59 7.10
N LYS B 380 12.98 -2.44 7.56
CA LYS B 380 12.09 -1.35 7.92
C LYS B 380 11.26 -0.93 6.70
N GLY B 381 9.95 -0.81 6.92
CA GLY B 381 9.00 -0.47 5.87
C GLY B 381 8.66 -1.60 4.91
N SER B 382 9.07 -2.83 5.19
CA SER B 382 8.83 -3.94 4.28
C SER B 382 7.47 -4.56 4.52
N GLY B 383 6.53 -3.80 5.07
CA GLY B 383 5.18 -4.31 5.25
C GLY B 383 4.06 -3.45 4.71
N ASP B 384 3.58 -3.71 3.49
CA ASP B 384 2.48 -2.91 2.94
C ASP B 384 1.22 -3.10 3.75
N ILE B 385 0.98 -4.32 4.23
CA ILE B 385 -0.19 -4.68 5.00
C ILE B 385 0.26 -5.38 6.27
N PHE B 386 -0.50 -5.20 7.34
CA PHE B 386 -0.36 -6.03 8.52
C PHE B 386 -1.40 -7.16 8.44
N ALA B 387 -1.06 -8.30 9.02
CA ALA B 387 -2.01 -9.40 9.16
C ALA B 387 -1.84 -10.06 10.53
N ILE B 388 -2.94 -10.28 11.24
CA ILE B 388 -2.92 -10.90 12.57
C ILE B 388 -3.80 -12.13 12.54
N ASP B 389 -3.20 -13.30 12.78
CA ASP B 389 -3.94 -14.53 13.01
C ASP B 389 -4.51 -14.43 14.42
N GLY B 390 -5.64 -13.71 14.54
CA GLY B 390 -6.14 -13.31 15.84
C GLY B 390 -7.05 -14.32 16.54
N TYR B 391 -6.57 -15.55 16.74
CA TYR B 391 -7.42 -16.59 17.34
C TYR B 391 -7.92 -16.19 18.71
N ARG B 392 -7.06 -15.52 19.51
CA ARG B 392 -7.43 -15.34 20.91
C ARG B 392 -6.59 -14.23 21.55
N THR B 393 -6.95 -13.92 22.79
CA THR B 393 -6.22 -13.00 23.67
C THR B 393 -5.97 -13.73 24.99
N ASP B 394 -4.84 -13.51 25.62
CA ASP B 394 -4.51 -14.22 26.85
C ASP B 394 -4.53 -13.28 28.06
N ILE B 395 -4.25 -13.86 29.23
CA ILE B 395 -4.09 -13.13 30.48
C ILE B 395 -2.67 -13.34 30.95
N SER B 396 -2.01 -12.26 31.39
CA SER B 396 -0.63 -12.34 31.85
C SER B 396 -0.57 -12.20 33.36
N HIS B 397 0.00 -13.22 34.02
CA HIS B 397 0.43 -13.15 35.41
C HIS B 397 1.95 -13.10 35.43
N ALA B 398 2.50 -12.07 36.08
CA ALA B 398 3.95 -12.01 36.26
C ALA B 398 4.42 -13.27 36.96
N ALA B 399 5.59 -13.78 36.52
CA ALA B 399 6.22 -14.95 37.14
C ALA B 399 6.12 -14.90 38.65
N LEU B 400 5.69 -16.01 39.25
CA LEU B 400 5.49 -16.02 40.69
C LEU B 400 6.79 -15.78 41.43
N ASN B 401 7.92 -16.25 40.90
CA ASN B 401 9.21 -16.03 41.53
C ASN B 401 9.83 -14.68 41.19
N GLY B 402 9.10 -13.75 40.59
CA GLY B 402 9.69 -12.46 40.25
C GLY B 402 10.23 -12.42 38.83
N ILE B 403 9.88 -11.37 38.09
CA ILE B 403 10.29 -11.29 36.68
C ILE B 403 11.80 -11.19 36.58
N ALA B 404 12.41 -10.28 37.36
CA ALA B 404 13.85 -10.10 37.38
C ALA B 404 14.56 -11.43 37.59
N ASN B 405 14.11 -12.20 38.57
CA ASN B 405 14.70 -13.51 38.79
C ASN B 405 14.49 -14.43 37.59
N CYS B 406 13.38 -14.28 36.88
CA CYS B 406 13.11 -15.22 35.79
C CYS B 406 13.94 -14.87 34.55
N ILE B 407 14.04 -13.59 34.20
CA ILE B 407 14.74 -13.24 32.96
C ILE B 407 16.23 -13.50 33.04
N ARG B 408 16.79 -13.64 34.24
CA ARG B 408 18.21 -13.98 34.37
C ARG B 408 18.50 -15.44 34.04
N ASN B 409 17.50 -16.31 34.09
CA ASN B 409 17.71 -17.75 34.14
C ASN B 409 17.05 -18.43 32.94
N GLN B 410 17.83 -18.69 31.89
CA GLN B 410 17.32 -19.33 30.69
C GLN B 410 16.72 -20.70 30.99
N SER B 411 16.92 -21.20 32.20
CA SER B 411 16.37 -22.49 32.57
C SER B 411 15.05 -22.40 33.34
N ASP B 412 14.69 -21.22 33.81
CA ASP B 412 13.37 -21.02 34.38
C ASP B 412 12.30 -21.43 33.37
N PRO B 413 11.25 -22.14 33.79
CA PRO B 413 10.24 -22.61 32.82
C PRO B 413 9.48 -21.49 32.13
N ASN B 414 9.48 -20.28 32.69
CA ASN B 414 8.78 -19.14 32.09
C ASN B 414 9.70 -18.20 31.34
N TRP B 415 10.91 -18.62 31.07
CA TRP B 415 11.85 -17.86 30.24
C TRP B 415 11.50 -18.07 28.77
N PRO B 416 11.51 -17.01 27.94
CA PRO B 416 11.90 -15.63 28.25
C PRO B 416 10.79 -14.65 28.64
N VAL B 417 9.52 -14.99 28.42
CA VAL B 417 8.46 -14.02 28.65
C VAL B 417 8.37 -13.66 30.13
N CYS B 418 8.56 -14.65 31.00
CA CYS B 418 8.53 -14.45 32.45
C CYS B 418 7.17 -13.95 32.94
N GLU B 419 6.11 -14.38 32.24
CA GLU B 419 4.77 -14.56 32.77
C GLU B 419 4.61 -16.03 33.10
N GLU B 420 3.64 -16.36 33.98
CA GLU B 420 3.27 -17.76 34.15
C GLU B 420 2.62 -18.24 32.86
N GLY B 421 3.30 -19.13 32.13
CA GLY B 421 2.85 -19.51 30.81
C GLY B 421 1.86 -20.67 30.76
N SER B 422 1.72 -21.43 31.83
CA SER B 422 0.83 -22.59 31.82
C SER B 422 -0.64 -22.19 31.70
N ASP B 423 -1.45 -23.14 31.24
CA ASP B 423 -2.87 -22.88 31.03
C ASP B 423 -3.60 -22.43 32.28
N PRO B 424 -3.34 -22.97 33.48
CA PRO B 424 -4.08 -22.48 34.66
C PRO B 424 -3.93 -20.98 34.89
N PHE B 425 -2.95 -20.33 34.28
CA PHE B 425 -2.74 -18.89 34.39
C PHE B 425 -3.04 -18.12 33.11
N ALA B 426 -2.60 -18.62 31.97
CA ALA B 426 -2.70 -17.85 30.73
C ALA B 426 -4.13 -17.62 30.29
N HIS B 427 -5.11 -18.35 30.83
CA HIS B 427 -6.49 -18.14 30.46
C HIS B 427 -7.38 -17.75 31.62
N VAL B 428 -6.83 -17.55 32.82
CA VAL B 428 -7.64 -17.53 34.02
C VAL B 428 -7.45 -16.23 34.79
N TYR B 429 -8.55 -15.57 35.10
CA TYR B 429 -8.55 -14.40 35.95
C TYR B 429 -8.16 -14.76 37.37
N PRO B 430 -7.71 -13.77 38.15
CA PRO B 430 -7.62 -13.96 39.61
C PRO B 430 -8.86 -14.59 40.23
N SER B 431 -10.05 -14.33 39.66
CA SER B 431 -11.29 -14.94 40.14
C SER B 431 -11.27 -16.45 40.07
N GLY B 432 -10.35 -17.04 39.30
CA GLY B 432 -10.40 -18.44 38.97
C GLY B 432 -11.33 -18.79 37.83
N PHE B 433 -12.19 -17.86 37.41
CA PHE B 433 -12.93 -18.06 36.19
C PHE B 433 -12.09 -17.69 34.97
N ALA B 434 -12.36 -18.37 33.86
CA ALA B 434 -11.59 -18.21 32.62
C ALA B 434 -11.96 -16.91 31.91
N ILE B 435 -11.04 -16.50 31.01
CA ILE B 435 -11.33 -15.33 30.17
C ILE B 435 -12.50 -15.62 29.23
N GLY B 436 -12.65 -16.87 28.80
CA GLY B 436 -13.74 -17.24 27.91
C GLY B 436 -13.76 -18.74 27.69
N GLN B 437 -14.70 -19.15 26.85
CA GLN B 437 -14.89 -20.55 26.48
C GLN B 437 -13.61 -21.18 25.93
N SER B 438 -13.23 -22.33 26.46
CA SER B 438 -12.13 -23.10 25.89
C SER B 438 -12.64 -23.99 24.77
N ALA B 439 -11.76 -24.25 23.80
CA ALA B 439 -12.02 -25.25 22.76
C ALA B 439 -11.51 -26.61 23.18
N ASP B 440 -11.13 -27.44 22.21
CA ASP B 440 -10.60 -28.77 22.51
C ASP B 440 -9.32 -28.66 23.36
N PRO B 441 -9.17 -29.50 24.40
CA PRO B 441 -7.98 -29.36 25.29
C PRO B 441 -6.65 -29.75 24.64
N LEU B 442 -6.64 -30.44 23.51
CA LEU B 442 -5.38 -30.68 22.82
C LEU B 442 -4.86 -29.42 22.16
N SER B 443 -5.73 -28.43 21.93
CA SER B 443 -5.33 -27.10 21.48
C SER B 443 -5.76 -26.09 22.54
N SER B 444 -5.26 -26.26 23.77
CA SER B 444 -5.77 -25.50 24.89
C SER B 444 -5.40 -24.03 24.82
N TRP B 445 -4.44 -23.66 23.96
CA TRP B 445 -4.17 -22.26 23.71
C TRP B 445 -5.39 -21.53 23.16
N LEU B 446 -6.29 -22.26 22.47
CA LEU B 446 -7.45 -21.64 21.82
C LEU B 446 -8.59 -21.39 22.80
N VAL B 447 -9.03 -20.13 22.89
CA VAL B 447 -10.25 -19.77 23.61
C VAL B 447 -11.06 -18.82 22.73
N ASN B 448 -12.33 -18.62 23.11
CA ASN B 448 -13.20 -17.60 22.53
C ASN B 448 -13.06 -16.33 23.36
N SER B 449 -12.22 -15.40 22.89
CA SER B 449 -12.02 -14.10 23.52
C SER B 449 -12.52 -12.96 22.64
N ALA B 450 -13.68 -13.14 22.00
CA ALA B 450 -14.18 -12.14 21.06
C ALA B 450 -14.28 -10.73 21.64
N PRO B 451 -14.74 -10.52 22.88
CA PRO B 451 -14.86 -9.14 23.38
C PRO B 451 -13.54 -8.39 23.40
N PHE B 452 -12.42 -9.05 23.18
CA PHE B 452 -11.10 -8.44 23.26
C PHE B 452 -10.53 -8.14 21.88
N ILE B 453 -11.24 -8.49 20.82
CA ILE B 453 -10.75 -8.33 19.45
C ILE B 453 -10.48 -6.86 19.13
N ARG B 454 -11.39 -5.96 19.50
CA ARG B 454 -11.24 -4.58 19.08
C ARG B 454 -9.98 -3.94 19.67
N ASP B 455 -9.72 -4.20 20.96
CA ASP B 455 -8.52 -3.64 21.57
C ASP B 455 -7.25 -4.23 20.97
N GLN B 456 -7.27 -5.51 20.58
CA GLN B 456 -6.11 -6.04 19.87
C GLN B 456 -5.89 -5.26 18.57
N LEU B 457 -6.97 -5.02 17.83
CA LEU B 457 -6.84 -4.33 16.54
C LEU B 457 -6.38 -2.88 16.74
N LYS B 458 -6.97 -2.19 17.72
CA LYS B 458 -6.50 -0.83 18.05
C LYS B 458 -5.01 -0.83 18.38
N PHE B 459 -4.59 -1.71 19.28
CA PHE B 459 -3.16 -1.74 19.62
C PHE B 459 -2.31 -1.98 18.38
N LEU B 460 -2.71 -2.93 17.54
CA LEU B 460 -1.83 -3.34 16.44
C LEU B 460 -1.72 -2.25 15.36
N THR B 461 -2.84 -1.62 15.00
CA THR B 461 -2.82 -0.60 13.95
C THR B 461 -2.18 0.72 14.41
N GLN B 462 -2.29 1.06 15.70
CA GLN B 462 -1.54 2.20 16.22
C GLN B 462 -0.07 1.90 16.42
N THR B 463 0.30 0.64 16.68
CA THR B 463 1.69 0.32 16.99
C THR B 463 2.46 -0.13 15.76
N TYR B 464 1.81 -0.81 14.83
CA TYR B 464 2.47 -1.36 13.64
C TYR B 464 1.72 -0.93 12.39
N PRO B 465 1.54 0.37 12.20
CA PRO B 465 0.65 0.84 11.14
C PRO B 465 1.21 0.45 9.79
N ALA B 466 0.33 0.07 8.90
CA ALA B 466 0.69 -0.28 7.53
C ALA B 466 -0.21 0.48 6.59
N LYS B 467 0.37 1.01 5.50
CA LYS B 467 -0.38 1.91 4.64
C LYS B 467 -1.62 1.22 4.07
N GLY B 468 -1.54 -0.07 3.82
CA GLY B 468 -2.62 -0.85 3.28
C GLY B 468 -3.54 -1.53 4.28
N GLY B 469 -3.41 -1.27 5.58
CA GLY B 469 -4.38 -1.78 6.55
C GLY B 469 -4.01 -3.10 7.20
N ILE B 470 -5.02 -3.79 7.73
CA ILE B 470 -4.80 -5.00 8.51
C ILE B 470 -5.81 -6.06 8.12
N TYR B 471 -5.33 -7.28 7.88
CA TYR B 471 -6.19 -8.45 7.70
C TYR B 471 -6.33 -9.23 9.02
N PHE B 472 -7.53 -9.78 9.24
CA PHE B 472 -7.74 -10.81 10.25
C PHE B 472 -7.57 -12.14 9.53
N SER B 473 -6.30 -12.56 9.43
CA SER B 473 -5.85 -13.54 8.46
C SER B 473 -6.03 -14.99 8.87
N ALA B 474 -6.34 -15.28 10.14
CA ALA B 474 -6.66 -16.66 10.52
C ALA B 474 -7.40 -16.64 11.84
N PHE B 475 -8.49 -17.40 11.91
CA PHE B 475 -9.25 -17.58 13.14
C PHE B 475 -10.22 -18.72 12.90
N GLY B 476 -10.34 -19.61 13.88
CA GLY B 476 -11.15 -20.79 13.71
C GLY B 476 -11.26 -21.54 15.02
N TRP B 477 -12.04 -22.61 15.00
CA TRP B 477 -12.38 -23.30 16.24
C TRP B 477 -12.14 -24.79 16.09
N ALA B 478 -11.57 -25.39 17.14
CA ALA B 478 -11.47 -26.85 17.27
C ALA B 478 -12.53 -27.31 18.28
N GLU B 479 -13.69 -27.71 17.76
CA GLU B 479 -14.79 -28.20 18.59
C GLU B 479 -14.35 -29.39 19.45
N ASP B 480 -14.57 -29.29 20.76
CA ASP B 480 -14.09 -30.31 21.71
C ASP B 480 -14.54 -31.71 21.30
N ALA B 481 -13.57 -32.62 21.16
CA ALA B 481 -13.83 -34.04 20.92
C ALA B 481 -14.68 -34.28 19.68
N GLU B 482 -14.62 -33.37 18.69
CA GLU B 482 -15.37 -33.61 17.46
C GLU B 482 -14.86 -34.87 16.76
N TYR B 483 -13.59 -35.21 16.97
CA TYR B 483 -13.00 -36.41 16.40
C TYR B 483 -13.62 -37.69 16.95
N ASP B 484 -14.31 -37.62 18.09
CA ASP B 484 -14.91 -38.81 18.69
C ASP B 484 -16.35 -39.05 18.24
N ARG B 485 -16.92 -38.15 17.46
CA ARG B 485 -18.25 -38.38 16.94
C ARG B 485 -18.17 -39.45 15.85
N GLN B 486 -19.15 -40.35 15.84
CA GLN B 486 -19.23 -41.35 14.78
C GLN B 486 -20.37 -41.11 13.80
N LEU B 487 -21.38 -40.35 14.17
CA LEU B 487 -22.53 -40.16 13.30
C LEU B 487 -22.50 -38.73 12.77
N LEU B 488 -22.73 -38.58 11.45
CA LEU B 488 -22.52 -37.31 10.78
C LEU B 488 -23.35 -36.19 11.40
N TYR B 489 -24.65 -36.44 11.69
CA TYR B 489 -25.50 -35.36 12.17
C TYR B 489 -25.01 -34.80 13.49
N GLN B 490 -24.30 -35.62 14.28
CA GLN B 490 -23.70 -35.11 15.50
C GLN B 490 -22.53 -34.15 15.21
N ILE B 491 -21.79 -34.38 14.12
CA ILE B 491 -20.67 -33.54 13.77
C ILE B 491 -21.15 -32.19 13.25
N THR B 492 -22.10 -32.22 12.31
CA THR B 492 -22.38 -31.03 11.48
C THR B 492 -23.07 -29.91 12.26
N TRP B 493 -23.86 -30.23 13.29
CA TRP B 493 -24.44 -29.17 14.12
C TRP B 493 -23.40 -28.78 15.18
N ASP B 494 -22.49 -27.86 14.78
CA ASP B 494 -21.29 -27.53 15.57
C ASP B 494 -21.47 -26.17 16.25
N GLY B 495 -22.14 -26.19 17.41
CA GLY B 495 -22.58 -24.95 18.03
C GLY B 495 -21.44 -24.00 18.37
N LEU B 496 -20.44 -24.49 19.08
CA LEU B 496 -19.42 -23.59 19.60
C LEU B 496 -18.53 -23.02 18.49
N ARG B 497 -18.29 -23.77 17.42
CA ARG B 497 -17.60 -23.19 16.26
C ARG B 497 -18.48 -22.16 15.57
N THR B 498 -19.76 -22.48 15.41
CA THR B 498 -20.69 -21.51 14.87
C THR B 498 -20.69 -20.24 15.70
N GLN B 499 -20.74 -20.40 17.03
CA GLN B 499 -20.71 -19.23 17.92
C GLN B 499 -19.41 -18.44 17.75
N TYR B 500 -18.28 -19.13 17.68
CA TYR B 500 -16.99 -18.48 17.61
C TYR B 500 -16.84 -17.68 16.31
N LEU B 501 -17.18 -18.29 15.18
CA LEU B 501 -17.13 -17.59 13.90
C LEU B 501 -18.03 -16.36 13.90
N THR B 502 -19.27 -16.51 14.38
CA THR B 502 -20.20 -15.38 14.41
C THR B 502 -19.70 -14.29 15.34
N ASP B 503 -19.26 -14.66 16.55
CA ASP B 503 -18.79 -13.68 17.52
C ASP B 503 -17.63 -12.88 16.94
N TYR B 504 -16.66 -13.58 16.34
CA TYR B 504 -15.46 -12.92 15.86
C TYR B 504 -15.80 -11.99 14.70
N LEU B 505 -16.61 -12.47 13.75
CA LEU B 505 -17.00 -11.64 12.61
C LEU B 505 -17.73 -10.40 13.08
N SER B 506 -18.67 -10.56 14.04
CA SER B 506 -19.38 -9.41 14.58
C SER B 506 -18.42 -8.36 15.13
N GLN B 507 -17.37 -8.80 15.83
CA GLN B 507 -16.45 -7.82 16.39
C GLN B 507 -15.60 -7.17 15.32
N LEU B 508 -15.26 -7.91 14.26
CA LEU B 508 -14.56 -7.34 13.12
C LEU B 508 -15.41 -6.25 12.47
N LEU B 509 -16.68 -6.52 12.27
CA LEU B 509 -17.58 -5.54 11.69
C LEU B 509 -17.62 -4.27 12.52
N LEU B 510 -17.77 -4.43 13.84
CA LEU B 510 -17.82 -3.29 14.73
C LEU B 510 -16.48 -2.56 14.77
N ALA B 511 -15.37 -3.27 14.64
CA ALA B 511 -14.08 -2.62 14.59
C ALA B 511 -14.01 -1.63 13.43
N VAL B 512 -14.62 -1.98 12.29
CA VAL B 512 -14.66 -1.10 11.14
C VAL B 512 -15.52 0.12 11.43
N HIS B 513 -16.76 -0.10 11.87
CA HIS B 513 -17.72 0.98 11.92
C HIS B 513 -17.53 1.87 13.15
N LYS B 514 -17.10 1.30 14.27
CA LYS B 514 -17.00 2.09 15.48
C LYS B 514 -15.59 2.52 15.79
N ASP B 515 -14.59 1.79 15.34
CA ASP B 515 -13.20 2.13 15.60
C ASP B 515 -12.47 2.62 14.35
N GLY B 516 -13.12 2.66 13.19
CA GLY B 516 -12.43 3.05 11.97
C GLY B 516 -11.19 2.26 11.67
N ILE B 517 -11.17 0.97 12.00
CA ILE B 517 -10.01 0.15 11.66
C ILE B 517 -10.02 -0.12 10.16
N ASN B 518 -8.87 0.11 9.51
CA ASN B 518 -8.75 -0.19 8.09
C ASN B 518 -8.64 -1.72 7.86
N LEU B 519 -9.72 -2.40 8.21
CA LEU B 519 -9.78 -3.86 8.16
C LEU B 519 -9.98 -4.31 6.72
N ARG B 520 -9.03 -5.07 6.19
CA ARG B 520 -9.04 -5.42 4.76
C ARG B 520 -9.74 -6.75 4.46
N GLY B 521 -9.86 -7.64 5.44
CA GLY B 521 -10.38 -8.96 5.15
C GLY B 521 -10.44 -9.81 6.41
N ALA B 522 -11.10 -10.96 6.25
CA ALA B 522 -11.37 -11.92 7.32
C ALA B 522 -11.23 -13.31 6.72
N LEU B 523 -10.24 -14.08 7.20
CA LEU B 523 -9.94 -15.40 6.65
C LEU B 523 -10.03 -16.43 7.76
N THR B 524 -10.99 -17.34 7.65
CA THR B 524 -11.17 -18.33 8.71
C THR B 524 -10.32 -19.56 8.42
N TRP B 525 -9.66 -20.05 9.47
CA TRP B 525 -8.98 -21.34 9.47
C TRP B 525 -9.93 -22.37 10.08
N SER B 526 -10.47 -23.27 9.28
CA SER B 526 -10.13 -23.47 7.89
C SER B 526 -11.41 -23.89 7.14
N PHE B 527 -11.35 -24.04 5.82
CA PHE B 527 -12.55 -24.48 5.11
C PHE B 527 -12.79 -25.98 5.21
N VAL B 528 -11.78 -26.77 5.59
CA VAL B 528 -11.91 -28.20 5.80
C VAL B 528 -11.15 -28.60 7.05
N ASP B 529 -11.63 -29.68 7.70
CA ASP B 529 -10.79 -30.41 8.64
C ASP B 529 -9.50 -30.79 7.93
N ASN B 530 -8.35 -30.55 8.57
CA ASN B 530 -7.11 -30.85 7.86
C ASN B 530 -6.04 -31.37 8.83
N TRP B 531 -4.83 -31.55 8.30
CA TRP B 531 -3.71 -32.13 9.05
C TRP B 531 -3.15 -31.04 9.94
N GLU B 532 -3.48 -31.10 11.24
CA GLU B 532 -3.12 -30.04 12.17
C GLU B 532 -1.76 -30.38 12.81
N TRP B 533 -0.72 -30.27 11.98
CA TRP B 533 0.66 -30.46 12.44
C TRP B 533 0.82 -31.68 13.34
N GLY B 534 1.31 -31.46 14.56
CA GLY B 534 1.63 -32.57 15.45
C GLY B 534 0.44 -33.41 15.85
N LEU B 535 -0.76 -32.84 15.80
CA LEU B 535 -1.98 -33.55 16.14
C LEU B 535 -2.55 -34.31 14.95
N GLY B 536 -2.06 -34.03 13.74
CA GLY B 536 -2.54 -34.72 12.57
C GLY B 536 -4.00 -34.44 12.30
N MET B 537 -4.67 -35.40 11.64
CA MET B 537 -6.07 -35.20 11.31
C MET B 537 -7.00 -35.31 12.51
N GLN B 538 -6.50 -35.52 13.73
CA GLN B 538 -7.41 -35.70 14.85
C GLN B 538 -8.12 -34.39 15.16
N GLN B 539 -7.37 -33.29 15.18
CA GLN B 539 -7.90 -32.00 15.58
C GLN B 539 -8.66 -31.37 14.42
N LYS B 540 -9.90 -30.93 14.68
CA LYS B 540 -10.83 -30.57 13.61
C LYS B 540 -11.06 -29.05 13.60
N PHE B 541 -10.51 -28.35 12.60
CA PHE B 541 -10.67 -26.90 12.50
C PHE B 541 -11.60 -26.45 11.38
N GLY B 542 -12.15 -27.36 10.59
CA GLY B 542 -12.89 -26.96 9.40
C GLY B 542 -14.31 -26.53 9.71
N PHE B 543 -14.83 -25.62 8.89
CA PHE B 543 -16.28 -25.49 8.85
C PHE B 543 -16.90 -26.50 7.88
N GLN B 544 -16.08 -27.39 7.32
CA GLN B 544 -16.55 -28.61 6.66
C GLN B 544 -15.85 -29.82 7.25
N PHE B 545 -16.61 -30.90 7.36
CA PHE B 545 -16.15 -32.18 7.84
C PHE B 545 -15.56 -32.95 6.67
N VAL B 546 -14.41 -33.57 6.90
CA VAL B 546 -13.78 -34.44 5.91
C VAL B 546 -13.84 -35.84 6.47
N ASN B 547 -14.46 -36.74 5.72
CA ASN B 547 -14.59 -38.12 6.16
C ASN B 547 -13.30 -38.87 5.82
N GLN B 548 -12.43 -39.03 6.83
CA GLN B 548 -11.15 -39.71 6.65
C GLN B 548 -11.31 -41.23 6.52
N SER B 549 -12.46 -41.78 6.89
CA SER B 549 -12.76 -43.18 6.65
C SER B 549 -13.41 -43.41 5.30
N ASP B 550 -13.43 -42.42 4.42
CA ASP B 550 -14.00 -42.59 3.09
C ASP B 550 -12.90 -42.39 2.06
N PRO B 551 -12.74 -43.30 1.10
CA PRO B 551 -11.70 -43.12 0.08
C PRO B 551 -11.79 -41.80 -0.68
N ASP B 552 -13.00 -41.29 -0.91
CA ASP B 552 -13.09 -40.01 -1.60
C ASP B 552 -12.90 -38.82 -0.68
N LEU B 553 -12.75 -39.02 0.63
CA LEU B 553 -12.55 -37.93 1.58
C LEU B 553 -13.67 -36.89 1.42
N THR B 554 -14.90 -37.39 1.32
CA THR B 554 -16.07 -36.55 1.13
C THR B 554 -16.14 -35.42 2.15
N ARG B 555 -16.33 -34.21 1.64
CA ARG B 555 -16.64 -33.01 2.41
C ARG B 555 -18.14 -32.94 2.74
N THR B 556 -18.45 -32.41 3.91
CA THR B 556 -19.83 -32.15 4.32
C THR B 556 -19.85 -30.81 5.02
N PHE B 557 -20.82 -29.96 4.69
CA PHE B 557 -20.90 -28.66 5.36
C PHE B 557 -21.27 -28.84 6.82
N LYS B 558 -20.56 -28.17 7.72
CA LYS B 558 -21.05 -28.06 9.09
C LYS B 558 -21.92 -26.81 9.19
N LEU B 559 -22.67 -26.72 10.30
CA LEU B 559 -23.49 -25.52 10.51
C LEU B 559 -22.66 -24.25 10.46
N SER B 560 -21.40 -24.31 10.87
CA SER B 560 -20.57 -23.11 10.89
C SER B 560 -20.30 -22.60 9.48
N ALA B 561 -20.18 -23.49 8.50
CA ALA B 561 -20.03 -23.02 7.11
C ALA B 561 -21.25 -22.20 6.69
N HIS B 562 -22.44 -22.64 7.08
CA HIS B 562 -23.65 -21.89 6.74
C HIS B 562 -23.75 -20.60 7.53
N ALA B 563 -23.25 -20.59 8.76
CA ALA B 563 -23.21 -19.35 9.53
C ALA B 563 -22.25 -18.35 8.89
N TYR B 564 -21.11 -18.83 8.39
CA TYR B 564 -20.19 -17.97 7.64
C TYR B 564 -20.85 -17.43 6.38
N ALA B 565 -21.54 -18.32 5.65
CA ALA B 565 -22.24 -17.92 4.44
C ALA B 565 -23.25 -16.82 4.73
N GLN B 566 -24.11 -17.04 5.72
CA GLN B 566 -25.16 -16.10 6.05
C GLN B 566 -24.59 -14.76 6.49
N PHE B 567 -23.48 -14.78 7.23
CA PHE B 567 -22.88 -13.53 7.67
C PHE B 567 -22.38 -12.71 6.48
N GLY B 568 -21.81 -13.37 5.47
CA GLY B 568 -21.36 -12.64 4.31
C GLY B 568 -22.53 -12.14 3.47
N ARG B 569 -23.61 -12.90 3.43
CA ARG B 569 -24.78 -12.43 2.72
C ARG B 569 -25.37 -11.21 3.41
N ASN B 570 -25.29 -11.15 4.73
CA ASN B 570 -25.89 -10.05 5.44
C ASN B 570 -24.99 -8.81 5.50
N HIS B 571 -23.67 -8.97 5.51
CA HIS B 571 -22.80 -7.88 5.88
C HIS B 571 -21.71 -7.59 4.84
N LEU B 572 -21.79 -8.16 3.65
CA LEU B 572 -20.94 -7.74 2.55
C LEU B 572 -21.75 -6.84 1.63
N HIS B 573 -21.08 -5.85 1.03
CA HIS B 573 -21.66 -5.15 -0.11
C HIS B 573 -21.75 -6.12 -1.28
N HIS B 574 -22.92 -6.15 -1.94
CA HIS B 574 -23.12 -7.02 -3.09
C HIS B 574 -23.48 -6.24 -4.35
N HIS B 575 -23.33 -4.92 -4.33
CA HIS B 575 -23.74 -4.05 -5.44
C HIS B 575 -22.64 -3.05 -5.83
N GLY C 33 -29.26 37.41 -29.42
CA GLY C 33 -28.61 37.65 -28.15
C GLY C 33 -29.21 38.81 -27.38
N THR C 34 -28.98 38.84 -26.07
CA THR C 34 -29.61 39.85 -25.23
C THR C 34 -29.01 41.23 -25.49
N ALA C 35 -29.79 42.25 -25.16
CA ALA C 35 -29.34 43.62 -25.36
C ALA C 35 -28.13 43.92 -24.49
N GLU C 36 -28.10 43.38 -23.26
CA GLU C 36 -26.98 43.66 -22.36
C GLU C 36 -25.67 43.11 -22.90
N LEU C 37 -25.71 41.92 -23.51
CA LEU C 37 -24.51 41.32 -24.06
C LEU C 37 -23.90 42.20 -25.14
N ASP C 38 -24.75 42.72 -26.05
CA ASP C 38 -24.26 43.61 -27.09
C ASP C 38 -23.64 44.86 -26.50
N ALA C 39 -24.28 45.42 -25.47
CA ALA C 39 -23.72 46.61 -24.82
C ALA C 39 -22.37 46.30 -24.18
N LEU C 40 -22.22 45.11 -23.61
CA LEU C 40 -20.97 44.77 -22.95
C LEU C 40 -19.83 44.65 -23.95
N TRP C 41 -20.11 44.04 -25.10
CA TRP C 41 -19.09 43.91 -26.14
C TRP C 41 -18.80 45.27 -26.78
N ASN C 42 -19.81 46.13 -26.92
CA ASN C 42 -19.58 47.48 -27.44
C ASN C 42 -18.67 48.27 -26.51
N LEU C 43 -18.83 48.07 -25.20
CA LEU C 43 -17.91 48.66 -24.25
C LEU C 43 -16.50 48.09 -24.41
N VAL C 44 -16.39 46.76 -24.43
CA VAL C 44 -15.08 46.12 -24.63
C VAL C 44 -14.42 46.64 -25.91
N GLU C 45 -15.20 46.76 -26.99
CA GLU C 45 -14.65 47.10 -28.30
C GLU C 45 -14.66 48.61 -28.58
N ALA C 46 -14.84 49.44 -27.56
CA ALA C 46 -14.98 50.87 -27.81
C ALA C 46 -13.69 51.51 -28.30
N GLN C 47 -12.54 50.89 -28.09
CA GLN C 47 -11.34 51.42 -28.72
C GLN C 47 -10.83 50.55 -29.85
N TYR C 48 -10.96 49.22 -29.73
CA TYR C 48 -10.50 48.28 -30.75
C TYR C 48 -11.47 47.11 -30.80
N PRO C 49 -11.99 46.77 -31.98
CA PRO C 49 -12.88 45.61 -32.09
C PRO C 49 -12.09 44.31 -31.91
N VAL C 50 -12.83 43.28 -31.50
CA VAL C 50 -12.28 41.93 -31.46
C VAL C 50 -11.88 41.50 -32.87
N GLN C 51 -10.69 40.91 -32.99
CA GLN C 51 -10.22 40.42 -34.28
C GLN C 51 -10.57 38.95 -34.45
N THR C 52 -10.72 38.54 -35.70
CA THR C 52 -11.17 37.21 -36.06
C THR C 52 -10.04 36.40 -36.68
N ALA C 53 -9.98 35.11 -36.34
CA ALA C 53 -9.02 34.20 -36.95
C ALA C 53 -9.31 33.96 -38.43
N ALA C 54 -8.26 33.63 -39.19
CA ALA C 54 -8.45 33.28 -40.59
C ALA C 54 -9.31 32.03 -40.75
N VAL C 55 -9.36 31.16 -39.74
CA VAL C 55 -10.18 29.95 -39.76
C VAL C 55 -11.22 30.07 -38.65
N THR C 56 -12.51 30.08 -39.03
CA THR C 56 -13.58 30.18 -38.04
C THR C 56 -14.58 29.04 -38.18
N THR C 57 -14.16 27.90 -38.73
CA THR C 57 -14.97 26.70 -38.77
C THR C 57 -14.21 25.59 -38.05
N LEU C 58 -14.96 24.65 -37.48
CA LEU C 58 -14.38 23.46 -36.88
C LEU C 58 -13.58 22.68 -37.91
N VAL C 59 -12.32 22.36 -37.59
CA VAL C 59 -11.50 21.66 -38.57
C VAL C 59 -11.81 20.17 -38.53
N THR C 60 -11.62 19.51 -39.66
CA THR C 60 -11.72 18.06 -39.73
C THR C 60 -10.33 17.51 -39.99
N VAL C 61 -9.96 16.48 -39.24
CA VAL C 61 -8.66 15.85 -39.35
C VAL C 61 -8.73 14.82 -40.46
N PRO C 62 -7.88 14.90 -41.49
CA PRO C 62 -7.87 13.84 -42.51
C PRO C 62 -7.33 12.54 -41.94
N ASP C 63 -7.88 11.42 -42.44
CA ASP C 63 -7.48 10.11 -41.93
C ASP C 63 -5.99 9.84 -42.11
N ASP C 64 -5.37 10.38 -43.15
CA ASP C 64 -3.93 10.20 -43.26
C ASP C 64 -3.18 11.52 -43.04
N TYR C 65 -3.55 12.24 -41.99
CA TYR C 65 -2.79 13.42 -41.61
C TYR C 65 -1.34 13.01 -41.33
N LYS C 66 -0.40 13.68 -41.98
CA LYS C 66 1.01 13.35 -41.83
C LYS C 66 1.61 14.19 -40.71
N PHE C 67 2.20 13.52 -39.72
CA PHE C 67 2.93 14.24 -38.69
C PHE C 67 4.34 14.52 -39.17
N GLU C 68 4.92 15.60 -38.66
CA GLU C 68 6.30 15.90 -39.00
C GLU C 68 7.20 14.78 -38.48
N ALA C 69 8.35 14.61 -39.12
CA ALA C 69 9.17 13.46 -38.74
C ALA C 69 9.78 13.66 -37.35
N ASP C 70 10.08 12.53 -36.71
CA ASP C 70 10.70 12.49 -35.41
C ASP C 70 12.06 13.17 -35.41
N PRO C 71 12.52 13.63 -34.25
CA PRO C 71 13.89 14.15 -34.12
C PRO C 71 14.90 13.02 -34.25
N PRO C 72 16.18 13.32 -34.45
CA PRO C 72 17.20 12.26 -34.50
C PRO C 72 17.12 11.33 -33.29
N SER C 73 17.41 10.05 -33.52
CA SER C 73 17.29 9.06 -32.45
C SER C 73 18.20 9.39 -31.25
N TYR C 74 19.37 10.00 -31.49
CA TYR C 74 20.26 10.33 -30.38
C TYR C 74 19.83 11.56 -29.58
N ALA C 75 18.79 12.26 -30.04
CA ALA C 75 18.44 13.58 -29.49
C ALA C 75 18.05 13.51 -28.01
N LEU C 76 17.34 12.47 -27.60
CA LEU C 76 16.87 12.35 -26.24
C LEU C 76 17.81 11.55 -25.35
N ALA C 77 18.96 11.15 -25.89
CA ALA C 77 19.95 10.44 -25.10
C ALA C 77 20.44 11.30 -23.94
N GLY C 78 20.54 10.67 -22.78
CA GLY C 78 21.18 11.31 -21.64
C GLY C 78 20.28 12.13 -20.77
N TYR C 79 19.00 12.25 -21.11
CA TYR C 79 18.12 13.05 -20.25
C TYR C 79 17.72 12.25 -19.03
N GLU C 80 17.27 11.01 -19.26
CA GLU C 80 16.88 10.11 -18.19
C GLU C 80 18.10 9.56 -17.45
N THR C 81 18.04 9.63 -16.12
CA THR C 81 19.03 9.00 -15.25
C THR C 81 18.75 7.52 -15.09
N SER C 82 19.81 6.74 -14.86
CA SER C 82 19.68 5.32 -14.52
C SER C 82 18.87 5.09 -13.25
N GLU C 83 18.75 6.10 -12.38
CA GLU C 83 18.03 5.98 -11.14
C GLU C 83 16.56 5.57 -11.33
N ILE C 84 15.99 5.84 -12.49
CA ILE C 84 14.57 5.54 -12.74
C ILE C 84 14.39 4.44 -13.77
N ALA C 85 15.48 3.77 -14.17
CA ALA C 85 15.39 2.68 -15.15
C ALA C 85 14.37 1.65 -14.73
N GLY C 86 13.44 1.36 -15.62
CA GLY C 86 12.42 0.35 -15.40
C GLY C 86 11.15 0.80 -14.72
N LEU C 87 11.26 1.73 -13.76
CA LEU C 87 10.10 2.09 -12.94
C LEU C 87 8.96 2.66 -13.79
N LYS C 88 7.73 2.35 -13.36
CA LYS C 88 6.52 2.72 -14.05
C LYS C 88 5.58 3.48 -13.13
N PHE C 89 4.90 4.50 -13.67
CA PHE C 89 3.80 5.09 -12.95
C PHE C 89 2.71 4.04 -12.74
N PRO C 90 1.87 4.20 -11.71
CA PRO C 90 0.83 3.20 -11.44
C PRO C 90 -0.21 3.14 -12.56
N LYS C 91 -0.98 2.04 -12.55
CA LYS C 91 -2.11 1.87 -13.46
C LYS C 91 -3.04 3.06 -13.35
N GLY C 92 -3.48 3.57 -14.49
CA GLY C 92 -4.38 4.72 -14.52
C GLY C 92 -3.71 6.05 -14.29
N PHE C 93 -2.39 6.10 -14.22
CA PHE C 93 -1.72 7.39 -14.05
C PHE C 93 -2.12 8.33 -15.18
N LYS C 94 -2.56 9.53 -14.82
CA LYS C 94 -2.99 10.51 -15.81
C LYS C 94 -1.73 11.23 -16.31
N PHE C 95 -1.28 10.87 -17.51
CA PHE C 95 -0.08 11.42 -18.14
C PHE C 95 -0.55 12.44 -19.17
N GLY C 96 -0.55 13.72 -18.80
CA GLY C 96 -1.28 14.66 -19.62
C GLY C 96 -0.71 16.05 -19.87
N VAL C 97 -1.55 16.88 -20.48
CA VAL C 97 -1.23 18.25 -20.82
C VAL C 97 -2.36 19.13 -20.29
N ALA C 98 -2.04 20.40 -20.07
CA ALA C 98 -3.04 21.36 -19.59
C ALA C 98 -3.07 22.59 -20.48
N GLY C 99 -4.27 23.11 -20.65
CA GLY C 99 -4.50 24.42 -21.21
C GLY C 99 -5.60 25.10 -20.41
N ALA C 100 -5.91 26.32 -20.82
CA ALA C 100 -7.00 27.06 -20.21
C ALA C 100 -7.77 27.72 -21.33
N ALA C 101 -9.10 27.81 -21.13
CA ALA C 101 -10.01 28.33 -22.15
C ALA C 101 -9.49 29.66 -22.75
N ILE C 102 -9.25 30.67 -21.91
CA ILE C 102 -8.91 31.97 -22.48
C ILE C 102 -7.48 32.02 -23.02
N GLN C 103 -6.62 31.13 -22.57
CA GLN C 103 -5.25 31.12 -23.05
C GLN C 103 -5.08 30.38 -24.37
N VAL C 104 -6.00 29.46 -24.74
CA VAL C 104 -5.81 28.67 -25.96
C VAL C 104 -6.97 28.79 -26.95
N GLU C 105 -8.16 29.22 -26.53
CA GLU C 105 -9.34 29.02 -27.39
C GLU C 105 -9.38 30.01 -28.55
N GLY C 106 -9.16 31.29 -28.29
CA GLY C 106 -9.60 32.31 -29.22
C GLY C 106 -11.12 32.38 -29.28
N ALA C 107 -11.65 32.78 -30.44
CA ALA C 107 -13.10 32.80 -30.68
C ALA C 107 -13.82 33.55 -29.56
N ALA C 108 -13.27 34.71 -29.20
CA ALA C 108 -13.69 35.41 -27.99
C ALA C 108 -15.13 35.90 -28.05
N LYS C 109 -15.63 36.21 -29.25
CA LYS C 109 -17.02 36.60 -29.44
C LYS C 109 -17.85 35.51 -30.11
N ALA C 110 -17.24 34.39 -30.48
CA ALA C 110 -17.94 33.41 -31.30
C ALA C 110 -19.02 32.70 -30.50
N GLU C 111 -20.11 32.38 -31.20
CA GLU C 111 -21.15 31.51 -30.69
C GLU C 111 -21.63 31.96 -29.32
N GLY C 112 -21.90 33.28 -29.23
CA GLY C 112 -22.59 33.90 -28.12
C GLY C 112 -21.80 34.13 -26.85
N ARG C 113 -20.49 33.83 -26.84
CA ARG C 113 -19.67 34.10 -25.67
C ARG C 113 -19.76 35.58 -25.27
N GLY C 114 -19.74 35.82 -23.96
CA GLY C 114 -19.67 37.14 -23.41
C GLY C 114 -18.25 37.47 -22.94
N PRO C 115 -17.96 38.74 -22.69
CA PRO C 115 -16.57 39.11 -22.40
C PRO C 115 -16.21 38.83 -20.95
N SER C 116 -14.96 38.43 -20.73
CA SER C 116 -14.39 38.39 -19.40
C SER C 116 -13.67 39.71 -19.09
N THR C 117 -13.23 39.81 -17.83
CA THR C 117 -12.46 40.99 -17.43
C THR C 117 -11.19 41.12 -18.25
N TRP C 118 -10.60 39.99 -18.66
CA TRP C 118 -9.38 40.02 -19.47
C TRP C 118 -9.67 40.56 -20.87
N ASP C 119 -10.82 40.22 -21.45
CA ASP C 119 -11.18 40.82 -22.74
C ASP C 119 -11.27 42.32 -22.61
N TYR C 120 -11.84 42.81 -21.50
CA TYR C 120 -11.91 44.25 -21.29
C TYR C 120 -10.52 44.84 -21.14
N LEU C 121 -9.70 44.24 -20.27
CA LEU C 121 -8.40 44.80 -19.93
C LEU C 121 -7.51 44.91 -21.18
N CYS C 122 -7.44 43.86 -21.98
CA CYS C 122 -6.50 43.89 -23.09
C CYS C 122 -7.05 44.60 -24.31
N HIS C 123 -8.34 44.96 -24.32
CA HIS C 123 -8.84 45.82 -25.37
C HIS C 123 -8.85 47.30 -24.98
N HIS C 124 -8.56 47.62 -23.72
CA HIS C 124 -8.51 49.00 -23.27
C HIS C 124 -7.13 49.44 -22.82
N TYR C 125 -6.32 48.52 -22.28
CA TYR C 125 -5.01 48.81 -21.73
C TYR C 125 -3.96 47.86 -22.28
N ALA C 126 -4.05 47.51 -23.56
CA ALA C 126 -3.16 46.50 -24.11
C ALA C 126 -1.70 46.93 -24.01
N SER C 127 -1.43 48.21 -24.21
CA SER C 127 -0.04 48.65 -24.29
C SER C 127 0.61 48.78 -22.93
N THR C 128 -0.14 48.68 -21.84
CA THR C 128 0.46 48.79 -20.53
C THR C 128 0.17 47.61 -19.62
N GLN C 129 -0.89 46.86 -19.87
CA GLN C 129 -1.21 45.70 -19.04
C GLN C 129 -1.05 44.37 -19.77
N CYS C 130 -0.89 44.38 -21.09
CA CYS C 130 -1.07 43.15 -21.85
C CYS C 130 0.02 42.92 -22.88
N ASN C 131 1.10 43.72 -22.87
CA ASN C 131 2.21 43.53 -23.78
C ASN C 131 1.75 43.65 -25.23
N ASN C 132 0.68 44.42 -25.46
CA ASN C 132 0.12 44.73 -26.78
C ASN C 132 -0.50 43.52 -27.48
N TYR C 133 -0.86 42.50 -26.71
CA TYR C 133 -1.64 41.36 -27.18
C TYR C 133 -3.05 41.43 -26.60
N ASP C 134 -3.92 40.57 -27.11
CA ASP C 134 -5.22 40.33 -26.50
C ASP C 134 -5.58 38.87 -26.73
N PRO C 135 -6.56 38.34 -25.97
CA PRO C 135 -6.94 36.93 -26.17
C PRO C 135 -7.98 36.69 -27.25
N ASP C 136 -8.03 37.52 -28.29
CA ASP C 136 -9.09 37.36 -29.27
C ASP C 136 -8.98 36.03 -30.01
N ILE C 137 -7.76 35.55 -30.27
CA ILE C 137 -7.54 34.44 -31.19
C ILE C 137 -6.65 33.39 -30.53
N THR C 138 -5.58 33.85 -29.86
CA THR C 138 -4.60 33.00 -29.21
C THR C 138 -4.21 31.84 -30.15
N THR C 139 -4.46 30.58 -29.78
CA THR C 139 -4.05 29.46 -30.63
C THR C 139 -5.18 28.92 -31.49
N ASN C 140 -6.36 29.52 -31.43
CA ASN C 140 -7.54 29.08 -32.19
C ASN C 140 -7.92 27.64 -31.88
N HIS C 141 -7.63 27.19 -30.66
CA HIS C 141 -7.98 25.85 -30.20
C HIS C 141 -9.49 25.62 -30.20
N TYR C 142 -10.28 26.71 -30.23
CA TYR C 142 -11.74 26.61 -30.32
C TYR C 142 -12.18 25.92 -31.61
N TYR C 143 -11.47 26.17 -32.70
CA TYR C 143 -11.79 25.49 -33.95
C TYR C 143 -10.80 24.39 -34.30
N LEU C 144 -9.65 24.35 -33.62
CA LEU C 144 -8.57 23.47 -34.02
C LEU C 144 -8.44 22.25 -33.12
N TYR C 145 -9.21 22.16 -32.04
CA TYR C 145 -9.00 21.09 -31.07
C TYR C 145 -8.97 19.69 -31.68
N PRO C 146 -9.76 19.33 -32.70
CA PRO C 146 -9.63 17.95 -33.21
C PRO C 146 -8.24 17.68 -33.76
N LEU C 147 -7.64 18.65 -34.45
CA LEU C 147 -6.27 18.51 -34.91
C LEU C 147 -5.30 18.45 -33.73
N ASP C 148 -5.49 19.32 -32.74
CA ASP C 148 -4.64 19.27 -31.54
C ASP C 148 -4.68 17.89 -30.89
N PHE C 149 -5.90 17.35 -30.73
CA PHE C 149 -6.05 16.05 -30.08
C PHE C 149 -5.43 14.93 -30.93
N ALA C 150 -5.60 14.99 -32.25
CA ALA C 150 -4.88 14.03 -33.09
C ALA C 150 -3.38 14.12 -32.86
N ARG C 151 -2.87 15.34 -32.64
CA ARG C 151 -1.43 15.47 -32.44
C ARG C 151 -1.01 14.99 -31.04
N LEU C 152 -1.85 15.22 -30.03
CA LEU C 152 -1.59 14.69 -28.69
C LEU C 152 -1.61 13.17 -28.67
N GLN C 153 -2.52 12.55 -29.43
CA GLN C 153 -2.55 11.09 -29.51
C GLN C 153 -1.24 10.54 -30.07
N HIS C 154 -0.65 11.27 -31.03
CA HIS C 154 0.61 10.84 -31.64
C HIS C 154 1.73 10.75 -30.62
N LEU C 155 1.65 11.56 -29.55
CA LEU C 155 2.63 11.59 -28.48
C LEU C 155 2.33 10.62 -27.35
N GLY C 156 1.22 9.89 -27.43
CA GLY C 156 0.85 8.97 -26.38
C GLY C 156 0.35 9.63 -25.13
N ILE C 157 -0.20 10.85 -25.24
CA ILE C 157 -0.85 11.53 -24.12
C ILE C 157 -2.16 10.83 -23.80
N ASN C 158 -2.45 10.60 -22.52
CA ASN C 158 -3.71 9.96 -22.15
C ASN C 158 -4.66 10.86 -21.38
N THR C 159 -4.29 12.11 -21.14
CA THR C 159 -5.14 12.99 -20.34
C THR C 159 -5.04 14.40 -20.88
N TYR C 160 -6.20 15.05 -20.98
CA TYR C 160 -6.32 16.40 -21.50
C TYR C 160 -7.08 17.24 -20.49
N SER C 161 -6.39 18.24 -19.94
CA SER C 161 -6.90 19.09 -18.89
C SER C 161 -7.24 20.46 -19.48
N PHE C 162 -8.48 20.88 -19.29
CA PHE C 162 -9.00 22.10 -19.90
C PHE C 162 -9.87 22.82 -18.89
N SER C 163 -10.12 24.08 -19.16
CA SER C 163 -11.03 24.86 -18.34
C SER C 163 -12.21 25.28 -19.20
N ILE C 164 -13.34 25.49 -18.55
CA ILE C 164 -14.57 25.92 -19.21
C ILE C 164 -14.69 27.44 -19.08
N SER C 165 -14.88 28.12 -20.21
CA SER C 165 -15.11 29.56 -20.18
C SER C 165 -16.49 29.85 -19.61
N TRP C 166 -16.52 30.50 -18.44
CA TRP C 166 -17.78 30.83 -17.79
C TRP C 166 -18.70 31.59 -18.74
N THR C 167 -18.17 32.58 -19.42
CA THR C 167 -18.99 33.42 -20.29
C THR C 167 -19.34 32.72 -21.60
N ARG C 168 -18.82 31.54 -21.87
CA ARG C 168 -19.42 30.76 -22.95
C ARG C 168 -20.70 30.07 -22.50
N ILE C 169 -20.88 29.88 -21.20
CA ILE C 169 -22.06 29.23 -20.65
C ILE C 169 -23.07 30.26 -20.15
N TYR C 170 -22.63 31.18 -19.29
CA TYR C 170 -23.45 32.32 -18.88
C TYR C 170 -22.77 33.58 -19.37
N PRO C 171 -23.13 34.08 -20.57
CA PRO C 171 -22.48 35.28 -21.11
C PRO C 171 -22.60 36.51 -20.24
N LEU C 172 -23.58 36.59 -19.35
CA LEU C 172 -23.64 37.66 -18.38
C LEU C 172 -23.21 37.21 -16.99
N GLY C 173 -22.52 36.07 -16.90
CA GLY C 173 -22.17 35.51 -15.59
C GLY C 173 -23.35 34.87 -14.89
N ALA C 174 -24.48 35.56 -14.85
CA ALA C 174 -25.72 35.01 -14.33
C ALA C 174 -26.82 35.30 -15.33
N GLY C 175 -27.96 34.64 -15.15
CA GLY C 175 -29.10 34.84 -16.05
C GLY C 175 -29.16 33.76 -17.12
N TYR C 176 -29.27 34.18 -18.38
CA TYR C 176 -29.56 33.23 -19.45
C TYR C 176 -28.36 32.34 -19.76
N VAL C 177 -28.66 31.13 -20.20
CA VAL C 177 -27.68 30.12 -20.57
C VAL C 177 -27.46 30.19 -22.08
N ASN C 178 -26.22 30.01 -22.51
CA ASN C 178 -25.89 30.01 -23.93
C ASN C 178 -25.69 28.56 -24.36
N GLU C 179 -26.68 28.01 -25.06
CA GLU C 179 -26.67 26.58 -25.32
C GLU C 179 -25.54 26.19 -26.27
N ALA C 180 -25.21 27.05 -27.23
CA ALA C 180 -24.08 26.78 -28.12
C ALA C 180 -22.78 26.65 -27.35
N GLY C 181 -22.62 27.45 -26.30
CA GLY C 181 -21.48 27.26 -25.42
C GLY C 181 -21.41 25.86 -24.85
N LEU C 182 -22.52 25.42 -24.23
CA LEU C 182 -22.57 24.05 -23.67
C LEU C 182 -22.36 22.99 -24.75
N ALA C 183 -22.90 23.20 -25.95
CA ALA C 183 -22.70 22.23 -27.02
C ALA C 183 -21.24 22.17 -27.44
N HIS C 184 -20.54 23.31 -27.39
CA HIS C 184 -19.14 23.31 -27.80
C HIS C 184 -18.32 22.37 -26.93
N TYR C 185 -18.52 22.43 -25.62
CA TYR C 185 -17.70 21.60 -24.77
C TYR C 185 -18.09 20.13 -24.87
N ASP C 186 -19.38 19.84 -25.11
CA ASP C 186 -19.79 18.46 -25.44
C ASP C 186 -18.93 17.91 -26.57
N ALA C 187 -18.83 18.64 -27.68
CA ALA C 187 -18.01 18.17 -28.79
C ALA C 187 -16.52 18.08 -28.43
N VAL C 188 -16.04 18.95 -27.53
CA VAL C 188 -14.62 18.91 -27.16
C VAL C 188 -14.31 17.64 -26.38
N ILE C 189 -15.12 17.37 -25.35
CA ILE C 189 -14.93 16.18 -24.53
C ILE C 189 -15.04 14.92 -25.38
N HIS C 190 -16.09 14.86 -26.21
CA HIS C 190 -16.26 13.71 -27.09
C HIS C 190 -15.03 13.50 -27.97
N SER C 191 -14.49 14.59 -28.53
CA SER C 191 -13.29 14.51 -29.35
C SER C 191 -12.11 14.01 -28.55
N ALA C 192 -11.92 14.51 -27.33
CA ALA C 192 -10.79 14.07 -26.53
C ALA C 192 -10.87 12.57 -26.27
N LYS C 193 -12.02 12.10 -25.77
CA LYS C 193 -12.24 10.67 -25.60
C LYS C 193 -11.93 9.90 -26.87
N LYS C 194 -12.40 10.41 -28.01
CA LYS C 194 -12.15 9.70 -29.26
C LYS C 194 -10.66 9.48 -29.48
N TYR C 195 -9.82 10.47 -29.15
CA TYR C 195 -8.39 10.36 -29.33
C TYR C 195 -7.67 9.81 -28.08
N GLY C 196 -8.39 9.16 -27.18
CA GLY C 196 -7.75 8.54 -26.05
C GLY C 196 -7.33 9.49 -24.95
N LEU C 197 -7.96 10.66 -24.88
CA LEU C 197 -7.61 11.70 -23.91
C LEU C 197 -8.70 11.72 -22.85
N GLU C 198 -8.37 11.30 -21.64
CA GLU C 198 -9.30 11.44 -20.51
C GLU C 198 -9.52 12.92 -20.20
N PRO C 199 -10.76 13.42 -20.26
CA PRO C 199 -10.97 14.86 -20.03
C PRO C 199 -10.98 15.21 -18.54
N VAL C 200 -10.19 16.20 -18.17
CA VAL C 200 -10.13 16.70 -16.80
C VAL C 200 -10.48 18.18 -16.86
N GLY C 201 -11.51 18.56 -16.11
CA GLY C 201 -12.18 19.85 -16.28
C GLY C 201 -11.95 20.81 -15.12
N THR C 202 -11.74 22.08 -15.44
CA THR C 202 -11.61 23.14 -14.44
C THR C 202 -12.76 24.11 -14.65
N VAL C 203 -13.48 24.41 -13.56
CA VAL C 203 -14.67 25.23 -13.69
C VAL C 203 -14.29 26.68 -13.93
N PHE C 204 -13.28 27.20 -13.22
CA PHE C 204 -12.92 28.60 -13.31
C PHE C 204 -11.41 28.75 -13.42
N HIS C 205 -10.96 29.37 -14.50
CA HIS C 205 -9.54 29.63 -14.71
C HIS C 205 -9.36 31.10 -15.09
N TRP C 206 -9.75 31.97 -14.16
CA TRP C 206 -9.41 33.40 -14.06
C TRP C 206 -10.24 34.27 -14.98
N ASP C 207 -11.15 33.70 -15.77
CA ASP C 207 -11.85 34.48 -16.79
C ASP C 207 -13.16 35.04 -16.21
N THR C 208 -12.98 35.95 -15.27
CA THR C 208 -14.11 36.57 -14.56
C THR C 208 -15.11 37.23 -15.52
N PRO C 209 -16.39 36.89 -15.43
CA PRO C 209 -17.39 37.55 -16.28
C PRO C 209 -17.43 39.05 -16.02
N LEU C 210 -17.26 39.82 -17.11
CA LEU C 210 -17.23 41.26 -16.98
C LEU C 210 -18.52 41.79 -16.37
N SER C 211 -19.66 41.22 -16.78
CA SER C 211 -20.96 41.71 -16.29
C SER C 211 -21.04 41.64 -14.77
N LEU C 212 -20.62 40.52 -14.18
CA LEU C 212 -20.62 40.41 -12.72
C LEU C 212 -19.72 41.45 -12.06
N MET C 213 -18.62 41.83 -12.72
CA MET C 213 -17.74 42.84 -12.12
C MET C 213 -18.40 44.21 -12.12
N LEU C 214 -19.12 44.55 -13.19
CA LEU C 214 -19.78 45.85 -13.25
C LEU C 214 -20.95 45.93 -12.26
N LYS C 215 -21.71 44.84 -12.13
CA LYS C 215 -22.90 44.87 -11.30
C LYS C 215 -22.58 44.95 -9.82
N TYR C 216 -21.69 44.09 -9.33
CA TYR C 216 -21.44 44.13 -7.90
C TYR C 216 -19.96 43.93 -7.54
N GLY C 217 -19.05 44.05 -8.50
CA GLY C 217 -17.64 43.85 -8.23
C GLY C 217 -17.18 42.41 -8.17
N ALA C 218 -17.99 41.45 -8.63
CA ALA C 218 -17.56 40.07 -8.88
C ALA C 218 -17.02 39.45 -7.59
N TRP C 219 -15.75 39.04 -7.55
CA TRP C 219 -15.20 38.38 -6.35
C TRP C 219 -14.95 39.34 -5.20
N GLN C 220 -15.15 40.64 -5.40
CA GLN C 220 -15.15 41.58 -4.28
C GLN C 220 -16.56 41.82 -3.73
N ASP C 221 -17.56 41.05 -4.19
CA ASP C 221 -18.91 41.11 -3.65
C ASP C 221 -18.88 41.08 -2.12
N THR C 222 -19.43 42.12 -1.51
CA THR C 222 -19.51 42.12 -0.05
C THR C 222 -20.72 41.34 0.45
N GLY C 223 -21.70 41.08 -0.43
CA GLY C 223 -22.74 40.12 -0.16
C GLY C 223 -22.35 38.71 -0.55
N ASP C 224 -23.24 38.01 -1.26
CA ASP C 224 -22.96 36.62 -1.61
C ASP C 224 -23.52 36.26 -2.98
N GLN C 225 -23.89 37.27 -3.78
CA GLN C 225 -24.34 37.05 -5.15
C GLN C 225 -23.29 36.35 -6.00
N ILE C 226 -22.00 36.58 -5.72
CA ILE C 226 -20.96 35.91 -6.48
C ILE C 226 -20.96 34.41 -6.18
N VAL C 227 -21.16 34.02 -4.92
CA VAL C 227 -21.23 32.60 -4.60
C VAL C 227 -22.43 31.98 -5.30
N LYS C 228 -23.60 32.63 -5.19
CA LYS C 228 -24.81 32.17 -5.85
C LYS C 228 -24.59 31.97 -7.35
N ASP C 229 -24.13 33.02 -8.03
CA ASP C 229 -23.95 32.97 -9.47
C ASP C 229 -22.97 31.87 -9.85
N PHE C 230 -21.87 31.74 -9.09
CA PHE C 230 -20.91 30.70 -9.38
C PHE C 230 -21.52 29.32 -9.17
N VAL C 231 -22.17 29.10 -8.03
CA VAL C 231 -22.77 27.80 -7.76
C VAL C 231 -23.76 27.43 -8.87
N THR C 232 -24.56 28.41 -9.31
CA THR C 232 -25.46 28.18 -10.45
C THR C 232 -24.69 27.78 -11.70
N TYR C 233 -23.58 28.46 -11.98
CA TYR C 233 -22.74 28.11 -13.11
C TYR C 233 -22.12 26.72 -12.92
N ALA C 234 -21.54 26.46 -11.75
CA ALA C 234 -20.90 25.17 -11.54
C ALA C 234 -21.88 24.01 -11.64
N THR C 235 -23.15 24.23 -11.27
CA THR C 235 -24.16 23.18 -11.34
C THR C 235 -24.42 22.79 -12.79
N THR C 236 -24.71 23.79 -13.62
CA THR C 236 -24.96 23.57 -15.04
C THR C 236 -23.87 22.73 -15.69
N VAL C 237 -22.59 23.04 -15.44
CA VAL C 237 -21.55 22.28 -16.13
C VAL C 237 -21.35 20.91 -15.48
N PHE C 238 -21.58 20.78 -14.17
CA PHE C 238 -21.52 19.46 -13.56
C PHE C 238 -22.59 18.54 -14.16
N LYS C 239 -23.82 19.04 -14.28
CA LYS C 239 -24.89 18.24 -14.85
C LYS C 239 -24.62 17.94 -16.32
N ARG C 240 -24.06 18.92 -17.05
CA ARG C 240 -23.88 18.74 -18.48
C ARG C 240 -22.74 17.77 -18.82
N TYR C 241 -21.66 17.76 -18.03
CA TYR C 241 -20.46 17.03 -18.39
C TYR C 241 -20.07 15.95 -17.41
N GLY C 242 -20.69 15.92 -16.22
CA GLY C 242 -20.33 15.01 -15.15
C GLY C 242 -20.26 13.55 -15.54
N ASN C 243 -21.00 13.14 -16.56
CA ASN C 243 -20.97 11.76 -17.01
C ASN C 243 -19.71 11.42 -17.79
N GLU C 244 -19.09 12.41 -18.43
CA GLU C 244 -17.83 12.22 -19.15
C GLU C 244 -16.62 12.66 -18.34
N VAL C 245 -16.76 13.71 -17.56
CA VAL C 245 -15.66 14.29 -16.80
C VAL C 245 -15.79 13.83 -15.35
N LYS C 246 -14.82 13.04 -14.90
CA LYS C 246 -14.80 12.43 -13.58
C LYS C 246 -13.73 13.01 -12.65
N THR C 247 -12.91 13.95 -13.14
CA THR C 247 -11.96 14.66 -12.29
C THR C 247 -12.20 16.14 -12.49
N TRP C 248 -12.48 16.86 -11.40
CA TRP C 248 -12.89 18.25 -11.49
C TRP C 248 -12.02 19.12 -10.60
N PHE C 249 -11.73 20.32 -11.09
CA PHE C 249 -11.19 21.39 -10.27
C PHE C 249 -12.12 22.59 -10.37
N THR C 250 -12.54 23.09 -9.21
CA THR C 250 -13.33 24.32 -9.17
C THR C 250 -12.50 25.54 -9.61
N PHE C 251 -11.30 25.69 -9.04
CA PHE C 251 -10.52 26.92 -9.20
C PHE C 251 -9.09 26.59 -9.58
N ASN C 252 -8.60 27.22 -10.64
CA ASN C 252 -7.17 27.18 -10.93
C ASN C 252 -6.44 28.23 -10.11
N GLU C 253 -5.50 27.79 -9.28
CA GLU C 253 -4.57 28.65 -8.55
C GLU C 253 -5.26 29.88 -7.91
N PRO C 254 -6.20 29.67 -6.99
CA PRO C 254 -7.00 30.81 -6.51
C PRO C 254 -6.18 31.88 -5.80
N ARG C 255 -5.03 31.52 -5.22
CA ARG C 255 -4.20 32.55 -4.59
C ARG C 255 -3.67 33.51 -5.66
N VAL C 256 -3.12 33.00 -6.76
CA VAL C 256 -2.63 33.86 -7.83
C VAL C 256 -3.78 34.70 -8.39
N PHE C 257 -4.94 34.07 -8.56
CA PHE C 257 -6.05 34.80 -9.14
C PHE C 257 -6.49 35.95 -8.26
N CYS C 258 -6.60 35.70 -6.95
CA CYS C 258 -7.08 36.76 -6.07
C CYS C 258 -6.08 37.91 -6.01
N SER C 259 -4.77 37.60 -6.07
CA SER C 259 -3.78 38.67 -6.09
C SER C 259 -3.94 39.56 -7.31
N GLN C 260 -4.45 39.03 -8.42
CA GLN C 260 -4.78 39.87 -9.57
C GLN C 260 -5.90 40.86 -9.25
N ASN C 261 -6.76 40.54 -8.30
CA ASN C 261 -7.90 41.41 -8.04
C ASN C 261 -7.49 42.73 -7.41
N SER C 262 -6.23 42.88 -7.01
CA SER C 262 -5.74 44.19 -6.58
C SER C 262 -5.52 45.15 -7.75
N GLY C 263 -5.70 44.71 -8.99
CA GLY C 263 -5.37 45.55 -10.12
C GLY C 263 -6.47 45.79 -11.13
N LEU C 264 -6.08 46.36 -12.27
CA LEU C 264 -7.01 46.61 -13.35
C LEU C 264 -7.50 45.28 -13.92
N PRO C 265 -8.78 45.19 -14.33
CA PRO C 265 -9.81 46.21 -14.18
C PRO C 265 -10.59 46.10 -12.85
N TYR C 266 -10.24 45.14 -12.01
CA TYR C 266 -10.98 44.94 -10.76
C TYR C 266 -11.03 46.20 -9.91
N ASN C 267 -9.98 47.02 -9.91
CA ASN C 267 -9.98 48.18 -9.03
C ASN C 267 -10.59 49.43 -9.67
N LEU C 268 -11.36 49.28 -10.74
CA LEU C 268 -12.28 50.32 -11.21
C LEU C 268 -13.68 50.16 -10.64
N THR C 269 -13.96 49.05 -9.95
CA THR C 269 -15.32 48.66 -9.60
C THR C 269 -15.40 48.11 -8.19
N TYR C 270 -14.51 48.54 -7.30
CA TYR C 270 -14.55 48.03 -5.94
C TYR C 270 -15.84 48.50 -5.26
N PRO C 271 -16.52 47.60 -4.54
CA PRO C 271 -17.60 48.03 -3.64
C PRO C 271 -17.06 48.95 -2.57
N GLU C 272 -17.96 49.76 -2.01
CA GLU C 272 -17.60 50.54 -0.83
C GLU C 272 -17.11 49.60 0.26
N GLY C 273 -16.16 50.09 1.06
CA GLY C 273 -15.55 49.26 2.09
C GLY C 273 -14.45 48.32 1.63
N ILE C 274 -14.11 48.31 0.33
CA ILE C 274 -13.07 47.43 -0.20
C ILE C 274 -12.00 48.28 -0.89
N ASN C 275 -10.74 47.93 -0.69
CA ASN C 275 -9.66 48.54 -1.46
C ASN C 275 -8.72 47.47 -2.02
N SER C 276 -7.71 47.94 -2.76
CA SER C 276 -6.83 47.04 -3.47
C SER C 276 -6.05 46.11 -2.54
N THR C 277 -5.83 46.49 -1.28
CA THR C 277 -5.23 45.53 -0.35
C THR C 277 -6.28 44.53 0.14
N SER C 278 -7.48 45.00 0.48
CA SER C 278 -8.49 44.11 1.05
C SER C 278 -9.19 43.30 -0.02
N ALA C 279 -9.24 43.80 -1.26
CA ALA C 279 -9.90 43.09 -2.34
C ALA C 279 -9.32 41.69 -2.50
N VAL C 280 -8.05 41.51 -2.15
CA VAL C 280 -7.38 40.22 -2.24
C VAL C 280 -7.98 39.23 -1.24
N PHE C 281 -8.34 39.70 -0.07
CA PHE C 281 -8.79 38.76 0.92
C PHE C 281 -10.30 38.58 0.92
N ARG C 282 -11.05 39.61 0.53
CA ARG C 282 -12.45 39.41 0.18
C ARG C 282 -12.60 38.39 -0.94
N CYS C 283 -11.76 38.50 -1.98
CA CYS C 283 -11.74 37.49 -3.03
C CYS C 283 -11.40 36.12 -2.46
N THR C 284 -10.43 36.07 -1.55
CA THR C 284 -10.01 34.81 -0.96
C THR C 284 -11.16 34.10 -0.26
N TYR C 285 -11.97 34.86 0.48
CA TYR C 285 -13.12 34.30 1.20
C TYR C 285 -14.23 33.91 0.25
N ASN C 286 -14.52 34.75 -0.75
CA ASN C 286 -15.58 34.44 -1.71
C ASN C 286 -15.28 33.18 -2.52
N VAL C 287 -14.00 32.92 -2.81
CA VAL C 287 -13.62 31.73 -3.57
C VAL C 287 -13.76 30.47 -2.70
N LEU C 288 -13.38 30.56 -1.43
CA LEU C 288 -13.55 29.40 -0.56
C LEU C 288 -15.03 29.05 -0.40
N LYS C 289 -15.88 30.06 -0.16
CA LYS C 289 -17.32 29.83 -0.10
C LYS C 289 -17.84 29.26 -1.41
N ALA C 290 -17.50 29.92 -2.52
CA ALA C 290 -17.86 29.41 -3.84
C ALA C 290 -17.44 27.96 -4.01
N HIS C 291 -16.21 27.63 -3.58
CA HIS C 291 -15.72 26.28 -3.79
C HIS C 291 -16.47 25.29 -2.90
N GLY C 292 -16.63 25.64 -1.62
CA GLY C 292 -17.31 24.74 -0.71
C GLY C 292 -18.71 24.41 -1.18
N HIS C 293 -19.47 25.43 -1.55
CA HIS C 293 -20.84 25.24 -1.99
C HIS C 293 -20.88 24.44 -3.29
N ALA C 294 -20.04 24.80 -4.27
CA ALA C 294 -19.95 24.03 -5.52
C ALA C 294 -19.68 22.56 -5.24
N VAL C 295 -18.79 22.27 -4.29
CA VAL C 295 -18.44 20.90 -4.00
C VAL C 295 -19.61 20.18 -3.35
N LYS C 296 -20.38 20.88 -2.52
CA LYS C 296 -21.58 20.28 -1.96
C LYS C 296 -22.53 19.85 -3.07
N VAL C 297 -22.72 20.73 -4.07
CA VAL C 297 -23.60 20.40 -5.18
C VAL C 297 -23.07 19.18 -5.95
N TYR C 298 -21.79 19.22 -6.31
CA TYR C 298 -21.20 18.09 -7.03
C TYR C 298 -21.44 16.78 -6.30
N ARG C 299 -21.26 16.78 -4.98
CA ARG C 299 -21.42 15.53 -4.24
C ARG C 299 -22.89 15.10 -4.18
N ASP C 300 -23.83 16.05 -4.10
CA ASP C 300 -25.25 15.73 -4.21
C ASP C 300 -25.58 15.12 -5.57
N LEU C 301 -25.01 15.69 -6.64
CA LEU C 301 -25.27 15.15 -7.99
C LEU C 301 -24.72 13.74 -8.12
N VAL C 302 -23.62 13.44 -7.45
CA VAL C 302 -23.11 12.07 -7.41
C VAL C 302 -24.01 11.20 -6.55
N ALA C 303 -24.47 11.72 -5.41
CA ALA C 303 -25.24 10.90 -4.48
C ALA C 303 -26.57 10.47 -5.09
N SER C 304 -27.16 11.30 -5.93
CA SER C 304 -28.49 11.10 -6.43
C SER C 304 -28.54 10.30 -7.73
N GLY C 305 -27.38 9.85 -8.22
CA GLY C 305 -27.27 9.21 -9.52
C GLY C 305 -27.41 10.14 -10.71
N THR C 306 -27.50 11.45 -10.48
CA THR C 306 -27.65 12.40 -11.58
C THR C 306 -26.45 12.35 -12.53
N ILE C 307 -25.24 12.18 -11.99
CA ILE C 307 -24.04 12.11 -12.79
C ILE C 307 -23.14 11.00 -12.25
N ALA C 308 -22.18 10.59 -13.08
CA ALA C 308 -21.23 9.56 -12.67
C ALA C 308 -20.44 10.00 -11.44
N ALA C 309 -19.99 9.00 -10.67
CA ALA C 309 -19.16 9.28 -9.50
C ALA C 309 -17.76 9.71 -9.94
N GLY C 310 -17.23 10.73 -9.29
CA GLY C 310 -15.92 11.23 -9.65
C GLY C 310 -15.35 12.06 -8.52
N GLU C 311 -14.23 12.74 -8.82
CA GLU C 311 -13.45 13.39 -7.77
C GLU C 311 -13.28 14.88 -8.07
N ILE C 312 -13.30 15.68 -7.00
CA ILE C 312 -13.30 17.12 -7.14
C ILE C 312 -12.35 17.73 -6.11
N GLY C 313 -11.85 18.92 -6.44
CA GLY C 313 -10.95 19.68 -5.61
C GLY C 313 -10.57 21.00 -6.26
N PHE C 314 -9.37 21.51 -5.98
CA PHE C 314 -8.87 22.69 -6.67
C PHE C 314 -7.35 22.59 -6.80
N LYS C 315 -6.79 23.41 -7.66
CA LYS C 315 -5.36 23.38 -7.93
C LYS C 315 -4.70 24.45 -7.07
N SER C 316 -3.88 24.01 -6.12
CA SER C 316 -2.98 24.94 -5.43
C SER C 316 -1.79 25.24 -6.34
N ASP C 317 -0.98 26.22 -5.94
CA ASP C 317 0.31 26.46 -6.60
C ASP C 317 1.32 26.86 -5.52
N ASP C 318 2.48 27.35 -5.97
CA ASP C 318 3.57 27.81 -5.11
C ASP C 318 4.23 26.69 -4.33
N ASN C 319 4.81 26.99 -3.17
CA ASN C 319 5.68 26.03 -2.52
C ASN C 319 5.92 26.42 -1.06
N TYR C 320 6.43 25.46 -0.27
CA TYR C 320 7.03 25.73 1.02
C TYR C 320 8.53 25.96 0.84
N PRO C 321 9.00 27.20 0.85
CA PRO C 321 10.40 27.46 0.51
C PRO C 321 11.34 26.94 1.57
N ILE C 322 12.58 26.71 1.16
CA ILE C 322 13.64 26.37 2.09
C ILE C 322 14.19 27.65 2.70
N PRO C 323 14.56 27.65 3.97
CA PRO C 323 15.19 28.83 4.56
C PRO C 323 16.54 29.12 3.94
N ALA C 324 16.84 30.40 3.73
CA ALA C 324 18.13 30.76 3.15
C ALA C 324 19.29 30.23 4.00
N ARG C 325 19.22 30.45 5.32
CA ARG C 325 20.23 29.99 6.26
C ARG C 325 19.67 28.82 7.03
N PRO C 326 20.20 27.61 6.86
CA PRO C 326 19.59 26.45 7.52
C PRO C 326 19.69 26.57 9.03
N GLY C 327 18.61 26.20 9.71
CA GLY C 327 18.58 26.28 11.15
C GLY C 327 18.43 27.66 11.72
N ASN C 328 18.15 28.65 10.87
CA ASN C 328 17.96 30.04 11.29
C ASN C 328 16.48 30.28 11.57
N ALA C 329 16.17 30.68 12.80
CA ALA C 329 14.77 30.75 13.22
C ALA C 329 14.01 31.83 12.46
N ASP C 330 14.70 32.88 12.01
CA ASP C 330 14.02 33.92 11.25
C ASP C 330 13.64 33.43 9.86
N ASP C 331 14.57 32.75 9.18
CA ASP C 331 14.28 32.28 7.84
C ASP C 331 13.19 31.23 7.87
N GLU C 332 13.21 30.35 8.89
CA GLU C 332 12.18 29.33 9.01
C GLU C 332 10.81 29.95 9.23
N GLU C 333 10.74 31.01 10.02
CA GLU C 333 9.45 31.71 10.21
C GLU C 333 8.94 32.27 8.89
N SER C 334 9.79 32.98 8.15
CA SER C 334 9.33 33.57 6.89
C SER C 334 9.02 32.50 5.84
N ALA C 335 9.77 31.39 5.84
CA ALA C 335 9.38 30.23 5.02
C ALA C 335 7.97 29.77 5.37
N LYS C 336 7.71 29.58 6.67
CA LYS C 336 6.37 29.18 7.13
C LYS C 336 5.31 30.21 6.74
N ARG C 337 5.66 31.50 6.80
CA ARG C 337 4.67 32.51 6.42
C ARG C 337 4.40 32.46 4.92
N HIS C 338 5.40 32.09 4.14
CA HIS C 338 5.20 31.95 2.71
C HIS C 338 4.21 30.83 2.42
N GLU C 339 4.47 29.64 2.96
CA GLU C 339 3.51 28.55 2.82
C GLU C 339 2.11 28.99 3.24
N ALA C 340 2.03 29.64 4.40
CA ALA C 340 0.71 30.00 4.94
C ALA C 340 -0.03 30.93 4.00
N PHE C 341 0.66 31.94 3.47
CA PHE C 341 -0.03 32.90 2.62
C PHE C 341 -0.22 32.42 1.19
N ARG C 342 0.56 31.43 0.75
CA ARG C 342 0.54 31.04 -0.66
C ARG C 342 -0.20 29.73 -0.91
N ILE C 343 -0.28 28.85 0.09
CA ILE C 343 -0.95 27.57 -0.03
C ILE C 343 -1.97 27.42 1.10
N GLY C 344 -1.54 27.73 2.34
CA GLY C 344 -2.34 27.41 3.51
C GLY C 344 -3.66 28.17 3.58
N ILE C 345 -3.68 29.43 3.12
CA ILE C 345 -4.90 30.23 3.17
C ILE C 345 -6.04 29.58 2.42
N PHE C 346 -5.75 28.76 1.40
CA PHE C 346 -6.80 27.96 0.76
C PHE C 346 -6.77 26.49 1.16
N ALA C 347 -5.57 25.91 1.31
CA ALA C 347 -5.51 24.48 1.58
C ALA C 347 -5.95 24.14 3.00
N GLN C 348 -5.75 25.05 3.96
CA GLN C 348 -6.04 24.66 5.34
C GLN C 348 -7.54 24.59 5.62
N PRO C 349 -8.35 25.57 5.21
CA PRO C 349 -9.80 25.42 5.39
C PRO C 349 -10.38 24.25 4.64
N VAL C 350 -9.69 23.75 3.60
CA VAL C 350 -10.29 22.66 2.83
C VAL C 350 -9.77 21.31 3.27
N TYR C 351 -8.45 21.13 3.25
CA TYR C 351 -7.86 19.86 3.62
C TYR C 351 -7.32 19.81 5.03
N GLY C 352 -7.24 20.94 5.73
CA GLY C 352 -6.66 21.00 7.04
C GLY C 352 -7.70 21.05 8.14
N ASN C 353 -7.41 21.80 9.19
CA ASN C 353 -8.36 21.83 10.29
C ASN C 353 -9.62 22.64 9.98
N GLY C 354 -9.75 23.23 8.80
CA GLY C 354 -10.95 23.95 8.44
C GLY C 354 -10.96 25.45 8.72
N ASP C 355 -9.85 26.02 9.20
CA ASP C 355 -9.73 27.46 9.34
C ASP C 355 -8.49 27.94 8.58
N TYR C 356 -8.40 29.26 8.41
CA TYR C 356 -7.21 29.86 7.88
C TYR C 356 -6.04 29.57 8.83
N PRO C 357 -4.80 29.66 8.34
CA PRO C 357 -3.65 29.51 9.23
C PRO C 357 -3.56 30.69 10.20
N ASP C 358 -3.09 30.40 11.41
CA ASP C 358 -3.04 31.42 12.46
C ASP C 358 -2.26 32.66 11.99
N VAL C 359 -1.11 32.44 11.38
CA VAL C 359 -0.25 33.57 11.03
C VAL C 359 -0.89 34.46 9.96
N VAL C 360 -1.78 33.92 9.12
CA VAL C 360 -2.54 34.78 8.22
C VAL C 360 -3.56 35.61 9.00
N LYS C 361 -4.33 34.96 9.88
CA LYS C 361 -5.37 35.65 10.65
C LYS C 361 -4.80 36.84 11.41
N GLU C 362 -3.69 36.62 12.11
CA GLU C 362 -3.02 37.68 12.87
C GLU C 362 -2.67 38.87 12.00
N THR C 363 -2.07 38.61 10.83
CA THR C 363 -1.54 39.70 10.04
C THR C 363 -2.64 40.46 9.33
N VAL C 364 -3.75 39.81 9.02
CA VAL C 364 -4.66 40.34 8.03
C VAL C 364 -5.90 40.97 8.64
N GLY C 365 -6.27 40.54 9.84
CA GLY C 365 -7.35 41.23 10.54
C GLY C 365 -8.67 41.14 9.82
N ASP C 366 -9.41 42.26 9.80
CA ASP C 366 -10.77 42.31 9.29
C ASP C 366 -10.83 42.29 7.76
N MET C 367 -9.69 42.36 7.08
CA MET C 367 -9.70 42.24 5.62
C MET C 367 -10.12 40.85 5.18
N LEU C 368 -9.80 39.81 5.97
CA LEU C 368 -10.19 38.43 5.68
C LEU C 368 -11.43 38.07 6.50
N PRO C 369 -12.63 38.10 5.91
CA PRO C 369 -13.84 37.69 6.63
C PRO C 369 -13.68 36.31 7.25
N ALA C 370 -14.10 36.19 8.51
CA ALA C 370 -13.94 34.95 9.24
C ALA C 370 -14.78 33.83 8.64
N LEU C 371 -14.33 32.61 8.83
CA LEU C 371 -15.07 31.43 8.34
C LEU C 371 -16.10 31.04 9.40
N THR C 372 -17.35 31.44 9.13
CA THR C 372 -18.57 30.97 9.78
C THR C 372 -18.61 29.45 9.98
N ASP C 373 -19.30 28.97 11.01
CA ASP C 373 -19.47 27.53 11.16
C ASP C 373 -20.28 26.94 10.01
N GLU C 374 -21.30 27.66 9.55
CA GLU C 374 -21.99 27.26 8.33
C GLU C 374 -21.01 27.21 7.16
N ASP C 375 -20.12 28.21 7.06
CA ASP C 375 -19.09 28.18 6.02
C ASP C 375 -18.22 26.94 6.16
N LYS C 376 -17.76 26.66 7.39
CA LYS C 376 -16.87 25.51 7.58
C LYS C 376 -17.57 24.22 7.25
N GLY C 377 -18.91 24.20 7.40
CA GLY C 377 -19.67 23.04 6.98
C GLY C 377 -19.46 22.70 5.52
N TYR C 378 -19.51 23.72 4.66
CA TYR C 378 -19.26 23.49 3.24
C TYR C 378 -17.77 23.28 2.94
N ILE C 379 -16.90 24.12 3.52
CA ILE C 379 -15.53 24.21 3.02
C ILE C 379 -14.67 23.06 3.55
N LYS C 380 -14.85 22.69 4.81
CA LYS C 380 -13.99 21.68 5.42
C LYS C 380 -14.22 20.30 4.79
N GLY C 381 -13.14 19.65 4.40
CA GLY C 381 -13.24 18.38 3.69
C GLY C 381 -13.77 18.44 2.27
N SER C 382 -13.88 19.63 1.68
CA SER C 382 -14.46 19.78 0.35
C SER C 382 -13.48 19.45 -0.78
N GLY C 383 -12.49 18.60 -0.52
CA GLY C 383 -11.58 18.24 -1.57
C GLY C 383 -11.18 16.79 -1.61
N ASP C 384 -11.74 16.03 -2.56
CA ASP C 384 -11.43 14.62 -2.72
C ASP C 384 -9.97 14.41 -3.10
N ILE C 385 -9.39 15.36 -3.82
CA ILE C 385 -8.05 15.24 -4.36
C ILE C 385 -7.32 16.53 -4.06
N PHE C 386 -6.03 16.41 -3.80
CA PHE C 386 -5.14 17.57 -3.82
C PHE C 386 -4.50 17.69 -5.19
N ALA C 387 -4.16 18.93 -5.56
CA ALA C 387 -3.50 19.22 -6.82
C ALA C 387 -2.54 20.37 -6.57
N ILE C 388 -1.31 20.22 -7.02
CA ILE C 388 -0.28 21.24 -6.85
C ILE C 388 0.31 21.56 -8.21
N ASP C 389 0.23 22.83 -8.62
CA ASP C 389 0.95 23.30 -9.80
C ASP C 389 2.39 23.55 -9.37
N GLY C 390 3.15 22.47 -9.28
CA GLY C 390 4.44 22.53 -8.61
C GLY C 390 5.59 22.98 -9.51
N TYR C 391 5.51 24.19 -10.09
CA TYR C 391 6.55 24.64 -11.03
C TYR C 391 7.90 24.73 -10.38
N ARG C 392 7.97 25.19 -9.13
CA ARG C 392 9.25 25.51 -8.53
C ARG C 392 9.14 25.50 -7.01
N THR C 393 10.30 25.52 -6.37
CA THR C 393 10.48 25.80 -4.95
C THR C 393 11.36 27.03 -4.80
N ASP C 394 11.11 27.84 -3.76
CA ASP C 394 11.83 29.10 -3.55
C ASP C 394 12.76 29.01 -2.33
N ILE C 395 13.50 30.09 -2.09
CA ILE C 395 14.34 30.25 -0.90
C ILE C 395 13.78 31.42 -0.12
N SER C 396 13.72 31.30 1.21
CA SER C 396 13.13 32.34 2.04
C SER C 396 14.21 33.01 2.90
N HIS C 397 14.46 34.29 2.62
CA HIS C 397 15.25 35.15 3.48
C HIS C 397 14.28 36.00 4.29
N ALA C 398 14.36 35.93 5.63
CA ALA C 398 13.50 36.79 6.44
C ALA C 398 13.74 38.26 6.12
N ALA C 399 12.70 39.08 6.27
CA ALA C 399 12.80 40.50 5.98
C ALA C 399 14.00 41.13 6.67
N LEU C 400 14.76 41.94 5.94
CA LEU C 400 16.02 42.47 6.47
C LEU C 400 15.78 43.45 7.62
N ASN C 401 14.66 44.17 7.59
CA ASN C 401 14.23 45.03 8.69
C ASN C 401 13.44 44.28 9.75
N GLY C 402 13.47 42.95 9.74
CA GLY C 402 12.81 42.15 10.76
C GLY C 402 11.36 41.82 10.47
N ILE C 403 11.00 40.54 10.64
CA ILE C 403 9.63 40.09 10.38
C ILE C 403 8.63 40.90 11.20
N ALA C 404 8.96 41.13 12.48
CA ALA C 404 8.06 41.82 13.40
C ALA C 404 7.70 43.20 12.87
N ASN C 405 8.71 43.96 12.42
CA ASN C 405 8.46 45.30 11.89
C ASN C 405 7.69 45.28 10.58
N CYS C 406 7.95 44.28 9.72
CA CYS C 406 7.23 44.22 8.44
C CYS C 406 5.79 43.80 8.67
N ILE C 407 5.56 42.83 9.56
CA ILE C 407 4.22 42.35 9.88
C ILE C 407 3.27 43.52 10.14
N ARG C 408 3.70 44.47 10.98
CA ARG C 408 2.84 45.56 11.40
C ARG C 408 2.72 46.68 10.37
N ASN C 409 3.44 46.62 9.26
CA ASN C 409 3.47 47.70 8.29
C ASN C 409 2.83 47.24 6.97
N GLN C 410 1.60 47.68 6.74
CA GLN C 410 0.87 47.29 5.53
C GLN C 410 1.47 47.88 4.27
N SER C 411 2.26 48.94 4.39
CA SER C 411 2.92 49.58 3.25
C SER C 411 4.34 49.06 3.01
N ASP C 412 4.82 48.18 3.87
CA ASP C 412 6.10 47.52 3.65
C ASP C 412 6.09 46.77 2.33
N PRO C 413 7.13 46.89 1.51
CA PRO C 413 7.16 46.15 0.23
C PRO C 413 7.18 44.65 0.39
N ASN C 414 7.51 44.11 1.57
CA ASN C 414 7.50 42.66 1.79
C ASN C 414 6.30 42.17 2.61
N TRP C 415 5.35 43.04 2.89
CA TRP C 415 4.11 42.64 3.56
C TRP C 415 3.20 41.87 2.59
N PRO C 416 2.47 40.85 3.07
CA PRO C 416 2.42 40.28 4.42
C PRO C 416 3.32 39.08 4.67
N VAL C 417 3.99 38.53 3.67
CA VAL C 417 4.78 37.33 3.95
C VAL C 417 5.97 37.69 4.83
N CYS C 418 6.59 38.85 4.57
CA CYS C 418 7.70 39.38 5.34
C CYS C 418 8.95 38.49 5.23
N GLU C 419 9.14 37.91 4.05
CA GLU C 419 10.43 37.50 3.53
C GLU C 419 10.85 38.54 2.50
N GLU C 420 12.14 38.54 2.14
CA GLU C 420 12.57 39.34 0.99
C GLU C 420 12.04 38.69 -0.30
N GLY C 421 11.01 39.28 -0.90
CA GLY C 421 10.34 38.66 -2.02
C GLY C 421 10.96 38.90 -3.38
N SER C 422 11.86 39.86 -3.50
CA SER C 422 12.45 40.13 -4.81
C SER C 422 13.29 38.94 -5.28
N ASP C 423 13.46 38.86 -6.60
CA ASP C 423 14.25 37.81 -7.23
C ASP C 423 15.64 37.57 -6.64
N PRO C 424 16.46 38.58 -6.35
CA PRO C 424 17.82 38.29 -5.82
C PRO C 424 17.81 37.58 -4.48
N PHE C 425 16.66 37.49 -3.82
CA PHE C 425 16.54 36.70 -2.61
C PHE C 425 15.78 35.40 -2.82
N ALA C 426 14.58 35.47 -3.40
CA ALA C 426 13.72 34.30 -3.52
C ALA C 426 14.38 33.12 -4.24
N HIS C 427 15.41 33.35 -5.05
CA HIS C 427 16.02 32.24 -5.77
C HIS C 427 17.47 32.00 -5.39
N VAL C 428 18.02 32.70 -4.40
CA VAL C 428 19.47 32.74 -4.22
C VAL C 428 19.84 32.29 -2.81
N TYR C 429 20.86 31.43 -2.72
CA TYR C 429 21.43 31.03 -1.44
C TYR C 429 22.28 32.16 -0.88
N PRO C 430 22.60 32.11 0.42
CA PRO C 430 23.56 33.08 0.97
C PRO C 430 24.86 33.10 0.20
N SER C 431 25.25 31.96 -0.37
CA SER C 431 26.45 31.86 -1.19
C SER C 431 26.44 32.78 -2.39
N GLY C 432 25.25 33.24 -2.81
CA GLY C 432 25.11 34.00 -4.03
C GLY C 432 24.79 33.17 -5.27
N PHE C 433 24.88 31.85 -5.19
CA PHE C 433 24.43 30.97 -6.27
C PHE C 433 22.95 30.62 -6.14
N ALA C 434 22.28 30.46 -7.29
CA ALA C 434 20.85 30.21 -7.32
C ALA C 434 20.50 28.82 -6.80
N ILE C 435 19.23 28.66 -6.47
CA ILE C 435 18.70 27.34 -6.16
C ILE C 435 18.70 26.46 -7.41
N GLY C 436 18.60 27.06 -8.60
CA GLY C 436 18.63 26.28 -9.83
C GLY C 436 18.61 27.14 -11.08
N GLN C 437 18.47 26.47 -12.21
CA GLN C 437 18.43 27.12 -13.51
C GLN C 437 17.24 28.07 -13.60
N SER C 438 17.49 29.28 -14.09
CA SER C 438 16.42 30.22 -14.39
C SER C 438 15.85 29.98 -15.80
N ALA C 439 14.56 30.28 -15.95
CA ALA C 439 13.92 30.28 -17.27
C ALA C 439 13.96 31.70 -17.83
N ASP C 440 13.06 32.01 -18.74
CA ASP C 440 13.04 33.32 -19.36
C ASP C 440 12.82 34.41 -18.30
N PRO C 441 13.55 35.53 -18.37
CA PRO C 441 13.47 36.54 -17.28
C PRO C 441 12.16 37.31 -17.21
N LEU C 442 11.30 37.29 -18.22
CA LEU C 442 9.97 37.87 -18.07
C LEU C 442 9.03 37.00 -17.23
N SER C 443 9.44 35.79 -16.88
CA SER C 443 8.72 34.94 -15.93
C SER C 443 9.70 34.47 -14.86
N SER C 444 10.36 35.42 -14.21
CA SER C 444 11.51 35.16 -13.34
C SER C 444 11.15 34.32 -12.11
N TRP C 445 9.88 34.20 -11.76
CA TRP C 445 9.49 33.28 -10.69
C TRP C 445 9.85 31.84 -10.99
N LEU C 446 10.02 31.47 -12.26
CA LEU C 446 10.17 30.07 -12.63
C LEU C 446 11.63 29.66 -12.66
N VAL C 447 11.94 28.56 -11.98
CA VAL C 447 13.28 27.99 -11.98
C VAL C 447 13.16 26.48 -12.08
N ASN C 448 14.27 25.82 -12.40
CA ASN C 448 14.31 24.36 -12.38
C ASN C 448 14.83 23.93 -11.02
N SER C 449 13.90 23.58 -10.11
CA SER C 449 14.21 23.09 -8.78
C SER C 449 13.72 21.66 -8.60
N ALA C 450 13.95 20.81 -9.61
CA ALA C 450 13.56 19.41 -9.52
C ALA C 450 14.03 18.70 -8.25
N PRO C 451 15.27 18.90 -7.75
CA PRO C 451 15.70 18.19 -6.53
C PRO C 451 14.81 18.40 -5.31
N PHE C 452 13.94 19.39 -5.31
CA PHE C 452 13.13 19.72 -4.15
C PHE C 452 11.69 19.23 -4.27
N ILE C 453 11.36 18.59 -5.40
CA ILE C 453 9.99 18.15 -5.64
C ILE C 453 9.52 17.18 -4.57
N ARG C 454 10.32 16.14 -4.30
CA ARG C 454 9.88 15.07 -3.40
C ARG C 454 9.54 15.61 -2.01
N ASP C 455 10.29 16.62 -1.55
CA ASP C 455 9.97 17.21 -0.25
C ASP C 455 8.69 18.06 -0.30
N GLN C 456 8.41 18.73 -1.41
CA GLN C 456 7.12 19.41 -1.52
C GLN C 456 5.96 18.41 -1.46
N LEU C 457 6.12 17.25 -2.10
CA LEU C 457 5.03 16.27 -2.13
C LEU C 457 4.85 15.62 -0.76
N LYS C 458 5.95 15.35 -0.05
CA LYS C 458 5.85 14.86 1.31
C LYS C 458 5.16 15.87 2.22
N PHE C 459 5.59 17.14 2.17
CA PHE C 459 4.94 18.16 2.98
C PHE C 459 3.46 18.29 2.66
N LEU C 460 3.12 18.28 1.36
CA LEU C 460 1.73 18.58 1.00
C LEU C 460 0.80 17.43 1.36
N THR C 461 1.26 16.19 1.19
CA THR C 461 0.39 15.05 1.48
C THR C 461 0.25 14.82 2.97
N GLN C 462 1.29 15.15 3.75
CA GLN C 462 1.19 15.02 5.19
C GLN C 462 0.38 16.15 5.82
N THR C 463 0.41 17.34 5.24
CA THR C 463 -0.27 18.48 5.85
C THR C 463 -1.69 18.67 5.31
N TYR C 464 -1.95 18.23 4.08
CA TYR C 464 -3.25 18.44 3.44
C TYR C 464 -3.72 17.15 2.76
N PRO C 465 -3.89 16.07 3.52
CA PRO C 465 -4.26 14.79 2.90
C PRO C 465 -5.62 14.86 2.20
N ALA C 466 -5.77 14.02 1.19
CA ALA C 466 -7.03 13.88 0.48
C ALA C 466 -7.23 12.40 0.18
N LYS C 467 -8.51 11.98 0.19
CA LYS C 467 -8.85 10.59 -0.15
C LYS C 467 -8.16 10.17 -1.44
N GLY C 468 -8.38 10.92 -2.51
CA GLY C 468 -7.91 10.58 -3.83
C GLY C 468 -6.43 10.85 -4.09
N GLY C 469 -5.66 11.28 -3.10
CA GLY C 469 -4.25 11.54 -3.33
C GLY C 469 -4.00 12.93 -3.88
N ILE C 470 -2.94 13.06 -4.67
CA ILE C 470 -2.47 14.38 -5.12
C ILE C 470 -2.09 14.32 -6.59
N TYR C 471 -2.45 15.37 -7.32
CA TYR C 471 -2.04 15.57 -8.71
C TYR C 471 -0.92 16.59 -8.80
N PHE C 472 0.03 16.35 -9.72
CA PHE C 472 0.97 17.38 -10.17
C PHE C 472 0.29 18.04 -11.34
N SER C 473 -0.50 19.08 -11.05
CA SER C 473 -1.48 19.55 -12.00
C SER C 473 -0.94 20.58 -13.00
N ALA C 474 0.29 21.09 -12.84
CA ALA C 474 0.86 21.96 -13.86
C ALA C 474 2.36 22.10 -13.62
N PHE C 475 3.12 22.02 -14.70
CA PHE C 475 4.56 22.32 -14.66
C PHE C 475 5.04 22.45 -16.08
N GLY C 476 5.88 23.46 -16.33
CA GLY C 476 6.34 23.70 -17.69
C GLY C 476 7.44 24.74 -17.71
N TRP C 477 7.98 24.99 -18.89
CA TRP C 477 9.16 25.83 -19.01
C TRP C 477 8.98 26.90 -20.08
N ALA C 478 9.41 28.10 -19.74
CA ALA C 478 9.47 29.23 -20.65
C ALA C 478 10.92 29.33 -21.12
N GLU C 479 11.20 28.77 -22.31
CA GLU C 479 12.57 28.73 -22.78
C GLU C 479 13.05 30.16 -23.05
N ASP C 480 14.22 30.50 -22.52
CA ASP C 480 14.69 31.89 -22.55
C ASP C 480 14.76 32.44 -23.96
N ALA C 481 14.08 33.57 -24.19
CA ALA C 481 14.13 34.29 -25.46
C ALA C 481 13.72 33.40 -26.62
N GLU C 482 12.95 32.34 -26.35
CA GLU C 482 12.49 31.50 -27.44
C GLU C 482 11.70 32.32 -28.45
N TYR C 483 11.02 33.37 -27.96
CA TYR C 483 10.23 34.22 -28.84
C TYR C 483 11.07 34.95 -29.89
N ASP C 484 12.37 35.12 -29.64
CA ASP C 484 13.25 35.84 -30.55
C ASP C 484 13.84 34.97 -31.64
N ARG C 485 13.63 33.65 -31.61
CA ARG C 485 14.09 32.80 -32.70
C ARG C 485 13.31 33.14 -33.96
N GLN C 486 13.99 33.09 -35.10
CA GLN C 486 13.33 33.29 -36.39
C GLN C 486 13.31 32.04 -37.27
N LEU C 487 14.09 31.02 -36.97
CA LEU C 487 14.08 29.83 -37.81
C LEU C 487 13.58 28.64 -37.00
N LEU C 488 12.84 27.77 -37.66
CA LEU C 488 12.12 26.74 -36.96
C LEU C 488 13.06 25.76 -36.24
N TYR C 489 14.16 25.36 -36.90
CA TYR C 489 15.02 24.34 -36.29
C TYR C 489 15.70 24.85 -35.02
N GLN C 490 15.83 26.17 -34.86
CA GLN C 490 16.36 26.69 -33.61
C GLN C 490 15.33 26.63 -32.48
N ILE C 491 14.05 26.75 -32.82
CA ILE C 491 13.00 26.69 -31.81
C ILE C 491 12.86 25.27 -31.27
N THR C 492 12.77 24.29 -32.17
CA THR C 492 12.24 22.97 -31.80
C THR C 492 13.22 22.15 -30.98
N TRP C 493 14.53 22.38 -31.10
CA TRP C 493 15.46 21.68 -30.22
C TRP C 493 15.58 22.54 -28.97
N ASP C 494 14.66 22.32 -28.01
CA ASP C 494 14.54 23.16 -26.82
C ASP C 494 15.16 22.44 -25.61
N GLY C 495 16.47 22.59 -25.44
CA GLY C 495 17.18 21.78 -24.46
C GLY C 495 16.75 21.98 -23.02
N LEU C 496 16.45 23.21 -22.61
CA LEU C 496 16.19 23.38 -21.19
C LEU C 496 14.77 23.01 -20.81
N ARG C 497 13.81 23.23 -21.72
CA ARG C 497 12.46 22.68 -21.51
C ARG C 497 12.49 21.16 -21.50
N THR C 498 13.26 20.57 -22.42
CA THR C 498 13.43 19.12 -22.43
C THR C 498 14.08 18.64 -21.12
N GLN C 499 15.15 19.32 -20.70
CA GLN C 499 15.73 18.97 -19.40
C GLN C 499 14.72 19.11 -18.27
N TYR C 500 13.93 20.17 -18.29
CA TYR C 500 13.03 20.47 -17.18
C TYR C 500 11.93 19.44 -17.06
N LEU C 501 11.22 19.16 -18.17
CA LEU C 501 10.17 18.15 -18.16
C LEU C 501 10.70 16.79 -17.74
N THR C 502 11.85 16.39 -18.29
CA THR C 502 12.45 15.10 -17.94
C THR C 502 12.86 15.05 -16.47
N ASP C 503 13.55 16.11 -15.99
CA ASP C 503 13.93 16.17 -14.57
C ASP C 503 12.71 16.01 -13.66
N TYR C 504 11.62 16.69 -14.01
CA TYR C 504 10.50 16.74 -13.07
C TYR C 504 9.75 15.40 -13.04
N LEU C 505 9.41 14.86 -14.22
CA LEU C 505 8.84 13.52 -14.32
C LEU C 505 9.68 12.48 -13.58
N SER C 506 11.00 12.56 -13.72
CA SER C 506 11.87 11.62 -13.03
C SER C 506 11.64 11.66 -11.52
N GLN C 507 11.54 12.85 -10.94
CA GLN C 507 11.33 12.96 -9.50
C GLN C 507 9.92 12.58 -9.10
N LEU C 508 8.95 12.74 -10.01
CA LEU C 508 7.60 12.26 -9.72
C LEU C 508 7.61 10.74 -9.63
N LEU C 509 8.37 10.09 -10.51
CA LEU C 509 8.52 8.64 -10.46
C LEU C 509 9.16 8.20 -9.14
N LEU C 510 10.26 8.86 -8.76
CA LEU C 510 10.90 8.57 -7.48
C LEU C 510 9.98 8.87 -6.30
N ALA C 511 9.08 9.83 -6.43
CA ALA C 511 8.17 10.13 -5.32
C ALA C 511 7.11 9.03 -5.14
N VAL C 512 6.71 8.35 -6.22
CA VAL C 512 5.79 7.22 -6.10
C VAL C 512 6.49 6.00 -5.49
N HIS C 513 7.67 5.64 -6.01
CA HIS C 513 8.28 4.36 -5.64
C HIS C 513 9.23 4.44 -4.46
N LYS C 514 9.72 5.62 -4.09
CA LYS C 514 10.60 5.76 -2.94
C LYS C 514 9.89 6.36 -1.73
N ASP C 515 8.90 7.23 -1.93
CA ASP C 515 8.24 7.92 -0.85
C ASP C 515 6.78 7.54 -0.71
N GLY C 516 6.30 6.60 -1.53
CA GLY C 516 4.93 6.12 -1.43
C GLY C 516 3.89 7.19 -1.63
N ILE C 517 4.22 8.25 -2.37
CA ILE C 517 3.26 9.31 -2.66
C ILE C 517 2.15 8.78 -3.56
N ASN C 518 0.91 9.15 -3.22
CA ASN C 518 -0.26 8.69 -3.97
C ASN C 518 -0.51 9.63 -5.14
N LEU C 519 0.42 9.61 -6.09
CA LEU C 519 0.42 10.57 -7.19
C LEU C 519 -0.51 10.07 -8.30
N ARG C 520 -1.55 10.84 -8.57
CA ARG C 520 -2.60 10.48 -9.53
C ARG C 520 -2.31 10.92 -10.97
N GLY C 521 -1.38 11.84 -11.18
CA GLY C 521 -1.10 12.27 -12.54
C GLY C 521 -0.06 13.37 -12.61
N ALA C 522 0.27 13.72 -13.84
CA ALA C 522 1.23 14.77 -14.13
C ALA C 522 0.76 15.45 -15.41
N LEU C 523 0.32 16.70 -15.30
CA LEU C 523 -0.16 17.50 -16.43
C LEU C 523 0.82 18.64 -16.68
N THR C 524 1.39 18.70 -17.87
CA THR C 524 2.39 19.72 -18.16
C THR C 524 1.73 20.94 -18.81
N TRP C 525 2.17 22.14 -18.39
CA TRP C 525 1.78 23.42 -18.96
C TRP C 525 2.87 23.89 -19.92
N SER C 526 2.62 23.82 -21.23
CA SER C 526 1.37 23.40 -21.82
C SER C 526 1.61 22.61 -23.13
N PHE C 527 0.55 22.22 -23.85
CA PHE C 527 0.78 21.44 -25.06
C PHE C 527 1.07 22.34 -26.25
N VAL C 528 0.72 23.62 -26.17
CA VAL C 528 0.98 24.60 -27.22
C VAL C 528 1.47 25.87 -26.56
N ASP C 529 2.36 26.58 -27.26
CA ASP C 529 2.61 27.99 -26.97
C ASP C 529 1.28 28.73 -26.98
N ASN C 530 1.02 29.54 -25.96
CA ASN C 530 -0.31 30.12 -25.88
C ASN C 530 -0.26 31.53 -25.30
N TRP C 531 -1.44 32.09 -25.04
CA TRP C 531 -1.60 33.48 -24.59
C TRP C 531 -1.32 33.50 -23.09
N GLU C 532 -0.14 33.98 -22.71
CA GLU C 532 0.32 33.92 -21.32
C GLU C 532 -0.04 35.20 -20.56
N TRP C 533 -1.34 35.47 -20.46
CA TRP C 533 -1.85 36.54 -19.57
C TRP C 533 -1.22 37.87 -19.98
N GLY C 534 -0.64 38.63 -19.05
CA GLY C 534 -0.10 39.95 -19.37
C GLY C 534 1.03 39.94 -20.38
N LEU C 535 1.77 38.83 -20.49
CA LEU C 535 2.81 38.70 -21.49
C LEU C 535 2.25 38.31 -22.85
N GLY C 536 0.98 37.91 -22.93
CA GLY C 536 0.40 37.51 -24.21
C GLY C 536 1.15 36.36 -24.84
N MET C 537 1.20 36.37 -26.17
CA MET C 537 1.84 35.27 -26.88
C MET C 537 3.35 35.39 -26.95
N GLN C 538 3.96 36.39 -26.32
CA GLN C 538 5.42 36.45 -26.35
C GLN C 538 6.02 35.28 -25.55
N GLN C 539 5.48 35.00 -24.36
CA GLN C 539 6.04 33.96 -23.51
C GLN C 539 5.67 32.56 -24.04
N LYS C 540 6.66 31.67 -24.14
CA LYS C 540 6.52 30.41 -24.85
C LYS C 540 6.60 29.23 -23.87
N PHE C 541 5.42 28.65 -23.54
CA PHE C 541 5.33 27.53 -22.61
C PHE C 541 5.01 26.19 -23.28
N GLY C 542 4.79 26.17 -24.59
CA GLY C 542 4.37 24.92 -25.21
C GLY C 542 5.50 23.92 -25.39
N PHE C 543 5.14 22.63 -25.37
CA PHE C 543 6.08 21.69 -25.95
C PHE C 543 5.80 21.48 -27.44
N GLN C 544 4.83 22.22 -27.99
CA GLN C 544 4.68 22.45 -29.41
C GLN C 544 4.77 23.94 -29.70
N PHE C 545 5.46 24.30 -30.77
CA PHE C 545 5.48 25.67 -31.24
C PHE C 545 4.19 25.96 -32.02
N VAL C 546 3.60 27.12 -31.77
CA VAL C 546 2.50 27.66 -32.56
C VAL C 546 3.05 28.81 -33.39
N ASN C 547 2.83 28.78 -34.70
CA ASN C 547 3.40 29.81 -35.57
C ASN C 547 2.39 30.95 -35.69
N GLN C 548 2.64 32.04 -34.95
CA GLN C 548 1.76 33.21 -34.91
C GLN C 548 1.82 34.05 -36.17
N SER C 549 2.85 33.86 -37.02
CA SER C 549 2.90 34.51 -38.32
C SER C 549 2.21 33.71 -39.42
N ASP C 550 1.60 32.59 -39.07
CA ASP C 550 1.03 31.73 -40.07
C ASP C 550 -0.48 31.72 -39.94
N PRO C 551 -1.23 31.97 -41.02
CA PRO C 551 -2.68 32.17 -40.85
C PRO C 551 -3.36 30.95 -40.26
N ASP C 552 -2.84 29.76 -40.54
CA ASP C 552 -3.37 28.54 -39.93
C ASP C 552 -2.79 28.24 -38.55
N LEU C 553 -1.86 29.05 -38.03
CA LEU C 553 -1.35 28.83 -36.68
C LEU C 553 -0.78 27.41 -36.53
N THR C 554 -0.04 26.98 -37.57
CA THR C 554 0.46 25.61 -37.64
C THR C 554 1.27 25.24 -36.40
N ARG C 555 0.97 24.07 -35.83
CA ARG C 555 1.73 23.54 -34.70
C ARG C 555 2.95 22.76 -35.18
N THR C 556 3.99 22.73 -34.35
CA THR C 556 5.16 21.89 -34.64
C THR C 556 5.68 21.32 -33.34
N PHE C 557 5.92 20.01 -33.32
CA PHE C 557 6.49 19.40 -32.12
C PHE C 557 7.87 19.98 -31.84
N LYS C 558 8.11 20.33 -30.58
CA LYS C 558 9.48 20.60 -30.14
C LYS C 558 10.08 19.31 -29.63
N LEU C 559 11.40 19.33 -29.37
CA LEU C 559 12.05 18.17 -28.78
C LEU C 559 11.41 17.78 -27.46
N SER C 560 10.88 18.76 -26.71
CA SER C 560 10.31 18.45 -25.41
C SER C 560 9.04 17.62 -25.55
N ALA C 561 8.28 17.78 -26.63
CA ALA C 561 7.10 16.94 -26.84
C ALA C 561 7.51 15.48 -27.03
N HIS C 562 8.58 15.26 -27.80
CA HIS C 562 9.11 13.90 -27.97
C HIS C 562 9.73 13.37 -26.70
N ALA C 563 10.31 14.25 -25.86
CA ALA C 563 10.81 13.79 -24.58
C ALA C 563 9.66 13.38 -23.68
N TYR C 564 8.54 14.11 -23.73
CA TYR C 564 7.38 13.74 -22.94
C TYR C 564 6.78 12.43 -23.46
N ALA C 565 6.72 12.27 -24.79
CA ALA C 565 6.20 11.05 -25.39
C ALA C 565 7.07 9.86 -25.01
N GLN C 566 8.39 9.99 -25.16
CA GLN C 566 9.28 8.88 -24.84
C GLN C 566 9.24 8.54 -23.35
N PHE C 567 9.15 9.55 -22.47
CA PHE C 567 9.02 9.24 -21.05
C PHE C 567 7.80 8.35 -20.80
N GLY C 568 6.65 8.77 -21.31
CA GLY C 568 5.44 7.98 -21.15
C GLY C 568 5.54 6.59 -21.73
N ARG C 569 6.29 6.43 -22.83
CA ARG C 569 6.46 5.10 -23.42
C ARG C 569 7.36 4.24 -22.55
N ASN C 570 8.37 4.85 -21.92
CA ASN C 570 9.28 4.12 -21.04
C ASN C 570 8.69 3.85 -19.66
N HIS C 571 7.73 4.66 -19.19
CA HIS C 571 7.41 4.67 -17.77
C HIS C 571 5.92 4.65 -17.46
N LEU C 572 5.05 4.48 -18.45
CA LEU C 572 3.65 4.17 -18.21
C LEU C 572 3.43 2.68 -18.37
N HIS C 573 2.46 2.15 -17.63
CA HIS C 573 2.06 0.77 -17.85
C HIS C 573 1.25 0.66 -19.14
N HIS C 574 1.25 -0.53 -19.72
CA HIS C 574 0.49 -0.76 -20.95
C HIS C 574 0.15 -2.23 -21.11
N GLY D 33 57.73 59.62 -28.77
CA GLY D 33 57.62 58.30 -29.35
C GLY D 33 58.00 58.24 -30.82
N THR D 34 57.57 57.17 -31.49
CA THR D 34 57.86 56.95 -32.90
C THR D 34 56.98 57.82 -33.79
N ALA D 35 57.59 58.40 -34.83
CA ALA D 35 56.85 59.27 -35.73
C ALA D 35 55.74 58.51 -36.44
N GLU D 36 56.10 57.38 -37.07
CA GLU D 36 55.12 56.59 -37.83
C GLU D 36 54.10 55.93 -36.92
N LEU D 37 54.49 55.60 -35.68
CA LEU D 37 53.51 55.01 -34.77
C LEU D 37 52.45 56.03 -34.38
N ASP D 38 52.85 57.27 -34.12
CA ASP D 38 51.87 58.29 -33.76
C ASP D 38 50.91 58.57 -34.92
N ALA D 39 51.43 58.61 -36.16
CA ALA D 39 50.55 58.79 -37.31
C ALA D 39 49.55 57.65 -37.44
N LEU D 40 49.96 56.40 -37.19
CA LEU D 40 49.03 55.29 -37.30
C LEU D 40 47.92 55.38 -36.25
N TRP D 41 48.25 55.82 -35.04
CA TRP D 41 47.23 55.93 -33.98
C TRP D 41 46.37 57.17 -34.16
N ASN D 42 46.96 58.30 -34.57
CA ASN D 42 46.14 59.42 -34.98
C ASN D 42 45.16 59.01 -36.07
N LEU D 43 45.63 58.19 -37.02
CA LEU D 43 44.74 57.68 -38.06
C LEU D 43 43.62 56.85 -37.46
N VAL D 44 43.95 55.96 -36.53
CA VAL D 44 42.93 55.12 -35.91
C VAL D 44 41.93 55.98 -35.14
N GLU D 45 42.42 56.99 -34.41
CA GLU D 45 41.60 57.73 -33.47
C GLU D 45 40.93 58.97 -34.09
N ALA D 46 40.87 59.04 -35.43
CA ALA D 46 40.41 60.25 -36.11
C ALA D 46 38.94 60.56 -35.82
N GLN D 47 38.10 59.55 -35.64
CA GLN D 47 36.74 59.86 -35.22
C GLN D 47 36.58 59.85 -33.71
N TYR D 48 37.12 58.87 -33.00
CA TYR D 48 37.13 58.98 -31.55
C TYR D 48 38.33 58.21 -30.98
N PRO D 49 38.86 58.67 -29.85
CA PRO D 49 40.11 58.09 -29.34
C PRO D 49 39.91 56.76 -28.63
N VAL D 50 41.04 56.10 -28.40
CA VAL D 50 41.09 54.87 -27.62
C VAL D 50 40.76 55.21 -26.17
N GLN D 51 39.88 54.43 -25.58
CA GLN D 51 39.48 54.66 -24.21
C GLN D 51 40.32 53.83 -23.25
N THR D 52 40.55 54.39 -22.09
CA THR D 52 41.43 53.83 -21.07
C THR D 52 40.59 53.16 -20.00
N ALA D 53 40.99 51.95 -19.58
CA ALA D 53 40.32 51.23 -18.50
C ALA D 53 40.43 51.98 -17.16
N ALA D 54 39.57 51.61 -16.23
CA ALA D 54 39.64 52.20 -14.90
C ALA D 54 40.84 51.71 -14.10
N VAL D 55 41.47 50.62 -14.53
CA VAL D 55 42.66 50.09 -13.87
C VAL D 55 43.72 49.93 -14.94
N THR D 56 44.83 50.64 -14.79
CA THR D 56 45.89 50.58 -15.79
C THR D 56 47.22 50.14 -15.19
N THR D 57 47.20 49.48 -14.04
CA THR D 57 48.40 48.92 -13.44
C THR D 57 48.19 47.41 -13.24
N LEU D 58 49.29 46.67 -13.34
CA LEU D 58 49.30 45.25 -13.00
C LEU D 58 48.73 45.05 -11.60
N VAL D 59 47.75 44.15 -11.46
CA VAL D 59 47.15 43.95 -10.15
C VAL D 59 48.01 42.99 -9.34
N THR D 60 47.94 43.11 -8.02
CA THR D 60 48.57 42.15 -7.12
C THR D 60 47.47 41.28 -6.50
N VAL D 61 47.68 39.96 -6.54
CA VAL D 61 46.72 39.04 -5.95
C VAL D 61 47.02 38.94 -4.46
N PRO D 62 46.14 39.44 -3.60
CA PRO D 62 46.36 39.29 -2.16
C PRO D 62 46.38 37.82 -1.79
N ASP D 63 47.25 37.47 -0.88
CA ASP D 63 47.33 36.10 -0.44
C ASP D 63 46.02 35.67 0.19
N ASP D 64 45.22 36.61 0.66
CA ASP D 64 43.94 36.30 1.26
C ASP D 64 42.79 36.39 0.28
N TYR D 65 43.05 36.26 -1.00
CA TYR D 65 41.99 36.38 -1.99
C TYR D 65 40.81 35.45 -1.76
N LYS D 66 39.65 36.03 -1.60
CA LYS D 66 38.47 35.21 -1.34
C LYS D 66 37.80 34.83 -2.65
N PHE D 67 37.70 33.54 -2.92
CA PHE D 67 36.90 33.05 -4.05
C PHE D 67 35.44 32.96 -3.62
N GLU D 68 34.54 33.29 -4.55
CA GLU D 68 33.12 33.19 -4.25
C GLU D 68 32.74 31.74 -3.99
N ALA D 69 31.70 31.55 -3.17
CA ALA D 69 31.40 30.20 -2.71
C ALA D 69 30.94 29.32 -3.87
N ASP D 70 31.06 28.00 -3.66
CA ASP D 70 30.70 26.98 -4.64
C ASP D 70 29.19 26.98 -4.89
N PRO D 71 28.77 26.52 -6.07
CA PRO D 71 27.34 26.23 -6.30
C PRO D 71 26.85 25.14 -5.35
N PRO D 72 25.54 24.97 -5.21
CA PRO D 72 25.03 23.87 -4.37
C PRO D 72 25.56 22.51 -4.78
N SER D 73 25.61 21.60 -3.81
CA SER D 73 26.17 20.26 -4.00
C SER D 73 25.47 19.48 -5.11
N TYR D 74 24.18 19.69 -5.29
CA TYR D 74 23.43 19.01 -6.33
C TYR D 74 23.52 19.68 -7.72
N ALA D 75 24.19 20.82 -7.84
CA ALA D 75 24.13 21.60 -9.08
C ALA D 75 24.67 20.82 -10.28
N LEU D 76 25.70 20.00 -10.08
CA LEU D 76 26.33 19.31 -11.19
C LEU D 76 25.76 17.91 -11.42
N ALA D 77 24.68 17.55 -10.73
CA ALA D 77 24.10 16.23 -10.91
C ALA D 77 23.42 16.12 -12.26
N GLY D 78 23.63 14.99 -12.92
CA GLY D 78 22.92 14.66 -14.14
C GLY D 78 23.72 14.84 -15.41
N TYR D 79 24.81 15.62 -15.36
CA TYR D 79 25.51 15.98 -16.59
C TYR D 79 26.41 14.83 -17.07
N GLU D 80 27.24 14.32 -16.17
CA GLU D 80 28.13 13.21 -16.49
C GLU D 80 27.32 11.91 -16.58
N THR D 81 27.50 11.19 -17.68
CA THR D 81 26.93 9.87 -17.88
C THR D 81 27.81 8.81 -17.23
N SER D 82 27.20 7.73 -16.75
CA SER D 82 28.00 6.64 -16.17
C SER D 82 28.92 5.96 -17.20
N GLU D 83 28.70 6.18 -18.49
CA GLU D 83 29.54 5.58 -19.52
C GLU D 83 31.02 5.92 -19.33
N ILE D 84 31.35 7.05 -18.69
CA ILE D 84 32.75 7.45 -18.52
C ILE D 84 33.29 7.22 -17.12
N ALA D 85 32.45 6.82 -16.16
CA ALA D 85 32.85 6.56 -14.78
C ALA D 85 34.22 5.89 -14.69
N GLY D 86 35.16 6.53 -14.01
CA GLY D 86 36.46 5.95 -13.77
C GLY D 86 37.48 6.18 -14.88
N LEU D 87 37.06 6.61 -16.07
CA LEU D 87 38.02 6.82 -17.14
C LEU D 87 38.80 8.10 -16.90
N LYS D 88 40.05 8.12 -17.39
CA LYS D 88 40.89 9.28 -17.18
C LYS D 88 41.65 9.60 -18.45
N PHE D 89 41.88 10.89 -18.68
CA PHE D 89 42.74 11.29 -19.77
C PHE D 89 44.18 10.85 -19.49
N PRO D 90 44.99 10.65 -20.54
CA PRO D 90 46.35 10.15 -20.33
C PRO D 90 47.18 11.15 -19.53
N LYS D 91 48.12 10.61 -18.77
CA LYS D 91 49.12 11.40 -18.07
C LYS D 91 49.69 12.44 -19.01
N GLY D 92 49.73 13.69 -18.52
CA GLY D 92 50.22 14.81 -19.31
C GLY D 92 49.16 15.55 -20.09
N PHE D 93 47.90 15.18 -19.96
CA PHE D 93 46.83 15.81 -20.74
C PHE D 93 46.70 17.29 -20.36
N LYS D 94 46.73 18.15 -21.36
CA LYS D 94 46.54 19.56 -21.13
C LYS D 94 45.05 19.84 -21.03
N PHE D 95 44.59 20.14 -19.81
CA PHE D 95 43.19 20.43 -19.49
C PHE D 95 43.14 21.94 -19.29
N GLY D 96 42.73 22.68 -20.34
CA GLY D 96 43.02 24.10 -20.42
C GLY D 96 41.84 25.00 -20.79
N VAL D 97 42.16 26.29 -20.84
CA VAL D 97 41.29 27.35 -21.30
C VAL D 97 42.05 28.07 -22.41
N ALA D 98 41.30 28.81 -23.24
CA ALA D 98 41.91 29.56 -24.32
C ALA D 98 41.39 30.99 -24.33
N GLY D 99 42.28 31.90 -24.75
CA GLY D 99 41.94 33.26 -25.02
C GLY D 99 42.79 33.72 -26.19
N ALA D 100 42.55 34.95 -26.65
CA ALA D 100 43.37 35.59 -27.68
C ALA D 100 43.64 37.01 -27.25
N ALA D 101 44.80 37.53 -27.66
CA ALA D 101 45.27 38.81 -27.15
C ALA D 101 44.24 39.93 -27.33
N ILE D 102 43.73 40.09 -28.56
CA ILE D 102 42.90 41.26 -28.80
C ILE D 102 41.50 41.05 -28.25
N GLN D 103 41.12 39.80 -28.02
CA GLN D 103 39.83 39.50 -27.42
C GLN D 103 39.80 39.68 -25.90
N VAL D 104 40.94 39.63 -25.20
CA VAL D 104 40.95 39.61 -23.74
C VAL D 104 41.83 40.69 -23.13
N GLU D 105 42.83 41.21 -23.84
CA GLU D 105 43.85 42.01 -23.18
C GLU D 105 43.37 43.43 -22.89
N GLY D 106 42.82 44.11 -23.89
CA GLY D 106 42.66 45.53 -23.70
C GLY D 106 44.02 46.21 -23.88
N ALA D 107 44.19 47.33 -23.18
CA ALA D 107 45.42 48.15 -23.26
C ALA D 107 45.88 48.33 -24.71
N ALA D 108 44.95 48.78 -25.56
CA ALA D 108 45.20 48.74 -27.00
C ALA D 108 46.34 49.66 -27.38
N LYS D 109 46.58 50.73 -26.62
CA LYS D 109 47.68 51.65 -26.89
C LYS D 109 48.77 51.61 -25.83
N ALA D 110 48.61 50.81 -24.77
CA ALA D 110 49.59 50.84 -23.67
C ALA D 110 50.93 50.25 -24.09
N GLU D 111 51.99 50.75 -23.48
CA GLU D 111 53.32 50.16 -23.56
C GLU D 111 53.76 49.92 -25.00
N GLY D 112 53.54 50.93 -25.83
CA GLY D 112 54.11 50.98 -27.16
C GLY D 112 53.39 50.17 -28.21
N ARG D 113 52.32 49.47 -27.86
CA ARG D 113 51.58 48.67 -28.84
C ARG D 113 51.13 49.52 -30.03
N GLY D 114 51.27 48.96 -31.23
CA GLY D 114 50.75 49.55 -32.44
C GLY D 114 49.36 49.04 -32.78
N PRO D 115 48.64 49.76 -33.64
CA PRO D 115 47.27 49.33 -33.95
C PRO D 115 47.27 48.13 -34.87
N SER D 116 46.27 47.26 -34.67
CA SER D 116 45.95 46.22 -35.63
C SER D 116 44.81 46.70 -36.54
N THR D 117 44.47 45.85 -37.51
CA THR D 117 43.39 46.18 -38.43
C THR D 117 42.05 46.29 -37.70
N TRP D 118 41.88 45.53 -36.62
CA TRP D 118 40.64 45.59 -35.86
C TRP D 118 40.55 46.90 -35.08
N ASP D 119 41.65 47.36 -34.50
CA ASP D 119 41.67 48.68 -33.89
C ASP D 119 41.15 49.73 -34.87
N TYR D 120 41.57 49.62 -36.14
CA TYR D 120 41.10 50.55 -37.17
C TYR D 120 39.62 50.32 -37.47
N LEU D 121 39.25 49.07 -37.78
CA LEU D 121 37.87 48.75 -38.12
C LEU D 121 36.88 49.34 -37.12
N CYS D 122 37.11 49.10 -35.83
CA CYS D 122 36.12 49.40 -34.80
C CYS D 122 36.25 50.81 -34.25
N HIS D 123 37.20 51.61 -34.74
CA HIS D 123 37.15 53.02 -34.43
C HIS D 123 36.57 53.85 -35.57
N HIS D 124 36.30 53.22 -36.70
CA HIS D 124 35.78 53.89 -37.88
C HIS D 124 34.44 53.35 -38.36
N TYR D 125 34.17 52.07 -38.11
CA TYR D 125 32.92 51.45 -38.56
C TYR D 125 32.24 50.69 -37.43
N ALA D 126 32.26 51.25 -36.23
CA ALA D 126 31.78 50.50 -35.07
C ALA D 126 30.29 50.21 -35.17
N SER D 127 29.50 51.19 -35.64
CA SER D 127 28.06 51.01 -35.73
C SER D 127 27.68 49.94 -36.75
N THR D 128 28.44 49.78 -37.83
CA THR D 128 28.06 48.82 -38.87
C THR D 128 28.89 47.53 -38.85
N GLN D 129 30.10 47.53 -38.32
CA GLN D 129 30.93 46.32 -38.37
C GLN D 129 31.30 45.73 -37.02
N CYS D 130 31.13 46.46 -35.93
CA CYS D 130 31.61 45.99 -34.63
C CYS D 130 30.54 46.04 -33.54
N ASN D 131 29.26 46.11 -33.91
CA ASN D 131 28.17 46.07 -32.92
C ASN D 131 28.32 47.16 -31.87
N ASN D 132 28.91 48.29 -32.25
CA ASN D 132 29.15 49.44 -31.38
C ASN D 132 30.14 49.18 -30.25
N TYR D 133 31.01 48.18 -30.40
CA TYR D 133 32.11 47.93 -29.49
C TYR D 133 33.45 48.19 -30.16
N ASP D 134 34.51 48.17 -29.37
CA ASP D 134 35.86 48.14 -29.90
C ASP D 134 36.71 47.37 -28.92
N PRO D 135 37.94 46.96 -29.32
CA PRO D 135 38.79 46.23 -28.37
C PRO D 135 39.76 47.10 -27.57
N ASP D 136 39.33 48.30 -27.14
CA ASP D 136 40.23 49.18 -26.39
C ASP D 136 40.62 48.58 -25.05
N ILE D 137 39.66 47.96 -24.36
CA ILE D 137 39.72 47.60 -22.95
C ILE D 137 39.34 46.14 -22.78
N THR D 138 38.26 45.69 -23.38
CA THR D 138 37.79 44.31 -23.31
C THR D 138 37.76 43.77 -21.89
N THR D 139 38.48 42.70 -21.55
CA THR D 139 38.40 42.25 -20.17
C THR D 139 39.54 42.81 -19.32
N ASN D 140 40.41 43.62 -19.91
CA ASN D 140 41.55 44.20 -19.20
C ASN D 140 42.47 43.12 -18.66
N HIS D 141 42.55 41.98 -19.36
CA HIS D 141 43.44 40.88 -18.97
C HIS D 141 44.91 41.29 -19.01
N TYR D 142 45.24 42.33 -19.78
CA TYR D 142 46.62 42.79 -19.83
C TYR D 142 47.12 43.20 -18.45
N TYR D 143 46.25 43.79 -17.64
CA TYR D 143 46.59 44.14 -16.27
C TYR D 143 46.07 43.14 -15.24
N LEU D 144 44.99 42.42 -15.54
CA LEU D 144 44.37 41.55 -14.55
C LEU D 144 44.85 40.10 -14.62
N TYR D 145 45.73 39.75 -15.55
CA TYR D 145 46.07 38.34 -15.73
C TYR D 145 46.50 37.65 -14.43
N PRO D 146 47.29 38.24 -13.51
CA PRO D 146 47.62 37.48 -12.29
C PRO D 146 46.37 37.04 -11.52
N LEU D 147 45.38 37.92 -11.40
CA LEU D 147 44.10 37.57 -10.78
C LEU D 147 43.37 36.50 -11.58
N ASP D 148 43.42 36.59 -12.91
CA ASP D 148 42.75 35.56 -13.71
C ASP D 148 43.38 34.19 -13.48
N PHE D 149 44.71 34.17 -13.35
CA PHE D 149 45.40 32.90 -13.19
C PHE D 149 45.11 32.28 -11.83
N ALA D 150 45.06 33.11 -10.77
CA ALA D 150 44.67 32.60 -9.45
C ALA D 150 43.30 31.94 -9.51
N ARG D 151 42.35 32.57 -10.22
CA ARG D 151 41.01 32.01 -10.35
C ARG D 151 41.03 30.73 -11.16
N LEU D 152 41.87 30.66 -12.19
CA LEU D 152 41.95 29.42 -12.95
C LEU D 152 42.55 28.30 -12.11
N GLN D 153 43.54 28.64 -11.26
CA GLN D 153 44.12 27.65 -10.37
C GLN D 153 43.07 27.06 -9.43
N HIS D 154 42.18 27.91 -8.90
CA HIS D 154 41.09 27.45 -8.03
C HIS D 154 40.24 26.43 -8.75
N LEU D 155 40.23 26.44 -10.09
CA LEU D 155 39.44 25.50 -10.86
C LEU D 155 40.18 24.22 -11.22
N GLY D 156 41.50 24.17 -11.04
CA GLY D 156 42.25 22.99 -11.45
C GLY D 156 42.72 23.01 -12.89
N ILE D 157 42.65 24.16 -13.54
CA ILE D 157 43.17 24.29 -14.90
C ILE D 157 44.68 24.05 -14.88
N ASN D 158 45.17 23.22 -15.80
CA ASN D 158 46.61 23.00 -15.90
C ASN D 158 47.21 23.58 -17.19
N THR D 159 46.46 24.35 -17.98
CA THR D 159 46.99 24.82 -19.26
C THR D 159 46.30 26.12 -19.67
N TYR D 160 47.11 27.07 -20.14
CA TYR D 160 46.66 28.41 -20.54
C TYR D 160 47.07 28.61 -21.98
N SER D 161 46.07 28.73 -22.87
CA SER D 161 46.29 29.04 -24.28
C SER D 161 46.06 30.52 -24.51
N PHE D 162 47.01 31.17 -25.17
CA PHE D 162 47.00 32.60 -25.39
C PHE D 162 47.66 32.87 -26.73
N SER D 163 47.50 34.10 -27.22
CA SER D 163 48.19 34.51 -28.42
C SER D 163 48.99 35.75 -28.11
N ILE D 164 50.05 35.94 -28.86
CA ILE D 164 50.91 37.12 -28.75
C ILE D 164 50.39 38.17 -29.70
N SER D 165 50.24 39.40 -29.22
CA SER D 165 49.87 40.51 -30.11
C SER D 165 51.10 40.96 -30.90
N TRP D 166 51.13 40.60 -32.17
CA TRP D 166 52.21 41.01 -33.07
C TRP D 166 52.60 42.48 -32.88
N THR D 167 51.60 43.38 -32.81
CA THR D 167 51.89 44.81 -32.74
C THR D 167 52.29 45.29 -31.36
N ARG D 168 52.24 44.45 -30.34
CA ARG D 168 53.02 44.71 -29.14
C ARG D 168 54.51 44.42 -29.34
N ILE D 169 54.86 43.50 -30.23
CA ILE D 169 56.26 43.11 -30.42
C ILE D 169 56.92 44.00 -31.48
N TYR D 170 56.33 44.03 -32.68
CA TYR D 170 56.72 45.00 -33.70
C TYR D 170 55.59 45.98 -33.94
N PRO D 171 55.60 47.17 -33.35
CA PRO D 171 54.40 48.03 -33.40
C PRO D 171 54.03 48.47 -34.80
N LEU D 172 54.96 48.46 -35.74
CA LEU D 172 54.62 48.71 -37.14
C LEU D 172 54.65 47.43 -37.97
N GLY D 173 54.53 46.28 -37.33
CA GLY D 173 54.55 44.99 -38.07
C GLY D 173 55.92 44.48 -38.43
N ALA D 174 56.78 45.34 -38.99
CA ALA D 174 58.18 45.07 -39.23
C ALA D 174 58.99 46.27 -38.76
N GLY D 175 60.27 46.04 -38.50
CA GLY D 175 61.13 47.14 -38.10
C GLY D 175 61.49 47.12 -36.62
N TYR D 176 61.35 48.28 -35.96
CA TYR D 176 61.79 48.37 -34.58
C TYR D 176 60.97 47.47 -33.66
N VAL D 177 61.61 46.99 -32.61
CA VAL D 177 61.02 46.06 -31.68
C VAL D 177 60.63 46.82 -30.42
N ASN D 178 59.58 46.35 -29.73
CA ASN D 178 59.04 47.00 -28.54
C ASN D 178 59.35 46.11 -27.35
N GLU D 179 60.40 46.47 -26.59
CA GLU D 179 60.83 45.62 -25.47
C GLU D 179 59.76 45.53 -24.38
N ALA D 180 59.01 46.60 -24.13
CA ALA D 180 57.91 46.53 -23.18
C ALA D 180 56.93 45.41 -23.57
N GLY D 181 56.67 45.26 -24.86
CA GLY D 181 55.82 44.17 -25.31
C GLY D 181 56.43 42.81 -25.00
N LEU D 182 57.68 42.60 -25.41
CA LEU D 182 58.34 41.32 -25.16
C LEU D 182 58.40 41.03 -23.66
N ALA D 183 58.72 42.05 -22.85
CA ALA D 183 58.78 41.83 -21.42
C ALA D 183 57.39 41.52 -20.84
N HIS D 184 56.32 42.08 -21.45
CA HIS D 184 54.99 41.82 -20.94
C HIS D 184 54.66 40.35 -21.01
N TYR D 185 54.95 39.72 -22.15
CA TYR D 185 54.60 38.32 -22.25
C TYR D 185 55.54 37.45 -21.42
N ASP D 186 56.79 37.90 -21.22
CA ASP D 186 57.64 37.22 -20.24
C ASP D 186 56.91 37.08 -18.90
N ALA D 187 56.33 38.19 -18.41
CA ALA D 187 55.71 38.18 -17.09
C ALA D 187 54.40 37.38 -17.08
N VAL D 188 53.64 37.43 -18.17
CA VAL D 188 52.44 36.59 -18.29
C VAL D 188 52.81 35.12 -18.18
N ILE D 189 53.79 34.70 -18.98
CA ILE D 189 54.20 33.29 -18.96
C ILE D 189 54.69 32.89 -17.57
N HIS D 190 55.47 33.77 -16.93
CA HIS D 190 55.98 33.46 -15.60
C HIS D 190 54.84 33.37 -14.59
N SER D 191 53.89 34.31 -14.68
CA SER D 191 52.73 34.27 -13.79
C SER D 191 51.91 33.02 -14.01
N ALA D 192 51.77 32.59 -15.28
CA ALA D 192 50.99 31.39 -15.57
C ALA D 192 51.61 30.16 -14.93
N LYS D 193 52.92 29.96 -15.17
CA LYS D 193 53.60 28.80 -14.61
C LYS D 193 53.57 28.85 -13.08
N LYS D 194 53.63 30.05 -12.50
CA LYS D 194 53.48 30.16 -11.05
C LYS D 194 52.14 29.60 -10.56
N TYR D 195 51.08 29.75 -11.33
CA TYR D 195 49.78 29.24 -10.91
C TYR D 195 49.51 27.84 -11.45
N GLY D 196 50.55 27.14 -11.88
CA GLY D 196 50.36 25.78 -12.38
C GLY D 196 49.74 25.69 -13.76
N LEU D 197 49.90 26.73 -14.59
CA LEU D 197 49.29 26.83 -15.91
C LEU D 197 50.38 26.66 -16.98
N GLU D 198 50.37 25.54 -17.67
CA GLU D 198 51.34 25.34 -18.76
C GLU D 198 51.02 26.29 -19.90
N PRO D 199 51.97 27.06 -20.40
CA PRO D 199 51.64 28.04 -21.43
C PRO D 199 51.73 27.48 -22.84
N VAL D 200 50.68 27.69 -23.62
CA VAL D 200 50.57 27.29 -25.02
C VAL D 200 50.37 28.57 -25.82
N GLY D 201 51.25 28.83 -26.78
CA GLY D 201 51.33 30.13 -27.43
C GLY D 201 50.89 30.07 -28.89
N THR D 202 50.07 31.05 -29.25
CA THR D 202 49.68 31.26 -30.64
C THR D 202 50.39 32.50 -31.13
N VAL D 203 51.08 32.37 -32.27
CA VAL D 203 51.84 33.51 -32.80
C VAL D 203 50.92 34.57 -33.39
N PHE D 204 49.89 34.15 -34.13
CA PHE D 204 49.01 35.09 -34.82
C PHE D 204 47.55 34.70 -34.66
N HIS D 205 46.78 35.56 -34.01
CA HIS D 205 45.36 35.34 -33.83
C HIS D 205 44.60 36.54 -34.39
N TRP D 206 44.73 36.75 -35.72
CA TRP D 206 43.93 37.63 -36.57
C TRP D 206 44.24 39.13 -36.41
N ASP D 207 45.16 39.53 -35.53
CA ASP D 207 45.36 40.95 -35.29
C ASP D 207 46.43 41.51 -36.23
N THR D 208 46.08 41.54 -37.50
CA THR D 208 47.01 42.01 -38.53
C THR D 208 47.53 43.40 -38.22
N PRO D 209 48.84 43.62 -38.26
CA PRO D 209 49.37 44.99 -38.11
C PRO D 209 48.80 45.93 -39.17
N LEU D 210 48.24 47.05 -38.70
CA LEU D 210 47.67 48.03 -39.61
C LEU D 210 48.75 48.61 -40.53
N SER D 211 49.95 48.85 -40.00
CA SER D 211 51.04 49.37 -40.79
C SER D 211 51.27 48.53 -42.03
N LEU D 212 51.24 47.21 -41.87
CA LEU D 212 51.54 46.31 -42.99
C LEU D 212 50.41 46.32 -44.01
N MET D 213 49.16 46.41 -43.55
CA MET D 213 48.04 46.54 -44.48
C MET D 213 48.18 47.79 -45.33
N LEU D 214 48.41 48.93 -44.69
CA LEU D 214 48.52 50.17 -45.44
C LEU D 214 49.72 50.17 -46.38
N LYS D 215 50.76 49.38 -46.08
CA LYS D 215 52.01 49.47 -46.82
C LYS D 215 52.02 48.59 -48.06
N TYR D 216 51.54 47.36 -47.96
CA TYR D 216 51.55 46.47 -49.13
C TYR D 216 50.38 45.50 -49.15
N GLY D 217 49.30 45.78 -48.41
CA GLY D 217 48.15 44.90 -48.37
C GLY D 217 48.25 43.74 -47.40
N ALA D 218 49.22 43.77 -46.48
CA ALA D 218 49.47 42.68 -45.53
C ALA D 218 49.41 41.31 -46.19
N TRP D 219 48.48 40.44 -45.76
CA TRP D 219 48.37 39.08 -46.28
C TRP D 219 47.92 38.99 -47.73
N GLN D 220 47.56 40.11 -48.36
CA GLN D 220 47.25 40.13 -49.79
C GLN D 220 48.48 40.34 -50.65
N ASP D 221 49.64 40.61 -50.04
CA ASP D 221 50.89 40.87 -50.72
C ASP D 221 51.10 39.96 -51.92
N THR D 222 51.18 40.54 -53.12
CA THR D 222 51.52 39.75 -54.29
C THR D 222 53.01 39.38 -54.31
N GLY D 223 53.83 40.04 -53.49
CA GLY D 223 55.22 39.66 -53.28
C GLY D 223 55.37 38.68 -52.13
N ASP D 224 56.44 38.83 -51.34
CA ASP D 224 56.59 38.01 -50.15
C ASP D 224 57.12 38.81 -48.96
N GLN D 225 56.91 40.13 -48.95
CA GLN D 225 57.30 40.89 -47.78
C GLN D 225 56.50 40.49 -46.54
N ILE D 226 55.26 40.03 -46.72
CA ILE D 226 54.47 39.59 -45.56
C ILE D 226 55.11 38.37 -44.92
N VAL D 227 55.70 37.48 -45.73
CA VAL D 227 56.33 36.28 -45.19
C VAL D 227 57.60 36.66 -44.43
N LYS D 228 58.47 37.45 -45.06
CA LYS D 228 59.66 37.96 -44.40
C LYS D 228 59.28 38.60 -43.06
N ASP D 229 58.31 39.52 -43.09
CA ASP D 229 57.94 40.25 -41.88
C ASP D 229 57.35 39.33 -40.82
N PHE D 230 56.51 38.37 -41.23
CA PHE D 230 55.99 37.40 -40.26
C PHE D 230 57.13 36.59 -39.65
N VAL D 231 57.97 35.99 -40.51
CA VAL D 231 59.05 35.14 -40.03
C VAL D 231 59.96 35.90 -39.06
N THR D 232 60.33 37.12 -39.41
CA THR D 232 61.13 37.92 -38.47
C THR D 232 60.39 38.08 -37.14
N TYR D 233 59.06 38.17 -37.19
CA TYR D 233 58.28 38.29 -35.95
C TYR D 233 58.27 36.96 -35.21
N ALA D 234 57.98 35.87 -35.92
CA ALA D 234 57.96 34.55 -35.29
C ALA D 234 59.30 34.18 -34.68
N THR D 235 60.40 34.49 -35.38
CA THR D 235 61.73 34.24 -34.83
C THR D 235 61.89 34.95 -33.49
N THR D 236 61.55 36.23 -33.45
CA THR D 236 61.75 37.01 -32.24
C THR D 236 61.00 36.41 -31.06
N VAL D 237 59.79 35.90 -31.29
CA VAL D 237 59.01 35.39 -30.16
C VAL D 237 59.41 33.95 -29.80
N PHE D 238 59.74 33.11 -30.78
CA PHE D 238 60.35 31.81 -30.47
C PHE D 238 61.58 31.98 -29.59
N LYS D 239 62.51 32.86 -30.01
CA LYS D 239 63.73 33.04 -29.22
C LYS D 239 63.42 33.54 -27.82
N ARG D 240 62.46 34.47 -27.69
CA ARG D 240 62.13 35.03 -26.39
C ARG D 240 61.41 34.03 -25.48
N TYR D 241 60.60 33.14 -26.03
CA TYR D 241 59.67 32.35 -25.22
C TYR D 241 59.85 30.85 -25.35
N GLY D 242 60.67 30.39 -26.30
CA GLY D 242 60.79 28.96 -26.56
C GLY D 242 61.21 28.12 -25.36
N ASN D 243 61.91 28.72 -24.39
CA ASN D 243 62.38 27.89 -23.28
C ASN D 243 61.28 27.53 -22.30
N GLU D 244 60.25 28.38 -22.15
CA GLU D 244 59.13 28.10 -21.26
C GLU D 244 57.85 27.71 -21.99
N VAL D 245 57.72 28.05 -23.28
CA VAL D 245 56.57 27.66 -24.10
C VAL D 245 57.04 26.60 -25.08
N LYS D 246 56.51 25.39 -24.94
CA LYS D 246 56.92 24.24 -25.73
C LYS D 246 55.81 23.75 -26.67
N THR D 247 54.69 24.47 -26.72
CA THR D 247 53.64 24.16 -27.66
C THR D 247 53.27 25.45 -28.39
N TRP D 248 53.39 25.42 -29.71
CA TRP D 248 53.23 26.60 -30.54
C TRP D 248 52.24 26.31 -31.64
N PHE D 249 51.36 27.28 -31.86
CA PHE D 249 50.48 27.34 -33.02
C PHE D 249 50.82 28.61 -33.78
N THR D 250 51.18 28.45 -35.05
CA THR D 250 51.49 29.62 -35.88
C THR D 250 50.27 30.49 -36.08
N PHE D 251 49.18 29.91 -36.59
CA PHE D 251 47.97 30.68 -36.90
C PHE D 251 46.78 30.02 -36.24
N ASN D 252 45.91 30.86 -35.68
CA ASN D 252 44.59 30.43 -35.25
C ASN D 252 43.65 30.49 -36.44
N GLU D 253 43.04 29.35 -36.80
CA GLU D 253 42.02 29.25 -37.83
C GLU D 253 42.37 30.08 -39.07
N PRO D 254 43.40 29.70 -39.82
CA PRO D 254 43.79 30.51 -40.99
C PRO D 254 42.66 30.62 -42.03
N ARG D 255 41.82 29.59 -42.15
CA ARG D 255 40.71 29.65 -43.10
C ARG D 255 39.74 30.77 -42.73
N VAL D 256 39.21 30.73 -41.50
CA VAL D 256 38.35 31.81 -41.04
C VAL D 256 39.05 33.17 -41.15
N PHE D 257 40.33 33.25 -40.76
CA PHE D 257 41.02 34.53 -40.87
C PHE D 257 41.00 35.04 -42.31
N CYS D 258 41.31 34.17 -43.27
CA CYS D 258 41.47 34.63 -44.64
C CYS D 258 40.14 35.03 -45.27
N SER D 259 39.03 34.46 -44.78
CA SER D 259 37.73 34.87 -45.30
C SER D 259 37.37 36.27 -44.85
N GLN D 260 37.87 36.72 -43.70
CA GLN D 260 37.67 38.11 -43.34
C GLN D 260 38.41 39.08 -44.25
N ASN D 261 39.40 38.60 -45.01
CA ASN D 261 40.18 39.53 -45.83
C ASN D 261 39.46 39.99 -47.09
N SER D 262 38.27 39.44 -47.39
CA SER D 262 37.40 39.96 -48.44
C SER D 262 36.62 41.20 -48.00
N GLY D 263 36.71 41.63 -46.74
CA GLY D 263 35.98 42.79 -46.29
C GLY D 263 36.82 43.91 -45.69
N LEU D 264 36.16 44.87 -45.05
CA LEU D 264 36.85 45.95 -44.37
C LEU D 264 37.74 45.40 -43.23
N PRO D 265 38.86 46.07 -42.94
CA PRO D 265 39.38 47.22 -43.67
C PRO D 265 40.29 46.77 -44.80
N TYR D 266 40.38 45.45 -45.00
CA TYR D 266 41.31 44.89 -45.98
C TYR D 266 40.99 45.36 -47.39
N ASN D 267 39.72 45.27 -47.80
CA ASN D 267 39.24 45.71 -49.11
C ASN D 267 39.53 47.19 -49.39
N LEU D 268 40.03 47.95 -48.41
CA LEU D 268 40.43 49.32 -48.66
C LEU D 268 41.82 49.43 -49.31
N THR D 269 42.71 48.45 -49.08
CA THR D 269 44.11 48.60 -49.45
C THR D 269 44.61 47.43 -50.31
N TYR D 270 43.74 46.83 -51.11
CA TYR D 270 44.15 45.70 -51.92
C TYR D 270 45.26 46.11 -52.89
N PRO D 271 46.25 45.24 -53.12
CA PRO D 271 47.19 45.48 -54.22
C PRO D 271 46.51 45.27 -55.57
N GLU D 272 47.14 45.81 -56.62
CA GLU D 272 46.62 45.65 -57.97
C GLU D 272 46.63 44.17 -58.35
N GLY D 273 45.58 43.74 -59.05
CA GLY D 273 45.38 42.33 -59.37
C GLY D 273 44.66 41.54 -58.30
N ILE D 274 44.26 42.17 -57.20
CA ILE D 274 43.53 41.50 -56.13
C ILE D 274 42.16 42.15 -56.01
N ASN D 275 41.11 41.32 -55.91
CA ASN D 275 39.77 41.78 -55.55
C ASN D 275 39.27 40.98 -54.34
N SER D 276 38.04 41.28 -53.91
CA SER D 276 37.53 40.72 -52.67
C SER D 276 37.49 39.19 -52.69
N THR D 277 37.30 38.58 -53.87
CA THR D 277 37.28 37.12 -53.91
C THR D 277 38.69 36.55 -53.87
N SER D 278 39.60 37.11 -54.68
CA SER D 278 40.94 36.57 -54.77
C SER D 278 41.78 36.87 -53.54
N ALA D 279 41.43 37.93 -52.80
CA ALA D 279 42.15 38.26 -51.57
C ALA D 279 42.15 37.11 -50.59
N VAL D 280 41.08 36.30 -50.62
CA VAL D 280 40.95 35.18 -49.71
C VAL D 280 42.01 34.13 -49.99
N PHE D 281 42.18 33.76 -51.25
CA PHE D 281 43.08 32.67 -51.59
C PHE D 281 44.52 33.11 -51.73
N ARG D 282 44.77 34.37 -52.07
CA ARG D 282 46.11 34.92 -51.94
C ARG D 282 46.55 34.90 -50.48
N CYS D 283 45.64 35.33 -49.58
CA CYS D 283 45.87 35.20 -48.15
C CYS D 283 46.21 33.76 -47.78
N THR D 284 45.49 32.81 -48.38
CA THR D 284 45.69 31.40 -48.05
C THR D 284 47.11 30.95 -48.36
N TYR D 285 47.52 31.15 -49.61
CA TYR D 285 48.90 30.90 -50.02
C TYR D 285 49.91 31.60 -49.10
N ASN D 286 49.72 32.91 -48.87
CA ASN D 286 50.68 33.66 -48.07
C ASN D 286 50.74 33.15 -46.63
N VAL D 287 49.61 32.71 -46.08
CA VAL D 287 49.62 32.21 -44.71
C VAL D 287 50.39 30.90 -44.62
N LEU D 288 50.19 30.00 -45.60
CA LEU D 288 50.90 28.73 -45.59
C LEU D 288 52.41 28.94 -45.70
N LYS D 289 52.85 29.75 -46.68
CA LYS D 289 54.27 30.09 -46.82
C LYS D 289 54.82 30.63 -45.51
N ALA D 290 54.11 31.61 -44.93
CA ALA D 290 54.53 32.17 -43.65
C ALA D 290 54.64 31.08 -42.59
N HIS D 291 53.68 30.17 -42.57
CA HIS D 291 53.72 29.09 -41.60
C HIS D 291 54.93 28.19 -41.83
N GLY D 292 55.08 27.68 -43.05
CA GLY D 292 56.16 26.74 -43.33
C GLY D 292 57.53 27.34 -43.07
N HIS D 293 57.72 28.63 -43.37
CA HIS D 293 59.02 29.23 -43.12
C HIS D 293 59.25 29.45 -41.65
N ALA D 294 58.18 29.59 -40.87
CA ALA D 294 58.33 29.81 -39.45
C ALA D 294 58.55 28.50 -38.72
N VAL D 295 57.93 27.42 -39.19
CA VAL D 295 58.24 26.12 -38.61
C VAL D 295 59.70 25.74 -38.84
N LYS D 296 60.27 26.14 -39.98
CA LYS D 296 61.69 25.89 -40.22
C LYS D 296 62.57 26.68 -39.27
N VAL D 297 62.24 27.96 -39.03
CA VAL D 297 62.96 28.72 -38.03
C VAL D 297 62.81 28.05 -36.66
N TYR D 298 61.59 27.62 -36.33
CA TYR D 298 61.39 26.97 -35.05
C TYR D 298 62.23 25.70 -34.93
N ARG D 299 62.26 24.89 -36.00
CA ARG D 299 62.99 23.63 -35.93
C ARG D 299 64.50 23.84 -35.90
N ASP D 300 64.99 24.85 -36.63
CA ASP D 300 66.40 25.19 -36.55
C ASP D 300 66.79 25.63 -35.15
N LEU D 301 65.87 26.31 -34.45
CA LEU D 301 66.18 26.79 -33.11
C LEU D 301 66.20 25.65 -32.09
N VAL D 302 65.46 24.59 -32.35
CA VAL D 302 65.50 23.43 -31.46
C VAL D 302 66.79 22.63 -31.69
N ALA D 303 67.01 22.21 -32.93
CA ALA D 303 68.20 21.40 -33.23
C ALA D 303 69.49 22.10 -32.83
N SER D 304 69.52 23.43 -32.85
CA SER D 304 70.72 24.14 -32.44
C SER D 304 70.77 24.39 -30.94
N GLY D 305 69.83 23.85 -30.19
CA GLY D 305 69.80 24.02 -28.74
C GLY D 305 69.54 25.43 -28.26
N THR D 306 69.12 26.35 -29.14
CA THR D 306 68.82 27.72 -28.71
C THR D 306 67.59 27.77 -27.81
N ILE D 307 66.56 27.00 -28.13
CA ILE D 307 65.36 26.94 -27.31
C ILE D 307 65.07 25.48 -27.01
N ALA D 308 64.32 25.27 -25.94
CA ALA D 308 63.87 23.94 -25.54
C ALA D 308 63.20 23.22 -26.70
N ALA D 309 63.19 21.88 -26.66
CA ALA D 309 62.48 21.11 -27.66
C ALA D 309 60.98 21.13 -27.36
N GLY D 310 60.19 21.53 -28.35
CA GLY D 310 58.75 21.50 -28.24
C GLY D 310 58.10 21.06 -29.53
N GLU D 311 56.82 21.41 -29.70
CA GLU D 311 56.05 21.01 -30.87
C GLU D 311 55.32 22.20 -31.45
N ILE D 312 55.15 22.20 -32.77
CA ILE D 312 54.53 23.31 -33.48
C ILE D 312 53.52 22.79 -34.49
N GLY D 313 52.50 23.59 -34.72
CA GLY D 313 51.43 23.27 -35.65
C GLY D 313 50.65 24.54 -35.95
N PHE D 314 49.40 24.36 -36.37
CA PHE D 314 48.43 25.44 -36.41
C PHE D 314 47.07 24.89 -36.01
N LYS D 315 46.19 25.78 -35.60
CA LYS D 315 44.84 25.37 -35.23
C LYS D 315 43.92 25.36 -36.46
N SER D 316 43.46 24.18 -36.85
CA SER D 316 42.37 24.09 -37.81
C SER D 316 41.06 24.42 -37.12
N ASP D 317 39.99 24.52 -37.90
CA ASP D 317 38.64 24.66 -37.35
C ASP D 317 37.65 23.95 -38.27
N ASP D 318 36.36 24.20 -38.05
CA ASP D 318 35.27 23.68 -38.90
C ASP D 318 35.27 22.16 -38.79
N ASN D 319 34.80 21.48 -39.83
CA ASN D 319 34.41 20.09 -39.71
C ASN D 319 34.22 19.50 -41.11
N TYR D 320 34.12 18.18 -41.14
CA TYR D 320 33.73 17.38 -42.29
C TYR D 320 32.27 17.04 -42.08
N PRO D 321 31.34 17.71 -42.76
CA PRO D 321 29.93 17.56 -42.41
C PRO D 321 29.40 16.23 -42.87
N ILE D 322 28.30 15.83 -42.26
CA ILE D 322 27.63 14.62 -42.67
C ILE D 322 26.70 14.94 -43.85
N PRO D 323 26.52 14.02 -44.78
CA PRO D 323 25.54 14.24 -45.86
C PRO D 323 24.13 14.34 -45.28
N ALA D 324 23.36 15.31 -45.79
CA ALA D 324 21.94 15.43 -45.40
C ALA D 324 21.19 14.14 -45.69
N ARG D 325 21.44 13.54 -46.83
CA ARG D 325 20.83 12.29 -47.19
C ARG D 325 21.96 11.25 -47.32
N PRO D 326 22.03 10.29 -46.42
CA PRO D 326 23.14 9.33 -46.47
C PRO D 326 23.01 8.46 -47.71
N GLY D 327 24.13 8.24 -48.37
CA GLY D 327 24.15 7.48 -49.59
C GLY D 327 23.86 8.28 -50.85
N ASN D 328 23.34 9.52 -50.71
CA ASN D 328 23.12 10.40 -51.85
C ASN D 328 24.45 10.96 -52.34
N ALA D 329 24.78 10.71 -53.61
CA ALA D 329 26.09 11.08 -54.12
C ALA D 329 26.29 12.58 -54.20
N ASP D 330 25.23 13.34 -54.45
CA ASP D 330 25.36 14.80 -54.48
C ASP D 330 25.74 15.34 -53.10
N ASP D 331 25.01 14.92 -52.06
CA ASP D 331 25.35 15.35 -50.70
C ASP D 331 26.74 14.84 -50.29
N GLU D 332 27.07 13.59 -50.62
CA GLU D 332 28.43 13.13 -50.40
C GLU D 332 29.44 14.07 -51.05
N GLU D 333 29.21 14.46 -52.29
CA GLU D 333 30.17 15.35 -52.93
C GLU D 333 30.20 16.72 -52.24
N SER D 334 29.05 17.27 -51.84
CA SER D 334 29.07 18.58 -51.19
C SER D 334 29.78 18.52 -49.84
N ALA D 335 29.53 17.48 -49.06
CA ALA D 335 30.24 17.30 -47.79
C ALA D 335 31.76 17.35 -48.00
N LYS D 336 32.25 16.70 -49.06
CA LYS D 336 33.68 16.62 -49.30
C LYS D 336 34.23 17.97 -49.73
N ARG D 337 33.43 18.74 -50.47
CA ARG D 337 33.89 20.06 -50.88
C ARG D 337 34.00 21.00 -49.68
N HIS D 338 33.08 20.84 -48.73
CA HIS D 338 33.14 21.57 -47.47
C HIS D 338 34.47 21.30 -46.75
N GLU D 339 34.76 20.04 -46.47
CA GLU D 339 35.99 19.69 -45.78
C GLU D 339 37.21 20.22 -46.53
N ALA D 340 37.21 20.05 -47.85
CA ALA D 340 38.38 20.48 -48.62
C ALA D 340 38.56 21.99 -48.55
N PHE D 341 37.46 22.75 -48.65
CA PHE D 341 37.57 24.21 -48.59
C PHE D 341 37.71 24.74 -47.16
N ARG D 342 37.25 24.01 -46.15
CA ARG D 342 37.26 24.52 -44.80
C ARG D 342 38.41 23.99 -43.95
N ILE D 343 39.01 22.86 -44.34
CA ILE D 343 40.09 22.23 -43.59
C ILE D 343 41.21 21.81 -44.53
N GLY D 344 40.87 21.03 -45.57
CA GLY D 344 41.90 20.49 -46.46
C GLY D 344 42.82 21.54 -47.04
N ILE D 345 42.27 22.71 -47.36
CA ILE D 345 43.05 23.73 -48.05
C ILE D 345 44.25 24.23 -47.25
N PHE D 346 44.23 24.11 -45.91
CA PHE D 346 45.44 24.31 -45.11
C PHE D 346 46.03 23.01 -44.63
N ALA D 347 45.19 22.05 -44.22
CA ALA D 347 45.68 20.80 -43.65
C ALA D 347 46.38 19.93 -44.69
N GLN D 348 45.87 19.85 -45.93
CA GLN D 348 46.49 18.94 -46.88
C GLN D 348 47.92 19.36 -47.22
N PRO D 349 48.21 20.61 -47.55
CA PRO D 349 49.61 20.97 -47.83
C PRO D 349 50.55 20.86 -46.62
N VAL D 350 50.05 20.72 -45.40
CA VAL D 350 50.89 20.62 -44.21
C VAL D 350 51.00 19.18 -43.70
N TYR D 351 49.87 18.51 -43.46
CA TYR D 351 49.86 17.13 -42.99
C TYR D 351 49.54 16.12 -44.08
N GLY D 352 49.08 16.54 -45.25
CA GLY D 352 48.68 15.63 -46.30
C GLY D 352 49.77 15.42 -47.32
N ASN D 353 49.37 15.22 -48.56
CA ASN D 353 50.36 14.94 -49.60
C ASN D 353 51.19 16.15 -49.98
N GLY D 354 50.89 17.33 -49.45
CA GLY D 354 51.70 18.51 -49.69
C GLY D 354 51.16 19.50 -50.70
N ASP D 355 49.97 19.28 -51.26
CA ASP D 355 49.36 20.22 -52.20
C ASP D 355 47.94 20.58 -51.71
N TYR D 356 47.36 21.60 -52.34
CA TYR D 356 45.96 21.88 -52.13
C TYR D 356 45.12 20.67 -52.52
N PRO D 357 43.96 20.47 -51.88
CA PRO D 357 43.04 19.41 -52.35
C PRO D 357 42.65 19.65 -53.81
N ASP D 358 42.32 18.55 -54.48
CA ASP D 358 42.07 18.61 -55.92
C ASP D 358 40.88 19.50 -56.25
N VAL D 359 39.77 19.32 -55.53
CA VAL D 359 38.55 20.08 -55.86
C VAL D 359 38.72 21.57 -55.59
N VAL D 360 39.59 21.94 -54.65
CA VAL D 360 39.88 23.35 -54.47
C VAL D 360 40.58 23.90 -55.70
N LYS D 361 41.66 23.22 -56.12
CA LYS D 361 42.41 23.64 -57.30
C LYS D 361 41.49 23.84 -58.50
N GLU D 362 40.62 22.85 -58.75
CA GLU D 362 39.76 22.82 -59.91
C GLU D 362 38.69 23.91 -59.92
N THR D 363 38.48 24.62 -58.82
CA THR D 363 37.44 25.63 -58.76
C THR D 363 37.97 27.05 -58.74
N VAL D 364 39.07 27.28 -58.04
CA VAL D 364 39.54 28.65 -57.84
C VAL D 364 40.61 29.02 -58.84
N GLY D 365 41.31 28.05 -59.43
CA GLY D 365 42.26 28.32 -60.49
C GLY D 365 43.30 29.35 -60.11
N ASP D 366 43.45 30.35 -60.98
CA ASP D 366 44.51 31.35 -60.88
C ASP D 366 44.50 32.09 -59.55
N MET D 367 43.33 32.17 -58.90
CA MET D 367 43.21 33.01 -57.71
C MET D 367 44.08 32.50 -56.58
N LEU D 368 44.31 31.18 -56.52
CA LEU D 368 45.07 30.49 -55.49
C LEU D 368 46.48 30.20 -55.99
N PRO D 369 47.49 30.97 -55.60
CA PRO D 369 48.83 30.79 -56.18
C PRO D 369 49.35 29.38 -55.93
N ALA D 370 49.86 28.76 -56.99
CA ALA D 370 50.34 27.38 -56.91
C ALA D 370 51.55 27.29 -55.98
N LEU D 371 51.70 26.11 -55.37
CA LEU D 371 52.74 25.84 -54.37
C LEU D 371 53.99 25.33 -55.10
N THR D 372 55.03 26.16 -55.16
CA THR D 372 56.24 25.77 -55.86
C THR D 372 56.94 24.65 -55.10
N ASP D 373 57.97 24.10 -55.75
CA ASP D 373 58.69 23.00 -55.11
C ASP D 373 59.45 23.49 -53.89
N GLU D 374 60.00 24.70 -53.96
CA GLU D 374 60.60 25.31 -52.77
C GLU D 374 59.53 25.57 -51.71
N ASP D 375 58.37 26.08 -52.12
CA ASP D 375 57.23 26.24 -51.21
C ASP D 375 56.94 24.95 -50.46
N LYS D 376 56.75 23.86 -51.20
CA LYS D 376 56.41 22.59 -50.56
C LYS D 376 57.54 22.08 -49.69
N GLY D 377 58.77 22.57 -49.91
CA GLY D 377 59.86 22.17 -49.05
C GLY D 377 59.64 22.57 -47.61
N TYR D 378 59.34 23.85 -47.39
CA TYR D 378 59.00 24.31 -46.05
C TYR D 378 57.68 23.73 -45.57
N ILE D 379 56.63 23.81 -46.40
CA ILE D 379 55.26 23.65 -45.90
C ILE D 379 54.95 22.20 -45.60
N LYS D 380 55.31 21.28 -46.49
CA LYS D 380 54.93 19.89 -46.25
C LYS D 380 55.72 19.34 -45.06
N GLY D 381 55.01 18.61 -44.19
CA GLY D 381 55.59 18.13 -42.96
C GLY D 381 55.88 19.20 -41.92
N SER D 382 55.24 20.37 -42.01
CA SER D 382 55.49 21.45 -41.07
C SER D 382 54.51 21.46 -39.88
N GLY D 383 53.89 20.32 -39.56
CA GLY D 383 53.08 20.25 -38.37
C GLY D 383 53.40 19.08 -37.45
N ASP D 384 54.06 19.33 -36.30
CA ASP D 384 54.31 18.23 -35.35
C ASP D 384 53.02 17.76 -34.68
N ILE D 385 52.07 18.67 -34.50
CA ILE D 385 50.81 18.41 -33.81
C ILE D 385 49.66 18.95 -34.66
N PHE D 386 48.53 18.27 -34.59
CA PHE D 386 47.30 18.76 -35.20
C PHE D 386 46.44 19.38 -34.12
N ALA D 387 45.73 20.46 -34.47
CA ALA D 387 44.78 21.05 -33.53
C ALA D 387 43.51 21.45 -34.26
N ILE D 388 42.37 20.97 -33.75
CA ILE D 388 41.05 21.27 -34.31
C ILE D 388 40.24 22.04 -33.27
N ASP D 389 39.77 23.24 -33.66
CA ASP D 389 38.76 23.96 -32.87
C ASP D 389 37.42 23.32 -33.14
N GLY D 390 37.18 22.20 -32.45
CA GLY D 390 36.02 21.38 -32.76
C GLY D 390 34.67 21.83 -32.25
N TYR D 391 34.25 23.09 -32.51
CA TYR D 391 32.99 23.57 -31.92
C TYR D 391 31.80 22.71 -32.31
N ARG D 392 31.76 22.22 -33.55
CA ARG D 392 30.49 21.74 -34.08
C ARG D 392 30.73 20.92 -35.33
N THR D 393 29.72 20.14 -35.70
CA THR D 393 29.64 19.44 -36.98
C THR D 393 28.38 19.89 -37.74
N ASP D 394 28.50 20.05 -39.05
CA ASP D 394 27.42 20.56 -39.88
C ASP D 394 26.76 19.46 -40.72
N ILE D 395 25.71 19.85 -41.43
CA ILE D 395 25.04 18.98 -42.39
C ILE D 395 25.21 19.61 -43.77
N SER D 396 25.49 18.75 -44.78
CA SER D 396 25.71 19.20 -46.15
C SER D 396 24.54 18.75 -47.03
N HIS D 397 23.79 19.73 -47.56
CA HIS D 397 22.82 19.55 -48.63
C HIS D 397 23.47 20.06 -49.90
N ALA D 398 23.57 19.20 -50.92
CA ALA D 398 24.03 19.65 -52.22
C ALA D 398 23.20 20.84 -52.70
N ALA D 399 23.87 21.80 -53.33
CA ALA D 399 23.19 22.96 -53.90
C ALA D 399 21.99 22.52 -54.72
N LEU D 400 20.85 23.20 -54.50
CA LEU D 400 19.62 22.83 -55.17
C LEU D 400 19.71 23.00 -56.69
N ASN D 401 20.43 23.99 -57.18
CA ASN D 401 20.58 24.12 -58.63
C ASN D 401 21.64 23.18 -59.21
N GLY D 402 22.22 22.29 -58.39
CA GLY D 402 23.24 21.40 -58.91
C GLY D 402 24.65 21.93 -58.72
N ILE D 403 25.55 21.04 -58.29
CA ILE D 403 26.90 21.45 -57.92
C ILE D 403 27.67 21.95 -59.15
N ALA D 404 27.54 21.23 -60.27
CA ALA D 404 28.22 21.63 -61.50
C ALA D 404 27.80 23.03 -61.93
N ASN D 405 26.51 23.35 -61.81
CA ASN D 405 26.05 24.71 -62.11
C ASN D 405 26.64 25.71 -61.13
N CYS D 406 26.74 25.36 -59.86
CA CYS D 406 27.23 26.32 -58.87
C CYS D 406 28.74 26.56 -58.98
N ILE D 407 29.51 25.52 -59.33
CA ILE D 407 30.97 25.64 -59.39
C ILE D 407 31.40 26.70 -60.40
N ARG D 408 30.78 26.72 -61.58
CA ARG D 408 31.15 27.63 -62.66
C ARG D 408 30.92 29.09 -62.32
N ASN D 409 30.16 29.39 -61.27
CA ASN D 409 29.58 30.72 -61.08
C ASN D 409 30.02 31.31 -59.74
N GLN D 410 31.07 32.14 -59.76
CA GLN D 410 31.49 32.80 -58.53
C GLN D 410 30.44 33.76 -57.98
N SER D 411 29.38 34.02 -58.73
CA SER D 411 28.28 34.83 -58.24
C SER D 411 27.18 34.02 -57.58
N ASP D 412 27.21 32.70 -57.74
CA ASP D 412 26.26 31.85 -57.04
C ASP D 412 26.45 32.01 -55.53
N PRO D 413 25.38 32.21 -54.75
CA PRO D 413 25.55 32.43 -53.31
C PRO D 413 26.21 31.27 -52.58
N ASN D 414 26.19 30.07 -53.14
CA ASN D 414 26.83 28.92 -52.50
C ASN D 414 28.20 28.60 -53.08
N TRP D 415 28.76 29.48 -53.90
CA TRP D 415 30.13 29.32 -54.35
C TRP D 415 31.10 29.65 -53.20
N PRO D 416 32.20 28.88 -53.06
CA PRO D 416 32.73 27.78 -53.86
C PRO D 416 32.39 26.38 -53.37
N VAL D 417 31.85 26.24 -52.16
CA VAL D 417 31.57 24.90 -51.64
C VAL D 417 30.44 24.23 -52.41
N CYS D 418 29.46 25.01 -52.86
CA CYS D 418 28.33 24.51 -53.64
C CYS D 418 27.52 23.47 -52.86
N GLU D 419 27.49 23.60 -51.54
CA GLU D 419 26.42 23.09 -50.70
C GLU D 419 25.49 24.24 -50.34
N GLU D 420 24.28 23.91 -49.89
CA GLU D 420 23.38 24.95 -49.38
C GLU D 420 23.94 25.49 -48.06
N GLY D 421 24.50 26.70 -48.10
CA GLY D 421 25.21 27.24 -46.97
C GLY D 421 24.38 27.98 -45.93
N SER D 422 23.10 28.25 -46.18
CA SER D 422 22.33 29.02 -45.21
C SER D 422 21.98 28.16 -44.00
N ASP D 423 21.65 28.83 -42.90
CA ASP D 423 21.37 28.11 -41.66
C ASP D 423 20.23 27.09 -41.75
N PRO D 424 19.11 27.34 -42.44
CA PRO D 424 18.06 26.31 -42.50
C PRO D 424 18.50 25.04 -43.22
N PHE D 425 19.66 25.04 -43.88
CA PHE D 425 20.24 23.83 -44.46
C PHE D 425 21.42 23.28 -43.69
N ALA D 426 22.37 24.13 -43.31
CA ALA D 426 23.62 23.64 -42.73
C ALA D 426 23.44 23.00 -41.37
N HIS D 427 22.33 23.24 -40.68
CA HIS D 427 22.12 22.65 -39.37
C HIS D 427 20.99 21.66 -39.32
N VAL D 428 20.36 21.34 -40.46
CA VAL D 428 19.01 20.76 -40.43
C VAL D 428 18.96 19.50 -41.29
N TYR D 429 18.37 18.43 -40.74
CA TYR D 429 18.15 17.19 -41.46
C TYR D 429 17.00 17.36 -42.43
N PRO D 430 16.90 16.48 -43.44
CA PRO D 430 15.71 16.47 -44.31
C PRO D 430 14.40 16.38 -43.54
N SER D 431 14.40 15.76 -42.36
CA SER D 431 13.21 15.73 -41.51
C SER D 431 12.73 17.13 -41.11
N GLY D 432 13.59 18.15 -41.21
CA GLY D 432 13.29 19.44 -40.64
C GLY D 432 13.78 19.63 -39.21
N PHE D 433 14.22 18.57 -38.55
CA PHE D 433 14.82 18.72 -37.23
C PHE D 433 16.31 19.00 -37.34
N ALA D 434 16.81 19.79 -36.38
CA ALA D 434 18.21 20.18 -36.36
C ALA D 434 19.10 19.00 -36.04
N ILE D 435 20.38 19.16 -36.37
CA ILE D 435 21.39 18.20 -35.93
C ILE D 435 21.56 18.24 -34.42
N GLY D 436 21.31 19.40 -33.79
CA GLY D 436 21.49 19.56 -32.36
C GLY D 436 21.03 20.91 -31.87
N GLN D 437 21.04 21.08 -30.54
CA GLN D 437 20.75 22.35 -29.88
C GLN D 437 21.52 23.52 -30.50
N SER D 438 20.80 24.57 -30.84
CA SER D 438 21.44 25.81 -31.27
C SER D 438 21.84 26.65 -30.07
N ALA D 439 22.86 27.45 -30.26
CA ALA D 439 23.25 28.41 -29.23
C ALA D 439 22.59 29.75 -29.57
N ASP D 440 23.18 30.84 -29.08
CA ASP D 440 22.67 32.17 -29.37
C ASP D 440 22.56 32.43 -30.87
N PRO D 441 21.47 33.03 -31.35
CA PRO D 441 21.30 33.21 -32.80
C PRO D 441 22.23 34.26 -33.44
N LEU D 442 22.85 35.16 -32.69
CA LEU D 442 23.90 35.98 -33.32
C LEU D 442 25.14 35.16 -33.67
N SER D 443 25.27 33.95 -33.14
CA SER D 443 26.36 33.05 -33.50
C SER D 443 25.75 31.75 -34.01
N SER D 444 24.91 31.84 -35.05
CA SER D 444 24.10 30.70 -35.45
C SER D 444 24.93 29.53 -35.94
N TRP D 445 26.20 29.74 -36.31
CA TRP D 445 27.07 28.64 -36.71
C TRP D 445 27.24 27.60 -35.62
N LEU D 446 27.09 28.00 -34.36
CA LEU D 446 27.39 27.12 -33.22
C LEU D 446 26.18 26.25 -32.88
N VAL D 447 26.37 24.93 -32.87
CA VAL D 447 25.42 23.98 -32.30
C VAL D 447 26.17 23.02 -31.37
N ASN D 448 25.40 22.27 -30.59
CA ASN D 448 25.92 21.17 -29.77
C ASN D 448 25.85 19.89 -30.59
N SER D 449 26.99 19.49 -31.17
CA SER D 449 27.00 18.25 -31.93
C SER D 449 27.95 17.24 -31.30
N ALA D 450 27.86 17.06 -29.97
CA ALA D 450 28.71 16.11 -29.25
C ALA D 450 28.74 14.70 -29.85
N PRO D 451 27.60 14.09 -30.21
CA PRO D 451 27.67 12.72 -30.76
C PRO D 451 28.58 12.58 -31.98
N PHE D 452 28.97 13.68 -32.62
CA PHE D 452 29.76 13.60 -33.83
C PHE D 452 31.24 13.86 -33.59
N ILE D 453 31.64 14.09 -32.34
CA ILE D 453 33.03 14.42 -32.04
C ILE D 453 33.96 13.27 -32.44
N ARG D 454 33.59 12.04 -32.10
CA ARG D 454 34.51 10.92 -32.30
C ARG D 454 34.76 10.64 -33.78
N ASP D 455 33.74 10.83 -34.64
CA ASP D 455 33.98 10.68 -36.09
C ASP D 455 34.90 11.76 -36.61
N GLN D 456 34.79 12.99 -36.08
CA GLN D 456 35.69 14.04 -36.55
C GLN D 456 37.12 13.75 -36.16
N LEU D 457 37.34 13.24 -34.95
CA LEU D 457 38.69 12.91 -34.51
C LEU D 457 39.25 11.75 -35.34
N LYS D 458 38.47 10.67 -35.50
CA LYS D 458 38.82 9.59 -36.40
C LYS D 458 39.25 10.11 -37.77
N PHE D 459 38.43 10.96 -38.40
CA PHE D 459 38.76 11.40 -39.75
C PHE D 459 40.00 12.29 -39.75
N LEU D 460 40.14 13.17 -38.76
CA LEU D 460 41.25 14.12 -38.82
C LEU D 460 42.58 13.42 -38.58
N THR D 461 42.64 12.52 -37.60
CA THR D 461 43.89 11.82 -37.30
C THR D 461 44.28 10.83 -38.40
N GLN D 462 43.29 10.23 -39.09
CA GLN D 462 43.61 9.36 -40.23
C GLN D 462 44.04 10.14 -41.46
N THR D 463 43.48 11.35 -41.66
CA THR D 463 43.70 12.10 -42.88
C THR D 463 44.81 13.12 -42.77
N TYR D 464 45.06 13.66 -41.60
CA TYR D 464 46.12 14.66 -41.40
C TYR D 464 46.96 14.28 -40.19
N PRO D 465 47.62 13.12 -40.23
CA PRO D 465 48.30 12.61 -39.03
C PRO D 465 49.49 13.46 -38.64
N ALA D 466 49.67 13.62 -37.34
CA ALA D 466 50.80 14.35 -36.79
C ALA D 466 51.55 13.46 -35.81
N LYS D 467 52.88 13.64 -35.77
CA LYS D 467 53.72 12.85 -34.86
C LYS D 467 53.22 12.97 -33.42
N GLY D 468 52.96 14.19 -32.98
CA GLY D 468 52.58 14.44 -31.60
C GLY D 468 51.09 14.43 -31.32
N GLY D 469 50.27 13.81 -32.16
CA GLY D 469 48.85 13.69 -31.84
C GLY D 469 48.04 14.94 -32.20
N ILE D 470 46.89 15.08 -31.53
CA ILE D 470 45.93 16.11 -31.86
C ILE D 470 45.36 16.75 -30.59
N TYR D 471 45.18 18.07 -30.63
CA TYR D 471 44.55 18.85 -29.57
C TYR D 471 43.15 19.28 -29.97
N PHE D 472 42.23 19.23 -29.01
CA PHE D 472 40.91 19.86 -29.14
C PHE D 472 41.06 21.30 -28.67
N SER D 473 41.42 22.19 -29.59
CA SER D 473 42.08 23.43 -29.22
C SER D 473 41.13 24.58 -28.94
N ALA D 474 39.84 24.42 -29.21
CA ALA D 474 38.87 25.43 -28.84
C ALA D 474 37.49 24.83 -28.96
N PHE D 475 36.66 25.09 -27.96
CA PHE D 475 35.27 24.68 -27.96
C PHE D 475 34.59 25.38 -26.81
N GLY D 476 33.38 25.86 -27.05
CA GLY D 476 32.68 26.67 -26.06
C GLY D 476 31.30 27.00 -26.51
N TRP D 477 30.57 27.66 -25.62
CA TRP D 477 29.15 27.87 -25.80
C TRP D 477 28.80 29.33 -25.61
N ALA D 478 27.93 29.84 -26.49
CA ALA D 478 27.35 31.19 -26.38
C ALA D 478 25.92 31.03 -25.89
N GLU D 479 25.72 31.16 -24.58
CA GLU D 479 24.41 30.88 -24.00
C GLU D 479 23.41 31.93 -24.50
N ASP D 480 22.28 31.46 -25.05
CA ASP D 480 21.37 32.33 -25.77
C ASP D 480 20.88 33.47 -24.88
N ALA D 481 21.04 34.71 -25.38
CA ALA D 481 20.54 35.92 -24.73
C ALA D 481 21.07 36.07 -23.31
N GLU D 482 22.23 35.48 -23.04
CA GLU D 482 22.83 35.63 -21.73
C GLU D 482 23.14 37.09 -21.43
N TYR D 483 23.42 37.89 -22.48
CA TYR D 483 23.64 39.33 -22.38
C TYR D 483 22.41 40.11 -21.93
N ASP D 484 21.21 39.59 -22.14
CA ASP D 484 20.06 40.35 -21.64
C ASP D 484 19.76 40.07 -20.17
N ARG D 485 20.53 39.19 -19.52
CA ARG D 485 20.28 38.96 -18.10
C ARG D 485 20.70 40.18 -17.30
N GLN D 486 19.93 40.48 -16.26
CA GLN D 486 20.28 41.61 -15.40
C GLN D 486 20.76 41.21 -14.02
N LEU D 487 20.34 40.06 -13.52
CA LEU D 487 20.67 39.63 -12.16
C LEU D 487 21.69 38.50 -12.25
N LEU D 488 22.71 38.57 -11.40
CA LEU D 488 23.84 37.65 -11.48
C LEU D 488 23.40 36.19 -11.36
N TYR D 489 22.47 35.89 -10.45
CA TYR D 489 22.13 34.48 -10.21
C TYR D 489 21.48 33.85 -11.44
N GLN D 490 20.80 34.65 -12.26
CA GLN D 490 20.30 34.15 -13.53
C GLN D 490 21.42 33.89 -14.53
N ILE D 491 22.50 34.69 -14.48
CA ILE D 491 23.61 34.46 -15.40
C ILE D 491 24.34 33.17 -15.05
N THR D 492 24.69 32.97 -13.78
CA THR D 492 25.71 31.98 -13.43
C THR D 492 25.22 30.54 -13.49
N TRP D 493 23.91 30.29 -13.36
CA TRP D 493 23.42 28.93 -13.55
C TRP D 493 23.15 28.74 -15.04
N ASP D 494 24.20 28.39 -15.79
CA ASP D 494 24.18 28.39 -17.25
C ASP D 494 24.10 26.95 -17.79
N GLY D 495 22.87 26.42 -17.78
CA GLY D 495 22.66 25.00 -18.06
C GLY D 495 23.22 24.52 -19.39
N LEU D 496 22.98 25.28 -20.47
CA LEU D 496 23.31 24.73 -21.78
C LEU D 496 24.81 24.79 -22.05
N ARG D 497 25.52 25.77 -21.48
CA ARG D 497 26.98 25.79 -21.58
C ARG D 497 27.57 24.67 -20.73
N THR D 498 26.99 24.46 -19.55
CA THR D 498 27.37 23.33 -18.72
C THR D 498 27.12 22.00 -19.44
N GLN D 499 25.92 21.85 -20.03
CA GLN D 499 25.65 20.65 -20.82
C GLN D 499 26.68 20.49 -21.94
N TYR D 500 26.96 21.60 -22.63
CA TYR D 500 27.83 21.53 -23.81
C TYR D 500 29.26 21.16 -23.41
N LEU D 501 29.85 21.86 -22.43
CA LEU D 501 31.19 21.51 -21.98
C LEU D 501 31.28 20.06 -21.52
N THR D 502 30.31 19.62 -20.71
CA THR D 502 30.31 18.25 -20.22
C THR D 502 30.17 17.26 -21.37
N ASP D 503 29.24 17.52 -22.28
CA ASP D 503 29.07 16.65 -23.43
C ASP D 503 30.36 16.53 -24.21
N TYR D 504 31.03 17.66 -24.47
CA TYR D 504 32.19 17.59 -25.34
C TYR D 504 33.36 16.88 -24.64
N LEU D 505 33.58 17.17 -23.35
CA LEU D 505 34.66 16.51 -22.60
C LEU D 505 34.44 15.00 -22.54
N SER D 506 33.20 14.58 -22.25
CA SER D 506 32.89 13.16 -22.23
C SER D 506 33.30 12.47 -23.52
N GLN D 507 32.87 13.02 -24.65
CA GLN D 507 33.21 12.41 -25.94
C GLN D 507 34.72 12.42 -26.20
N LEU D 508 35.43 13.43 -25.71
CA LEU D 508 36.89 13.39 -25.85
C LEU D 508 37.47 12.26 -25.03
N LEU D 509 36.93 12.05 -23.82
CA LEU D 509 37.38 10.94 -23.00
C LEU D 509 37.14 9.61 -23.71
N LEU D 510 35.98 9.45 -24.35
CA LEU D 510 35.70 8.20 -25.06
C LEU D 510 36.55 8.05 -26.31
N ALA D 511 36.88 9.15 -27.01
CA ALA D 511 37.77 9.04 -28.17
C ALA D 511 39.14 8.50 -27.76
N VAL D 512 39.63 8.91 -26.59
CA VAL D 512 40.91 8.41 -26.10
C VAL D 512 40.81 6.93 -25.78
N HIS D 513 39.77 6.54 -25.04
CA HIS D 513 39.70 5.17 -24.54
C HIS D 513 39.19 4.20 -25.60
N LYS D 514 38.14 4.56 -26.31
CA LYS D 514 37.48 3.58 -27.18
C LYS D 514 37.98 3.62 -28.61
N ASP D 515 38.56 4.73 -29.05
CA ASP D 515 39.08 4.84 -30.41
C ASP D 515 40.58 5.01 -30.42
N GLY D 516 41.21 5.09 -29.25
CA GLY D 516 42.65 5.21 -29.19
C GLY D 516 43.22 6.44 -29.84
N ILE D 517 42.52 7.57 -29.75
CA ILE D 517 43.00 8.82 -30.34
C ILE D 517 44.09 9.40 -29.43
N ASN D 518 45.21 9.82 -30.04
CA ASN D 518 46.29 10.45 -29.28
C ASN D 518 45.93 11.92 -29.01
N LEU D 519 44.97 12.09 -28.11
CA LEU D 519 44.44 13.41 -27.82
C LEU D 519 45.34 14.10 -26.80
N ARG D 520 45.96 15.20 -27.20
CA ARG D 520 46.95 15.79 -26.30
C ARG D 520 46.34 16.79 -25.31
N GLY D 521 45.09 17.23 -25.52
CA GLY D 521 44.57 18.29 -24.67
C GLY D 521 43.19 18.74 -25.09
N ALA D 522 42.55 19.46 -24.17
CA ALA D 522 41.23 20.07 -24.36
C ALA D 522 41.29 21.50 -23.82
N LEU D 523 41.16 22.49 -24.70
CA LEU D 523 41.22 23.90 -24.36
C LEU D 523 39.87 24.55 -24.68
N THR D 524 39.17 25.01 -23.66
CA THR D 524 37.85 25.56 -23.91
C THR D 524 37.94 27.06 -24.20
N TRP D 525 37.05 27.52 -25.08
CA TRP D 525 36.88 28.93 -25.38
C TRP D 525 35.57 29.36 -24.73
N SER D 526 35.64 30.15 -23.65
CA SER D 526 36.85 30.72 -23.09
C SER D 526 36.75 30.79 -21.55
N PHE D 527 37.79 31.31 -20.87
CA PHE D 527 37.69 31.36 -19.42
C PHE D 527 36.91 32.57 -18.92
N VAL D 528 36.73 33.59 -19.78
CA VAL D 528 35.98 34.79 -19.45
C VAL D 528 35.19 35.18 -20.69
N ASP D 529 34.02 35.79 -20.45
CA ASP D 529 33.33 36.56 -21.48
C ASP D 529 34.28 37.60 -22.05
N ASN D 530 34.33 37.73 -23.37
CA ASN D 530 35.36 38.63 -23.91
C ASN D 530 34.83 39.33 -25.16
N TRP D 531 35.73 40.01 -25.87
CA TRP D 531 35.35 40.76 -27.06
C TRP D 531 35.27 39.79 -28.24
N GLU D 532 34.05 39.46 -28.66
CA GLU D 532 33.82 38.46 -29.69
C GLU D 532 33.77 39.10 -31.10
N TRP D 533 34.91 39.67 -31.51
CA TRP D 533 35.06 40.23 -32.85
C TRP D 533 33.95 41.21 -33.24
N GLY D 534 33.27 40.94 -34.34
CA GLY D 534 32.24 41.84 -34.80
C GLY D 534 31.07 42.01 -33.84
N LEU D 535 30.82 41.00 -32.99
CA LEU D 535 29.77 41.13 -31.97
C LEU D 535 30.27 41.85 -30.71
N GLY D 536 31.58 42.02 -30.55
CA GLY D 536 32.03 42.70 -29.36
C GLY D 536 31.68 41.99 -28.06
N MET D 537 31.49 42.79 -27.00
CA MET D 537 31.26 42.17 -25.70
C MET D 537 29.85 41.64 -25.52
N GLN D 538 28.99 41.73 -26.54
CA GLN D 538 27.62 41.26 -26.36
C GLN D 538 27.57 39.74 -26.29
N GLN D 539 28.37 39.05 -27.10
CA GLN D 539 28.30 37.59 -27.14
C GLN D 539 29.14 37.03 -25.99
N LYS D 540 28.58 36.07 -25.27
CA LYS D 540 29.18 35.59 -24.03
C LYS D 540 29.68 34.15 -24.19
N PHE D 541 31.00 33.97 -24.33
CA PHE D 541 31.58 32.64 -24.44
C PHE D 541 32.26 32.14 -23.16
N GLY D 542 32.20 32.89 -22.05
CA GLY D 542 33.02 32.53 -20.89
C GLY D 542 32.36 31.49 -20.00
N PHE D 543 33.18 30.67 -19.35
CA PHE D 543 32.65 30.02 -18.15
C PHE D 543 32.83 30.91 -16.92
N GLN D 544 33.34 32.11 -17.11
CA GLN D 544 33.22 33.18 -16.14
C GLN D 544 32.51 34.38 -16.77
N PHE D 545 31.62 34.96 -15.98
CA PHE D 545 30.98 36.23 -16.29
C PHE D 545 31.94 37.39 -16.01
N VAL D 546 31.94 38.36 -16.89
CA VAL D 546 32.72 39.58 -16.70
C VAL D 546 31.71 40.71 -16.63
N ASN D 547 31.70 41.42 -15.51
CA ASN D 547 30.79 42.53 -15.33
C ASN D 547 31.26 43.77 -16.07
N GLN D 548 30.76 43.97 -17.27
CA GLN D 548 31.16 45.16 -18.03
C GLN D 548 30.59 46.44 -17.44
N SER D 549 29.59 46.35 -16.56
CA SER D 549 29.08 47.54 -15.91
C SER D 549 29.88 47.95 -14.69
N ASP D 550 30.93 47.23 -14.35
CA ASP D 550 31.66 47.49 -13.13
C ASP D 550 33.06 47.96 -13.46
N PRO D 551 33.52 49.07 -12.88
CA PRO D 551 34.87 49.56 -13.20
C PRO D 551 35.98 48.53 -13.02
N ASP D 552 35.84 47.58 -12.09
CA ASP D 552 36.87 46.58 -11.92
C ASP D 552 36.71 45.37 -12.84
N LEU D 553 35.66 45.35 -13.67
CA LEU D 553 35.42 44.22 -14.57
C LEU D 553 35.48 42.89 -13.81
N THR D 554 34.74 42.86 -12.70
CA THR D 554 34.80 41.72 -11.79
C THR D 554 34.39 40.43 -12.50
N ARG D 555 35.16 39.37 -12.29
CA ARG D 555 34.89 38.03 -12.80
C ARG D 555 34.03 37.23 -11.82
N THR D 556 33.11 36.43 -12.32
CA THR D 556 32.34 35.53 -11.48
C THR D 556 32.27 34.16 -12.13
N PHE D 557 32.44 33.09 -11.32
CA PHE D 557 32.35 31.73 -11.84
C PHE D 557 30.92 31.44 -12.28
N LYS D 558 30.76 30.94 -13.51
CA LYS D 558 29.46 30.37 -13.86
C LYS D 558 29.45 28.91 -13.43
N LEU D 559 28.27 28.29 -13.47
CA LEU D 559 28.21 26.87 -13.18
C LEU D 559 29.13 26.09 -14.12
N SER D 560 29.17 26.47 -15.41
CA SER D 560 30.03 25.78 -16.36
C SER D 560 31.49 25.74 -15.90
N ALA D 561 31.95 26.78 -15.20
CA ALA D 561 33.34 26.75 -14.72
C ALA D 561 33.52 25.63 -13.69
N HIS D 562 32.53 25.43 -12.84
CA HIS D 562 32.64 24.35 -11.87
C HIS D 562 32.48 22.99 -12.53
N ALA D 563 31.66 22.92 -13.59
CA ALA D 563 31.55 21.68 -14.35
C ALA D 563 32.88 21.32 -14.96
N TYR D 564 33.59 22.32 -15.50
CA TYR D 564 34.91 22.06 -16.03
C TYR D 564 35.84 21.58 -14.92
N ALA D 565 35.72 22.19 -13.73
CA ALA D 565 36.56 21.84 -12.58
C ALA D 565 36.29 20.41 -12.13
N GLN D 566 35.02 20.05 -11.94
CA GLN D 566 34.69 18.70 -11.50
C GLN D 566 35.17 17.68 -12.51
N PHE D 567 35.00 17.96 -13.80
CA PHE D 567 35.42 17.01 -14.81
C PHE D 567 36.91 16.74 -14.72
N GLY D 568 37.71 17.80 -14.57
CA GLY D 568 39.15 17.61 -14.41
C GLY D 568 39.49 16.87 -13.13
N ARG D 569 38.74 17.13 -12.06
CA ARG D 569 38.92 16.36 -10.84
C ARG D 569 38.60 14.89 -11.06
N ASN D 570 37.50 14.59 -11.77
CA ASN D 570 37.07 13.20 -11.91
C ASN D 570 37.80 12.40 -12.97
N HIS D 571 38.52 13.04 -13.88
CA HIS D 571 38.98 12.32 -15.06
C HIS D 571 40.40 12.70 -15.46
N LEU D 572 41.08 13.53 -14.69
CA LEU D 572 42.52 13.63 -14.83
C LEU D 572 43.16 12.68 -13.84
N HIS D 573 44.36 12.21 -14.18
CA HIS D 573 45.19 11.54 -13.18
C HIS D 573 45.72 12.59 -12.21
N HIS D 574 45.58 12.32 -10.92
CA HIS D 574 46.00 13.29 -9.93
C HIS D 574 47.15 12.76 -9.09
N HIS D 575 48.03 13.69 -8.70
CA HIS D 575 49.12 13.40 -7.81
C HIS D 575 48.59 13.03 -6.41
N HIS D 576 49.35 12.19 -5.71
CA HIS D 576 48.94 11.78 -4.38
C HIS D 576 49.68 12.55 -3.25
C1 NAG E . -31.72 -59.70 31.04
C2 NAG E . -31.46 -60.58 29.82
C3 NAG E . -30.11 -60.24 29.18
C4 NAG E . -29.95 -58.74 28.98
C5 NAG E . -30.30 -57.98 30.26
C6 NAG E . -30.20 -56.48 30.04
C7 NAG E . -32.49 -62.77 29.74
C8 NAG E . -32.67 -64.04 30.51
N2 NAG E . -31.52 -61.97 30.19
O3 NAG E . -30.00 -60.91 27.92
O4 NAG E . -28.59 -58.45 28.61
O5 NAG E . -31.62 -58.32 30.67
O6 NAG E . -29.26 -55.92 30.95
O7 NAG E . -33.18 -62.48 28.79
C1 NAG E . -28.43 -58.76 27.22
C2 NAG E . -27.60 -57.66 26.55
C3 NAG E . -27.39 -57.96 25.07
C4 NAG E . -26.91 -59.38 24.86
C5 NAG E . -27.78 -60.37 25.61
C6 NAG E . -27.25 -61.79 25.47
C7 NAG E . -27.58 -55.32 27.17
C8 NAG E . -26.65 -55.57 28.33
N2 NAG E . -28.24 -56.38 26.73
O3 NAG E . -26.42 -57.04 24.54
O4 NAG E . -26.94 -59.69 23.46
O5 NAG E . -27.81 -60.02 27.00
O6 NAG E . -25.91 -61.86 25.94
O7 NAG E . -27.70 -54.21 26.67
C1 NAG F . -43.22 -63.50 25.67
C2 NAG F . -42.81 -64.04 24.31
C3 NAG F . -43.76 -63.54 23.22
C4 NAG F . -45.21 -63.78 23.62
C5 NAG F . -45.48 -63.26 25.03
C6 NAG F . -46.92 -63.56 25.45
C7 NAG F . -40.40 -64.23 24.56
C8 NAG F . -39.06 -63.81 24.03
N2 NAG F . -41.45 -63.62 24.01
O3 NAG F . -43.48 -64.23 22.00
O4 NAG F . -46.07 -63.10 22.69
O5 NAG F . -44.58 -63.88 25.94
O6 NAG F . -47.80 -63.33 24.35
O7 NAG F . -40.53 -65.06 25.44
C1 NAG F . -46.69 -64.08 21.84
C2 NAG F . -47.94 -63.49 21.19
C3 NAG F . -48.62 -64.50 20.27
C4 NAG F . -47.60 -65.13 19.33
C5 NAG F . -46.38 -65.63 20.09
C6 NAG F . -45.34 -66.19 19.12
C7 NAG F . -49.44 -61.86 22.18
C8 NAG F . -50.36 -61.53 23.32
N2 NAG F . -48.86 -63.05 22.22
O3 NAG F . -49.64 -63.84 19.52
O4 NAG F . -48.22 -66.22 18.63
O5 NAG F . -45.80 -64.56 20.83
O6 NAG F . -44.43 -65.16 18.74
O7 NAG F . -49.24 -61.08 21.26
C1 NAG G . 15.82 -31.76 20.63
C2 NAG G . 16.25 -32.19 22.03
C3 NAG G . 15.24 -33.13 22.65
C4 NAG G . 13.82 -32.57 22.53
C5 NAG G . 13.54 -32.13 21.10
C6 NAG G . 12.15 -31.51 20.99
C7 NAG G . 18.68 -32.12 22.09
C8 NAG G . 19.92 -32.77 21.55
N2 NAG G . 17.56 -32.82 21.98
O3 NAG G . 15.55 -33.33 24.03
O4 NAG G . 12.88 -33.58 22.91
O5 NAG G . 14.52 -31.18 20.69
O6 NAG G . 11.39 -32.19 19.99
O7 NAG G . 18.70 -31.02 22.61
C1 NAG G . 12.82 -33.62 24.36
C2 NAG G . 11.37 -33.79 24.80
C3 NAG G . 11.26 -33.86 26.31
C4 NAG G . 12.26 -34.86 26.89
C5 NAG G . 13.66 -34.62 26.32
C6 NAG G . 14.64 -35.67 26.83
C7 NAG G . 9.56 -32.91 23.44
C8 NAG G . 8.65 -31.74 23.22
N2 NAG G . 10.56 -32.70 24.29
O3 NAG G . 9.93 -34.24 26.69
O4 NAG G . 12.30 -34.73 28.31
O5 NAG G . 13.61 -34.68 24.90
O6 NAG G . 14.44 -35.85 28.24
O7 NAG G . 9.38 -33.98 22.89
C1 NAG H . 22.75 -22.45 24.35
C2 NAG H . 23.34 -22.75 25.68
C3 NAG H . 22.84 -21.74 26.63
C4 NAG H . 23.74 -20.59 26.26
C5 NAG H . 23.42 -20.27 24.80
C6 NAG H . 24.33 -19.23 24.22
C7 NAG H . 22.16 -24.76 26.42
C8 NAG H . 20.96 -23.90 26.63
N2 NAG H . 23.22 -24.13 26.07
O3 NAG H . 23.06 -22.26 27.92
O4 NAG H . 23.43 -19.49 27.09
O5 NAG H . 23.50 -21.38 23.94
O6 NAG H . 25.57 -19.77 23.81
O7 NAG H . 22.21 -25.96 26.53
C1 NAG H . 24.60 -18.84 27.58
C2 NAG H . 24.28 -17.41 27.91
C3 NAG H . 25.52 -16.75 28.45
C4 NAG H . 25.93 -17.57 29.66
C5 NAG H . 26.45 -18.84 29.06
C6 NAG H . 27.22 -19.64 30.09
C7 NAG H . 23.44 -15.67 26.42
C8 NAG H . 24.18 -15.03 25.29
N2 NAG H . 23.87 -16.89 26.65
O3 NAG H . 25.25 -15.42 28.81
O4 NAG H . 26.89 -16.98 30.52
O5 NAG H . 25.31 -19.54 28.60
O6 NAG H . 28.58 -19.82 29.64
O7 NAG H . 22.54 -15.12 27.01
C1 NAG I . -17.57 -42.05 6.32
C2 NAG I . -18.98 -42.01 6.89
C3 NAG I . -19.55 -43.43 7.06
C4 NAG I . -19.20 -44.39 5.92
C5 NAG I . -17.79 -44.16 5.39
C6 NAG I . -17.51 -44.86 4.08
C7 NAG I . -19.61 -40.18 8.42
C8 NAG I . -19.49 -39.63 9.83
N2 NAG I . -18.97 -41.33 8.18
O3 NAG I . -20.95 -43.29 7.19
O4 NAG I . -19.20 -45.69 6.51
O5 NAG I . -17.56 -42.77 5.17
O6 NAG I . -18.13 -44.15 3.00
O7 NAG I . -20.25 -39.60 7.55
C1 NAG I . -19.52 -46.94 5.87
C2 NAG I . -18.57 -48.02 6.52
C3 NAG I . -19.11 -49.46 6.37
C4 NAG I . -20.59 -49.54 6.69
C5 NAG I . -21.26 -48.63 5.69
C6 NAG I . -22.77 -48.72 5.73
C7 NAG I . -16.12 -47.86 6.72
C8 NAG I . -16.32 -47.84 8.19
N2 NAG I . -17.23 -47.94 5.97
O3 NAG I . -18.38 -50.31 7.26
O4 NAG I . -21.07 -50.86 6.60
O5 NAG I . -20.89 -47.30 6.02
O6 NAG I . -23.28 -49.27 4.52
O7 NAG I . -15.00 -47.81 6.21
C1 NAG J . -5.03 49.63 -9.41
C2 NAG J . -4.19 50.72 -8.74
C3 NAG J . -3.05 51.15 -9.65
C4 NAG J . -2.28 49.94 -10.17
C5 NAG J . -3.24 48.89 -10.75
C6 NAG J . -2.48 47.66 -11.20
C7 NAG J . -5.60 51.98 -7.22
C8 NAG J . -4.72 51.69 -6.04
N2 NAG J . -5.03 51.86 -8.42
O3 NAG J . -2.16 52.00 -8.91
O4 NAG J . -1.36 50.35 -11.18
O5 NAG J . -4.20 48.53 -9.76
O6 NAG J . -3.01 47.20 -12.46
O7 NAG J . -6.76 52.33 -7.09
C1 NAG J . -0.04 50.36 -10.62
C2 NAG J . 0.92 49.64 -11.57
C3 NAG J . 2.34 49.63 -11.01
C4 NAG J . 2.76 51.04 -10.58
C5 NAG J . 1.70 51.69 -9.71
C6 NAG J . 2.08 53.11 -9.34
C7 NAG J . 1.03 47.49 -12.68
C8 NAG J . 1.50 46.15 -12.19
N2 NAG J . 0.46 48.27 -11.77
O3 NAG J . 3.24 49.16 -12.02
O4 NAG J . 3.99 50.97 -9.88
O5 NAG J . 0.45 51.69 -10.39
O6 NAG J . 2.16 53.24 -7.92
O7 NAG J . 1.15 47.83 -13.85
C1 NAG K . -7.51 49.25 2.88
C2 NAG K . -6.66 50.36 3.49
C3 NAG K . -5.98 49.85 4.75
C4 NAG K . -7.03 49.30 5.71
C5 NAG K . -7.81 48.21 4.99
C6 NAG K . -8.91 47.59 5.83
C7 NAG K . -5.86 52.01 1.85
C8 NAG K . -7.14 52.76 2.12
N2 NAG K . -5.69 50.87 2.55
O3 NAG K . -5.27 50.92 5.36
O4 NAG K . -6.42 48.81 6.90
O5 NAG K . -8.44 48.77 3.83
O6 NAG K . -9.74 48.60 6.39
O7 NAG K . -5.02 52.42 1.05
C1 NAG K . -7.01 49.43 8.05
C2 NAG K . -6.51 48.65 9.26
C3 NAG K . -6.95 49.32 10.57
C4 NAG K . -6.51 50.78 10.55
C5 NAG K . -7.18 51.45 9.36
C6 NAG K . -6.86 52.92 9.25
C7 NAG K . -6.12 46.21 9.21
C8 NAG K . -4.66 46.51 9.32
N2 NAG K . -6.95 47.26 9.20
O3 NAG K . -6.35 48.62 11.66
O4 NAG K . -6.62 51.53 11.76
O5 NAG K . -6.69 50.82 8.17
O6 NAG K . -6.10 53.20 8.07
O7 NAG K . -6.54 45.05 9.15
C1 NAG L . 38.23 38.88 -58.92
C2 NAG L . 37.03 39.04 -59.83
C3 NAG L . 36.62 37.68 -60.29
C4 NAG L . 37.71 37.08 -61.11
C5 NAG L . 38.91 36.96 -60.22
C6 NAG L . 40.05 36.53 -61.07
C7 NAG L . 35.67 40.95 -59.52
C8 NAG L . 36.78 41.87 -59.93
N2 NAG L . 35.93 39.70 -59.21
O3 NAG L . 35.55 37.89 -61.16
O4 NAG L . 37.31 35.79 -61.55
O5 NAG L . 39.22 38.22 -59.68
O6 NAG L . 41.16 37.22 -60.56
O7 NAG L . 34.55 41.35 -59.49
C1 NAG L . 37.47 35.67 -62.95
C2 NAG L . 37.74 34.22 -63.26
C3 NAG L . 37.70 33.94 -64.74
C4 NAG L . 36.31 34.31 -65.16
C5 NAG L . 36.23 35.81 -65.07
C6 NAG L . 34.90 36.29 -65.59
C7 NAG L . 39.21 32.65 -62.28
C8 NAG L . 40.62 32.37 -61.91
N2 NAG L . 39.01 33.85 -62.78
O3 NAG L . 37.96 32.57 -64.97
O4 NAG L . 35.87 33.68 -66.36
O5 NAG L . 36.32 36.11 -63.67
O6 NAG L . 33.93 36.13 -64.56
O7 NAG L . 38.33 31.84 -62.13
C1 NAG M . -39.29 -60.36 12.64
C2 NAG M . -39.25 -60.93 11.23
C3 NAG M . -38.01 -61.81 11.03
C4 NAG M . -36.76 -61.00 11.35
C5 NAG M . -36.87 -60.41 12.76
C6 NAG M . -35.73 -59.46 13.07
C7 NAG M . -41.08 -62.69 11.30
C8 NAG M . -40.40 -63.41 12.45
N2 NAG M . -40.49 -61.59 10.80
O3 NAG M . -37.96 -62.26 9.68
O4 NAG M . -35.57 -61.78 11.23
O5 NAG M . -38.08 -59.65 12.91
O6 NAG M . -35.24 -59.69 14.39
O7 NAG M . -42.13 -63.10 10.84
C1 NAG N . -9.92 -31.69 42.24
C2 NAG N . -9.20 -30.60 41.48
C3 NAG N . -7.69 -30.77 41.52
C4 NAG N . -7.22 -30.94 42.95
C5 NAG N . -7.95 -32.11 43.48
C6 NAG N . -7.49 -32.42 44.89
C7 NAG N . -10.31 -29.75 39.56
C8 NAG N . -10.63 -28.57 40.38
N2 NAG N . -9.64 -30.68 40.14
O3 NAG N . -7.04 -29.66 40.93
O4 NAG N . -5.80 -31.20 43.02
O5 NAG N . -9.32 -31.84 43.51
O6 NAG N . -7.95 -31.37 45.71
O7 NAG N . -10.63 -29.83 38.43
C1 MAN O . 1.53 -43.68 -4.29
C2 MAN O . 2.93 -43.95 -3.76
C3 MAN O . 3.75 -42.66 -3.72
C4 MAN O . 3.67 -41.91 -5.05
C5 MAN O . 2.22 -41.78 -5.51
C6 MAN O . 2.15 -41.10 -6.87
O2 MAN O . 3.59 -44.91 -4.60
O3 MAN O . 5.12 -42.97 -3.43
O4 MAN O . 4.25 -40.62 -4.91
O5 MAN O . 1.62 -43.07 -5.57
O6 MAN O . 0.85 -40.50 -7.03
C1 MAN P . -2.63 -41.66 -9.86
C2 MAN P . -3.27 -42.41 -11.04
C3 MAN P . -3.60 -43.81 -10.61
C4 MAN P . -2.36 -44.54 -10.10
C5 MAN P . -1.76 -43.80 -8.90
C6 MAN P . -0.41 -44.38 -8.51
O2 MAN P . -2.36 -42.54 -12.12
O3 MAN P . -4.19 -44.52 -11.68
O4 MAN P . -2.72 -45.84 -9.68
O5 MAN P . -1.57 -42.38 -9.20
O6 MAN P . 0.22 -43.46 -7.65
C1 MAN Q . -9.22 -38.24 -12.24
C2 MAN Q . -10.35 -38.39 -11.23
C3 MAN Q . -10.60 -39.88 -10.91
C4 MAN Q . -10.71 -40.73 -12.18
C5 MAN Q . -9.47 -40.50 -13.07
C6 MAN Q . -9.57 -41.23 -14.40
O2 MAN Q . -11.58 -37.85 -11.76
O3 MAN Q . -11.75 -40.09 -10.10
O4 MAN Q . -10.78 -42.12 -11.87
O5 MAN Q . -9.37 -39.09 -13.36
O6 MAN Q . -8.25 -41.57 -14.82
C1 NAG R . 16.93 -21.69 37.04
C2 NAG R . 17.41 -21.73 38.48
C3 NAG R . 17.52 -23.15 39.00
C4 NAG R . 16.23 -23.88 38.74
C5 NAG R . 15.80 -23.72 37.29
C6 NAG R . 14.43 -24.28 37.04
C7 NAG R . 18.75 -19.84 39.21
C8 NAG R . 20.10 -19.22 39.18
N2 NAG R . 18.66 -21.05 38.68
O3 NAG R . 17.71 -23.03 40.40
O4 NAG R . 16.35 -25.27 39.10
O5 NAG R . 15.70 -22.35 36.98
O6 NAG R . 13.48 -23.54 37.81
O7 NAG R . 17.77 -19.26 39.61
C1 MAN S . -14.16 24.68 -41.57
C2 MAN S . -12.71 24.15 -41.58
C3 MAN S . -11.80 25.10 -42.37
C4 MAN S . -12.44 25.51 -43.73
C5 MAN S . -13.92 25.86 -43.62
C6 MAN S . -14.59 25.96 -44.98
O2 MAN S . -12.60 22.85 -42.22
O3 MAN S . -10.53 24.54 -42.59
O4 MAN S . -11.77 26.63 -44.22
O5 MAN S . -14.65 24.86 -42.86
O6 MAN S . -15.98 25.67 -44.82
C1 NAG T . 6.29 51.18 6.43
C2 NAG T . 7.35 51.97 7.14
C3 NAG T . 7.39 53.37 6.59
C4 NAG T . 7.69 53.30 5.09
C5 NAG T . 6.69 52.37 4.39
C6 NAG T . 7.10 52.07 2.96
C7 NAG T . 6.12 52.52 9.21
C8 NAG T . 6.12 52.40 10.70
N2 NAG T . 7.17 51.97 8.59
O3 NAG T . 8.38 54.12 7.28
O4 NAG T . 7.63 54.60 4.50
O5 NAG T . 6.61 51.09 5.05
O6 NAG T . 8.44 51.58 2.93
O7 NAG T . 5.21 53.08 8.60
C1 NAG U . 5.70 30.67 -39.87
C2 NAG U . 7.10 30.19 -40.28
C3 NAG U . 7.63 31.01 -41.47
C4 NAG U . 6.58 31.22 -42.55
C5 NAG U . 5.26 31.65 -41.94
C6 NAG U . 4.12 31.72 -42.93
C7 NAG U . 8.67 29.31 -38.61
C8 NAG U . 8.44 27.97 -39.21
N2 NAG U . 8.01 30.33 -39.16
O3 NAG U . 8.76 30.36 -42.04
O4 NAG U . 7.08 32.27 -43.38
O5 NAG U . 4.87 30.69 -40.95
O6 NAG U . 3.92 30.45 -43.53
O7 NAG U . 9.45 29.49 -37.64
C1 MAN V . 47.67 53.60 -15.95
C2 MAN V . 48.17 54.08 -14.62
C3 MAN V . 47.15 55.02 -14.02
C4 MAN V . 46.81 56.18 -14.98
C5 MAN V . 46.47 55.62 -16.38
C6 MAN V . 46.40 56.68 -17.46
O2 MAN V . 49.34 54.87 -14.81
O3 MAN V . 47.60 55.54 -12.78
O4 MAN V . 45.67 56.85 -14.45
O5 MAN V . 47.46 54.67 -16.81
O6 MAN V . 46.48 56.00 -18.71
C1 NAG W . 34.44 45.50 -48.65
C2 NAG W . 34.17 45.14 -50.07
C3 NAG W . 32.66 45.24 -50.03
C4 NAG W . 32.01 44.46 -48.88
C5 NAG W . 32.71 44.71 -47.60
C6 NAG W . 32.38 43.80 -46.44
C7 NAG W . 34.72 46.22 -52.24
C8 NAG W . 34.14 45.12 -53.05
N2 NAG W . 34.78 46.12 -50.92
O3 NAG W . 32.19 44.72 -51.24
O4 NAG W . 30.66 44.85 -48.71
O5 NAG W . 34.01 44.41 -47.92
O6 NAG W . 32.94 44.35 -45.24
O7 NAG W . 35.14 47.23 -52.76
C1 NAG X . 25.32 33.07 -61.18
C2 NAG X . 24.31 32.94 -62.28
C3 NAG X . 23.38 34.13 -62.34
C4 NAG X . 22.91 34.52 -60.96
C5 NAG X . 24.09 34.55 -59.98
C6 NAG X . 23.63 34.85 -58.58
C7 NAG X . 24.93 31.53 -64.18
C8 NAG X . 25.83 31.40 -65.37
N2 NAG X . 24.97 32.70 -63.53
O3 NAG X . 22.23 33.74 -63.08
O4 NAG X . 22.25 35.78 -61.02
O5 NAG X . 24.65 33.26 -59.98
O6 NAG X . 22.63 33.88 -58.32
O7 NAG X . 24.24 30.61 -63.81
C1 NAG Y . 27.67 44.68 -12.19
C2 NAG Y . 26.69 44.04 -11.28
C3 NAG Y . 25.79 45.04 -10.60
C4 NAG Y . 26.64 46.09 -9.93
C5 NAG Y . 27.53 46.68 -10.98
C6 NAG Y . 28.38 47.83 -10.47
C7 NAG Y . 25.90 41.88 -11.95
C8 NAG Y . 26.50 41.31 -10.74
N2 NAG Y . 25.94 43.15 -12.12
O3 NAG Y . 24.97 44.37 -9.66
O4 NAG Y . 25.87 47.10 -9.26
O5 NAG Y . 28.37 45.66 -11.47
O6 NAG Y . 28.85 47.56 -9.19
O7 NAG Y . 25.36 41.18 -12.75
#